data_2P2R
# 
_entry.id   2P2R 
# 
_audit_conform.dict_name       mmcif_pdbx.dic 
_audit_conform.dict_version    5.398 
_audit_conform.dict_location   http://mmcif.pdb.org/dictionaries/ascii/mmcif_pdbx.dic 
# 
loop_
_database_2.database_id 
_database_2.database_code 
_database_2.pdbx_database_accession 
_database_2.pdbx_DOI 
PDB   2P2R         pdb_00002p2r 10.2210/pdb2p2r/pdb 
NDB   PD0977       ?            ?                   
RCSB  RCSB041892   ?            ?                   
WWPDB D_1000041892 ?            ?                   
# 
loop_
_pdbx_audit_revision_history.ordinal 
_pdbx_audit_revision_history.data_content_type 
_pdbx_audit_revision_history.major_revision 
_pdbx_audit_revision_history.minor_revision 
_pdbx_audit_revision_history.revision_date 
1 'Structure model' 1 0 2007-06-12 
2 'Structure model' 1 1 2007-10-16 
3 'Structure model' 1 2 2011-07-13 
4 'Structure model' 1 3 2017-10-18 
5 'Structure model' 1 4 2019-07-24 
6 'Structure model' 1 5 2024-10-30 
# 
_pdbx_audit_revision_details.ordinal             1 
_pdbx_audit_revision_details.revision_ordinal    1 
_pdbx_audit_revision_details.data_content_type   'Structure model' 
_pdbx_audit_revision_details.provider            repository 
_pdbx_audit_revision_details.type                'Initial release' 
_pdbx_audit_revision_details.description         ? 
_pdbx_audit_revision_details.details             ? 
# 
loop_
_pdbx_audit_revision_group.ordinal 
_pdbx_audit_revision_group.revision_ordinal 
_pdbx_audit_revision_group.data_content_type 
_pdbx_audit_revision_group.group 
1  2 'Structure model' 'Version format compliance' 
2  3 'Structure model' 'Version format compliance' 
3  4 'Structure model' Advisory                    
4  4 'Structure model' 'Refinement description'    
5  5 'Structure model' 'Data collection'           
6  5 'Structure model' 'Derived calculations'      
7  5 'Structure model' 'Refinement description'    
8  6 'Structure model' Advisory                    
9  6 'Structure model' 'Data collection'           
10 6 'Structure model' 'Database references'       
11 6 'Structure model' 'Derived calculations'      
12 6 'Structure model' 'Structure summary'         
# 
loop_
_pdbx_audit_revision_category.ordinal 
_pdbx_audit_revision_category.revision_ordinal 
_pdbx_audit_revision_category.data_content_type 
_pdbx_audit_revision_category.category 
1  4 'Structure model' pdbx_unobs_or_zero_occ_atoms 
2  4 'Structure model' software                     
3  5 'Structure model' software                     
4  5 'Structure model' struct_conn                  
5  6 'Structure model' chem_comp_atom               
6  6 'Structure model' chem_comp_bond               
7  6 'Structure model' database_2                   
8  6 'Structure model' pdbx_entry_details           
9  6 'Structure model' pdbx_modification_feature    
10 6 'Structure model' pdbx_unobs_or_zero_occ_atoms 
11 6 'Structure model' struct_ref_seq_dif           
12 6 'Structure model' struct_site                  
# 
loop_
_pdbx_audit_revision_item.ordinal 
_pdbx_audit_revision_item.revision_ordinal 
_pdbx_audit_revision_item.data_content_type 
_pdbx_audit_revision_item.item 
1  5 'Structure model' '_software.classification'            
2  5 'Structure model' '_software.contact_author'            
3  5 'Structure model' '_software.contact_author_email'      
4  5 'Structure model' '_software.language'                  
5  5 'Structure model' '_software.location'                  
6  5 'Structure model' '_software.name'                      
7  5 'Structure model' '_software.type'                      
8  5 'Structure model' '_struct_conn.pdbx_leaving_atom_flag' 
9  6 'Structure model' '_database_2.pdbx_DOI'                
10 6 'Structure model' '_database_2.pdbx_database_accession' 
11 6 'Structure model' '_struct_ref_seq_dif.details'         
12 6 'Structure model' '_struct_site.pdbx_auth_asym_id'      
13 6 'Structure model' '_struct_site.pdbx_auth_comp_id'      
14 6 'Structure model' '_struct_site.pdbx_auth_seq_id'       
# 
_pdbx_database_status.entry_id                        2P2R 
_pdbx_database_status.deposit_site                    RCSB 
_pdbx_database_status.process_site                    RCSB 
_pdbx_database_status.recvd_initial_deposition_date   2007-03-07 
_pdbx_database_status.status_code                     REL 
_pdbx_database_status.status_code_sf                  REL 
_pdbx_database_status.status_code_mr                  ? 
_pdbx_database_status.SG_entry                        ? 
_pdbx_database_status.pdb_format_compatible           Y 
_pdbx_database_status.status_code_cs                  ? 
_pdbx_database_status.methods_development_category    ? 
_pdbx_database_status.status_code_nmr_data            ? 
# 
loop_
_audit_author.name 
_audit_author.pdbx_ordinal 
'James, T.L.'  1 
'Stroud, R.M.' 2 
'Du, Z.'       3 
'Fenn, S.'     4 
'Tjhen, R.'    5 
'Lee, J.K.'    6 
# 
_citation.id                        primary 
_citation.title                     
;Crystal structure of the third KH domain of human poly(C)-binding protein-2 in complex with a C-rich strand of human telomeric DNA at 1.6 A resolution.
;
_citation.journal_abbrev            'Nucleic Acids Res.' 
_citation.journal_volume            35 
_citation.page_first                2651 
_citation.page_last                 2660 
_citation.year                      2007 
_citation.journal_id_ASTM           NARHAD 
_citation.country                   UK 
_citation.journal_id_ISSN           0305-1048 
_citation.journal_id_CSD            0389 
_citation.book_publisher            ? 
_citation.pdbx_database_id_PubMed   17426136 
_citation.pdbx_database_id_DOI      10.1093/nar/gkm139 
# 
loop_
_citation_author.citation_id 
_citation_author.name 
_citation_author.ordinal 
_citation_author.identifier_ORCID 
primary 'Fenn, S.'     1 ? 
primary 'Du, Z.'       2 ? 
primary 'Lee, J.K.'    3 ? 
primary 'Tjhen, R.'    4 ? 
primary 'Stroud, R.M.' 5 ? 
primary 'James, T.L.'  6 ? 
# 
loop_
_entity.id 
_entity.type 
_entity.src_method 
_entity.pdbx_description 
_entity.formula_weight 
_entity.pdbx_number_of_molecules 
_entity.pdbx_ec 
_entity.pdbx_mutation 
_entity.pdbx_fragment 
_entity.details 
1 polymer     syn 'C-rich strand of human telomeric DNA' 2066.401 1  ? ? 'third KH domain of human Poly(C)-binding Protein 2' ? 
2 polymer     man 'Poly(rC)-binding protein 2'           8135.047 1  ? ? ?                                                    ? 
3 non-polymer syn '6-AMINOPYRIMIDIN-2(1H)-ONE'           111.102  1  ? ? ?                                                    ? 
4 water       nat water                                  18.015   81 ? ? ?                                                    ? 
# 
_entity_name_com.entity_id   1 
_entity_name_com.name        'Alpha-CP2, hnRNP-E2' 
# 
loop_
_entity_poly.entity_id 
_entity_poly.type 
_entity_poly.nstd_linkage 
_entity_poly.nstd_monomer 
_entity_poly.pdbx_seq_one_letter_code 
_entity_poly.pdbx_seq_one_letter_code_can 
_entity_poly.pdbx_strand_id 
_entity_poly.pdbx_target_identifier 
1 polydeoxyribonucleotide no no  '(DA)(DA)(DC)(DC)(DC)(DT)(DA)'                                                     AACCCTA B ? 
2 'polypeptide(L)'        no yes 'KAQTTSHELTIPNDLIGCIIGRQGAKINEIRQ(MSE)SGAQIKIANPVEGSTDRQVTITGSAASISLAQYLINVRLSSET' 
KAQTTSHELTIPNDLIGCIIGRQGAKINEIRQMSGAQIKIANPVEGSTDRQVTITGSAASISLAQYLINVRLSSET A ? 
# 
loop_
_pdbx_entity_nonpoly.entity_id 
_pdbx_entity_nonpoly.name 
_pdbx_entity_nonpoly.comp_id 
3 '6-AMINOPYRIMIDIN-2(1H)-ONE' CYT 
4 water                        HOH 
# 
loop_
_entity_poly_seq.entity_id 
_entity_poly_seq.num 
_entity_poly_seq.mon_id 
_entity_poly_seq.hetero 
1 1  DA  n 
1 2  DA  n 
1 3  DC  n 
1 4  DC  n 
1 5  DC  n 
1 6  DT  n 
1 7  DA  n 
2 1  LYS n 
2 2  ALA n 
2 3  GLN n 
2 4  THR n 
2 5  THR n 
2 6  SER n 
2 7  HIS n 
2 8  GLU n 
2 9  LEU n 
2 10 THR n 
2 11 ILE n 
2 12 PRO n 
2 13 ASN n 
2 14 ASP n 
2 15 LEU n 
2 16 ILE n 
2 17 GLY n 
2 18 CYS n 
2 19 ILE n 
2 20 ILE n 
2 21 GLY n 
2 22 ARG n 
2 23 GLN n 
2 24 GLY n 
2 25 ALA n 
2 26 LYS n 
2 27 ILE n 
2 28 ASN n 
2 29 GLU n 
2 30 ILE n 
2 31 ARG n 
2 32 GLN n 
2 33 MSE n 
2 34 SER n 
2 35 GLY n 
2 36 ALA n 
2 37 GLN n 
2 38 ILE n 
2 39 LYS n 
2 40 ILE n 
2 41 ALA n 
2 42 ASN n 
2 43 PRO n 
2 44 VAL n 
2 45 GLU n 
2 46 GLY n 
2 47 SER n 
2 48 THR n 
2 49 ASP n 
2 50 ARG n 
2 51 GLN n 
2 52 VAL n 
2 53 THR n 
2 54 ILE n 
2 55 THR n 
2 56 GLY n 
2 57 SER n 
2 58 ALA n 
2 59 ALA n 
2 60 SER n 
2 61 ILE n 
2 62 SER n 
2 63 LEU n 
2 64 ALA n 
2 65 GLN n 
2 66 TYR n 
2 67 LEU n 
2 68 ILE n 
2 69 ASN n 
2 70 VAL n 
2 71 ARG n 
2 72 LEU n 
2 73 SER n 
2 74 SER n 
2 75 GLU n 
2 76 THR n 
# 
_entity_src_gen.entity_id                          2 
_entity_src_gen.pdbx_src_id                        1 
_entity_src_gen.pdbx_alt_source_flag               sample 
_entity_src_gen.pdbx_seq_type                      ? 
_entity_src_gen.pdbx_beg_seq_num                   ? 
_entity_src_gen.pdbx_end_seq_num                   ? 
_entity_src_gen.gene_src_common_name               human 
_entity_src_gen.gene_src_genus                     Homo 
_entity_src_gen.pdbx_gene_src_gene                 PCBP2 
_entity_src_gen.gene_src_species                   ? 
_entity_src_gen.gene_src_strain                    ? 
_entity_src_gen.gene_src_tissue                    ? 
_entity_src_gen.gene_src_tissue_fraction           ? 
_entity_src_gen.gene_src_details                   ? 
_entity_src_gen.pdbx_gene_src_fragment             ? 
_entity_src_gen.pdbx_gene_src_scientific_name      'Homo sapiens' 
_entity_src_gen.pdbx_gene_src_ncbi_taxonomy_id     9606 
_entity_src_gen.pdbx_gene_src_variant              ? 
_entity_src_gen.pdbx_gene_src_cell_line            ? 
_entity_src_gen.pdbx_gene_src_atcc                 ? 
_entity_src_gen.pdbx_gene_src_organ                ? 
_entity_src_gen.pdbx_gene_src_organelle            ? 
_entity_src_gen.pdbx_gene_src_cell                 ? 
_entity_src_gen.pdbx_gene_src_cellular_location    ? 
_entity_src_gen.host_org_common_name               ? 
_entity_src_gen.pdbx_host_org_scientific_name      'Escherichia coli BL21(DE3)' 
_entity_src_gen.pdbx_host_org_ncbi_taxonomy_id     469008 
_entity_src_gen.host_org_genus                     Escherichia 
_entity_src_gen.pdbx_host_org_gene                 ? 
_entity_src_gen.pdbx_host_org_organ                ? 
_entity_src_gen.host_org_species                   'Escherichia coli' 
_entity_src_gen.pdbx_host_org_tissue               ? 
_entity_src_gen.pdbx_host_org_tissue_fraction      ? 
_entity_src_gen.pdbx_host_org_strain               'bl21(DE3)' 
_entity_src_gen.pdbx_host_org_variant              ? 
_entity_src_gen.pdbx_host_org_cell_line            ? 
_entity_src_gen.pdbx_host_org_atcc                 ? 
_entity_src_gen.pdbx_host_org_culture_collection   ? 
_entity_src_gen.pdbx_host_org_cell                 ? 
_entity_src_gen.pdbx_host_org_organelle            ? 
_entity_src_gen.pdbx_host_org_cellular_location    ? 
_entity_src_gen.pdbx_host_org_vector_type          plasmid 
_entity_src_gen.pdbx_host_org_vector               ? 
_entity_src_gen.host_org_details                   ? 
_entity_src_gen.expression_system_id               ? 
_entity_src_gen.plasmid_name                       pet24a 
_entity_src_gen.plasmid_details                    ? 
_entity_src_gen.pdbx_description                   ? 
# 
_pdbx_entity_src_syn.entity_id              1 
_pdbx_entity_src_syn.pdbx_src_id            1 
_pdbx_entity_src_syn.pdbx_alt_source_flag   sample 
_pdbx_entity_src_syn.pdbx_beg_seq_num       ? 
_pdbx_entity_src_syn.pdbx_end_seq_num       ? 
_pdbx_entity_src_syn.organism_scientific    ? 
_pdbx_entity_src_syn.organism_common_name   ? 
_pdbx_entity_src_syn.ncbi_taxonomy_id       ? 
_pdbx_entity_src_syn.details                'this sequence in present in human telomeric DNA' 
# 
loop_
_chem_comp.id 
_chem_comp.type 
_chem_comp.mon_nstd_flag 
_chem_comp.name 
_chem_comp.pdbx_synonyms 
_chem_comp.formula 
_chem_comp.formula_weight 
ALA 'L-peptide linking' y ALANINE                              ?        'C3 H7 N O2'      89.093  
ARG 'L-peptide linking' y ARGININE                             ?        'C6 H15 N4 O2 1'  175.209 
ASN 'L-peptide linking' y ASPARAGINE                           ?        'C4 H8 N2 O3'     132.118 
ASP 'L-peptide linking' y 'ASPARTIC ACID'                      ?        'C4 H7 N O4'      133.103 
CYS 'L-peptide linking' y CYSTEINE                             ?        'C3 H7 N O2 S'    121.158 
CYT non-polymer         . '6-AMINOPYRIMIDIN-2(1H)-ONE'         CYTOSINE 'C4 H5 N3 O'      111.102 
DA  'DNA linking'       y "2'-DEOXYADENOSINE-5'-MONOPHOSPHATE" ?        'C10 H14 N5 O6 P' 331.222 
DC  'DNA linking'       y "2'-DEOXYCYTIDINE-5'-MONOPHOSPHATE"  ?        'C9 H14 N3 O7 P'  307.197 
DT  'DNA linking'       y "THYMIDINE-5'-MONOPHOSPHATE"         ?        'C10 H15 N2 O8 P' 322.208 
GLN 'L-peptide linking' y GLUTAMINE                            ?        'C5 H10 N2 O3'    146.144 
GLU 'L-peptide linking' y 'GLUTAMIC ACID'                      ?        'C5 H9 N O4'      147.129 
GLY 'peptide linking'   y GLYCINE                              ?        'C2 H5 N O2'      75.067  
HIS 'L-peptide linking' y HISTIDINE                            ?        'C6 H10 N3 O2 1'  156.162 
HOH non-polymer         . WATER                                ?        'H2 O'            18.015  
ILE 'L-peptide linking' y ISOLEUCINE                           ?        'C6 H13 N O2'     131.173 
LEU 'L-peptide linking' y LEUCINE                              ?        'C6 H13 N O2'     131.173 
LYS 'L-peptide linking' y LYSINE                               ?        'C6 H15 N2 O2 1'  147.195 
MET 'L-peptide linking' y METHIONINE                           ?        'C5 H11 N O2 S'   149.211 
MSE 'L-peptide linking' n SELENOMETHIONINE                     ?        'C5 H11 N O2 Se'  196.106 
PRO 'L-peptide linking' y PROLINE                              ?        'C5 H9 N O2'      115.130 
SER 'L-peptide linking' y SERINE                               ?        'C3 H7 N O3'      105.093 
THR 'L-peptide linking' y THREONINE                            ?        'C4 H9 N O3'      119.119 
TYR 'L-peptide linking' y TYROSINE                             ?        'C9 H11 N O3'     181.189 
VAL 'L-peptide linking' y VALINE                               ?        'C5 H11 N O2'     117.146 
# 
loop_
_pdbx_poly_seq_scheme.asym_id 
_pdbx_poly_seq_scheme.entity_id 
_pdbx_poly_seq_scheme.seq_id 
_pdbx_poly_seq_scheme.mon_id 
_pdbx_poly_seq_scheme.ndb_seq_num 
_pdbx_poly_seq_scheme.pdb_seq_num 
_pdbx_poly_seq_scheme.auth_seq_num 
_pdbx_poly_seq_scheme.pdb_mon_id 
_pdbx_poly_seq_scheme.auth_mon_id 
_pdbx_poly_seq_scheme.pdb_strand_id 
_pdbx_poly_seq_scheme.pdb_ins_code 
_pdbx_poly_seq_scheme.hetero 
A 1 1  DA  1  498 498 DA  A   B . n 
A 1 2  DA  2  499 499 DA  A   B . n 
A 1 3  DC  3  500 500 DC  C   B . n 
A 1 4  DC  4  501 501 DC  C   B . n 
A 1 5  DC  5  502 502 DC  C   B . n 
A 1 6  DT  6  503 503 DT  T   B . n 
A 1 7  DA  7  504 504 DA  A   B . n 
B 2 1  LYS 1  284 ?   ?   ?   A . n 
B 2 2  ALA 2  285 ?   ?   ?   A . n 
B 2 3  GLN 3  286 286 GLN GLN A . n 
B 2 4  THR 4  287 287 THR THR A . n 
B 2 5  THR 5  288 288 THR THR A . n 
B 2 6  SER 6  289 289 SER SER A . n 
B 2 7  HIS 7  290 290 HIS HIS A . n 
B 2 8  GLU 8  291 291 GLU GLU A . n 
B 2 9  LEU 9  292 292 LEU LEU A . n 
B 2 10 THR 10 293 293 THR THR A . n 
B 2 11 ILE 11 294 294 ILE ILE A . n 
B 2 12 PRO 12 295 295 PRO PRO A . n 
B 2 13 ASN 13 296 296 ASN ASN A . n 
B 2 14 ASP 14 297 297 ASP ASP A . n 
B 2 15 LEU 15 298 298 LEU LEU A . n 
B 2 16 ILE 16 299 299 ILE ILE A . n 
B 2 17 GLY 17 300 300 GLY GLY A . n 
B 2 18 CYS 18 301 301 CYS CYS A . n 
B 2 19 ILE 19 302 302 ILE ILE A . n 
B 2 20 ILE 20 303 303 ILE ILE A . n 
B 2 21 GLY 21 304 304 GLY GLY A . n 
B 2 22 ARG 22 305 305 ARG ARG A . n 
B 2 23 GLN 23 306 306 GLN GLN A . n 
B 2 24 GLY 24 307 307 GLY GLY A . n 
B 2 25 ALA 25 308 308 ALA ALA A . n 
B 2 26 LYS 26 309 309 LYS LYS A . n 
B 2 27 ILE 27 310 310 ILE ILE A . n 
B 2 28 ASN 28 311 311 ASN ASN A . n 
B 2 29 GLU 29 312 312 GLU GLU A . n 
B 2 30 ILE 30 313 313 ILE ILE A . n 
B 2 31 ARG 31 314 314 ARG ARG A . n 
B 2 32 GLN 32 315 315 GLN GLN A . n 
B 2 33 MSE 33 316 316 MSE MSE A . n 
B 2 34 SER 34 317 317 SER SER A . n 
B 2 35 GLY 35 318 318 GLY GLY A . n 
B 2 36 ALA 36 319 319 ALA ALA A . n 
B 2 37 GLN 37 320 320 GLN GLN A . n 
B 2 38 ILE 38 321 321 ILE ILE A . n 
B 2 39 LYS 39 322 322 LYS LYS A . n 
B 2 40 ILE 40 323 323 ILE ILE A . n 
B 2 41 ALA 41 324 324 ALA ALA A . n 
B 2 42 ASN 42 325 325 ASN ASN A . n 
B 2 43 PRO 43 326 326 PRO PRO A . n 
B 2 44 VAL 44 327 327 VAL VAL A . n 
B 2 45 GLU 45 328 328 GLU GLU A . n 
B 2 46 GLY 46 329 329 GLY GLY A . n 
B 2 47 SER 47 330 330 SER SER A . n 
B 2 48 THR 48 331 331 THR THR A . n 
B 2 49 ASP 49 332 332 ASP ASP A . n 
B 2 50 ARG 50 333 333 ARG ARG A . n 
B 2 51 GLN 51 334 334 GLN GLN A . n 
B 2 52 VAL 52 335 335 VAL VAL A . n 
B 2 53 THR 53 336 336 THR THR A . n 
B 2 54 ILE 54 337 337 ILE ILE A . n 
B 2 55 THR 55 338 338 THR THR A . n 
B 2 56 GLY 56 339 339 GLY GLY A . n 
B 2 57 SER 57 340 340 SER SER A . n 
B 2 58 ALA 58 341 341 ALA ALA A . n 
B 2 59 ALA 59 342 342 ALA ALA A . n 
B 2 60 SER 60 343 343 SER SER A . n 
B 2 61 ILE 61 344 344 ILE ILE A . n 
B 2 62 SER 62 345 345 SER SER A . n 
B 2 63 LEU 63 346 346 LEU LEU A . n 
B 2 64 ALA 64 347 347 ALA ALA A . n 
B 2 65 GLN 65 348 348 GLN GLN A . n 
B 2 66 TYR 66 349 349 TYR TYR A . n 
B 2 67 LEU 67 350 350 LEU LEU A . n 
B 2 68 ILE 68 351 351 ILE ILE A . n 
B 2 69 ASN 69 352 352 ASN ASN A . n 
B 2 70 VAL 70 353 353 VAL VAL A . n 
B 2 71 ARG 71 354 354 ARG ARG A . n 
B 2 72 LEU 72 355 355 LEU LEU A . n 
B 2 73 SER 73 356 356 SER SER A . n 
B 2 74 SER 74 357 357 SER SER A . n 
B 2 75 GLU 75 358 358 GLU GLU A . n 
B 2 76 THR 76 359 ?   ?   ?   A . n 
# 
loop_
_pdbx_nonpoly_scheme.asym_id 
_pdbx_nonpoly_scheme.entity_id 
_pdbx_nonpoly_scheme.mon_id 
_pdbx_nonpoly_scheme.ndb_seq_num 
_pdbx_nonpoly_scheme.pdb_seq_num 
_pdbx_nonpoly_scheme.auth_seq_num 
_pdbx_nonpoly_scheme.pdb_mon_id 
_pdbx_nonpoly_scheme.auth_mon_id 
_pdbx_nonpoly_scheme.pdb_strand_id 
_pdbx_nonpoly_scheme.pdb_ins_code 
C 3 CYT 1  501 501 CYT CYT A . 
D 4 HOH 1  12  12  HOH HOH B . 
D 4 HOH 2  13  13  HOH HOH B . 
D 4 HOH 3  15  15  HOH HOH B . 
D 4 HOH 4  22  22  HOH HOH B . 
D 4 HOH 5  25  25  HOH HOH B . 
D 4 HOH 6  31  31  HOH HOH B . 
D 4 HOH 7  33  33  HOH HOH B . 
D 4 HOH 8  35  35  HOH HOH B . 
D 4 HOH 9  40  40  HOH HOH B . 
D 4 HOH 10 47  47  HOH HOH B . 
D 4 HOH 11 59  59  HOH HOH B . 
D 4 HOH 12 60  60  HOH HOH B . 
D 4 HOH 13 67  67  HOH HOH B . 
D 4 HOH 14 68  68  HOH HOH B . 
D 4 HOH 15 70  70  HOH HOH B . 
D 4 HOH 16 72  72  HOH HOH B . 
D 4 HOH 17 73  73  HOH HOH B . 
D 4 HOH 18 78  78  HOH HOH B . 
D 4 HOH 19 82  82  HOH HOH B . 
E 4 HOH 1  1   1   HOH HOH A . 
E 4 HOH 2  2   2   HOH HOH A . 
E 4 HOH 3  3   3   HOH HOH A . 
E 4 HOH 4  4   4   HOH HOH A . 
E 4 HOH 5  5   5   HOH HOH A . 
E 4 HOH 6  6   6   HOH HOH A . 
E 4 HOH 7  7   7   HOH HOH A . 
E 4 HOH 8  8   8   HOH HOH A . 
E 4 HOH 9  9   9   HOH HOH A . 
E 4 HOH 10 10  10  HOH HOH A . 
E 4 HOH 11 11  11  HOH HOH A . 
E 4 HOH 12 14  14  HOH HOH A . 
E 4 HOH 13 16  16  HOH HOH A . 
E 4 HOH 14 17  17  HOH HOH A . 
E 4 HOH 15 18  18  HOH HOH A . 
E 4 HOH 16 19  19  HOH HOH A . 
E 4 HOH 17 20  20  HOH HOH A . 
E 4 HOH 18 21  21  HOH HOH A . 
E 4 HOH 19 23  23  HOH HOH A . 
E 4 HOH 20 24  24  HOH HOH A . 
E 4 HOH 21 26  26  HOH HOH A . 
E 4 HOH 22 27  27  HOH HOH A . 
E 4 HOH 23 28  28  HOH HOH A . 
E 4 HOH 24 29  29  HOH HOH A . 
E 4 HOH 25 30  30  HOH HOH A . 
E 4 HOH 26 32  32  HOH HOH A . 
E 4 HOH 27 34  34  HOH HOH A . 
E 4 HOH 28 36  36  HOH HOH A . 
E 4 HOH 29 37  37  HOH HOH A . 
E 4 HOH 30 38  38  HOH HOH A . 
E 4 HOH 31 39  39  HOH HOH A . 
E 4 HOH 32 42  42  HOH HOH A . 
E 4 HOH 33 43  43  HOH HOH A . 
E 4 HOH 34 44  44  HOH HOH A . 
E 4 HOH 35 45  45  HOH HOH A . 
E 4 HOH 36 46  46  HOH HOH A . 
E 4 HOH 37 48  48  HOH HOH A . 
E 4 HOH 38 49  49  HOH HOH A . 
E 4 HOH 39 50  50  HOH HOH A . 
E 4 HOH 40 51  51  HOH HOH A . 
E 4 HOH 41 52  52  HOH HOH A . 
E 4 HOH 42 53  53  HOH HOH A . 
E 4 HOH 43 54  54  HOH HOH A . 
E 4 HOH 44 55  55  HOH HOH A . 
E 4 HOH 45 56  56  HOH HOH A . 
E 4 HOH 46 57  57  HOH HOH A . 
E 4 HOH 47 58  58  HOH HOH A . 
E 4 HOH 48 61  61  HOH HOH A . 
E 4 HOH 49 62  62  HOH HOH A . 
E 4 HOH 50 63  63  HOH HOH A . 
E 4 HOH 51 64  64  HOH HOH A . 
E 4 HOH 52 65  65  HOH HOH A . 
E 4 HOH 53 66  66  HOH HOH A . 
E 4 HOH 54 69  69  HOH HOH A . 
E 4 HOH 55 71  71  HOH HOH A . 
E 4 HOH 56 74  74  HOH HOH A . 
E 4 HOH 57 75  75  HOH HOH A . 
E 4 HOH 58 76  76  HOH HOH A . 
E 4 HOH 59 77  77  HOH HOH A . 
E 4 HOH 60 79  79  HOH HOH A . 
E 4 HOH 61 80  80  HOH HOH A . 
E 4 HOH 62 81  81  HOH HOH A . 
# 
loop_
_pdbx_unobs_or_zero_occ_atoms.id 
_pdbx_unobs_or_zero_occ_atoms.PDB_model_num 
_pdbx_unobs_or_zero_occ_atoms.polymer_flag 
_pdbx_unobs_or_zero_occ_atoms.occupancy_flag 
_pdbx_unobs_or_zero_occ_atoms.auth_asym_id 
_pdbx_unobs_or_zero_occ_atoms.auth_comp_id 
_pdbx_unobs_or_zero_occ_atoms.auth_seq_id 
_pdbx_unobs_or_zero_occ_atoms.PDB_ins_code 
_pdbx_unobs_or_zero_occ_atoms.auth_atom_id 
_pdbx_unobs_or_zero_occ_atoms.label_alt_id 
_pdbx_unobs_or_zero_occ_atoms.label_asym_id 
_pdbx_unobs_or_zero_occ_atoms.label_comp_id 
_pdbx_unobs_or_zero_occ_atoms.label_seq_id 
_pdbx_unobs_or_zero_occ_atoms.label_atom_id 
1 1 Y 0 A HIS 290 ? CA  A B HIS 7 CA  
2 1 Y 0 A HIS 290 ? CB  A B HIS 7 CB  
3 1 Y 0 A HIS 290 ? CG  A B HIS 7 CG  
4 1 Y 0 A HIS 290 ? ND1 A B HIS 7 ND1 
5 1 Y 0 A HIS 290 ? CD2 A B HIS 7 CD2 
6 1 Y 0 A HIS 290 ? CE1 A B HIS 7 CE1 
7 1 Y 0 A HIS 290 ? NE2 A B HIS 7 NE2 
# 
loop_
_software.name 
_software.version 
_software.date 
_software.type 
_software.contact_author 
_software.contact_author_email 
_software.classification 
_software.location 
_software.language 
_software.citation_id 
_software.pdbx_ordinal 
REFMAC      .     ?                program 'Murshudov, G.N.'    ccp4@dl.ac.uk            refinement        
http://www.ccp4.ac.uk/main.html                  Fortran_77 ? 1 
SCALEPACK   .     ?                package 'Zbyszek Otwinowski' zbyszek@mix.swmed.edu    'data scaling'    
http://www.lnls.br/infra/linhasluz/denzo-hkl.htm ?          ? 2 
CNS         .     ?                package 'Axel T. Brunger'    axel.brunger@yale.edu    phasing           
http://cns.csb.yale.edu/v1.1/                    Fortran_77 ? 3 
CNS         .     ?                package 'Axel T. Brunger'    axel.brunger@yale.edu    refinement        
http://cns.csb.yale.edu/v1.1/                    Fortran_77 ? 4 
DENZO       .     ?                package 'Zbyszek Otwinowski' zbyszek@mix.swmed.edu    'data reduction'  
http://www.lnls.br/infra/linhasluz/denzo-hkl.htm ?          ? 5 
PDB_EXTRACT 2.000 'April. 3, 2006' package PDB                  sw-help@rcsb.rutgers.edu 'data extraction' 
http://pdb.rutgers.edu/software/                 C++        ? 6 
HKL-2000    .     ?                ?       ?                    ?                        'data reduction'  ? ?          ? 7 
HKL-2000    .     ?                ?       ?                    ?                        'data scaling'    ? ?          ? 8 
# 
_cell.entry_id           2P2R 
_cell.length_a           81.069 
_cell.length_b           81.069 
_cell.length_c           87.815 
_cell.angle_alpha        90.00 
_cell.angle_beta         90.00 
_cell.angle_gamma        120.00 
_cell.Z_PDB              18 
_cell.pdbx_unique_axis   ? 
_cell.length_a_esd       ? 
_cell.length_b_esd       ? 
_cell.length_c_esd       ? 
_cell.angle_alpha_esd    ? 
_cell.angle_beta_esd     ? 
_cell.angle_gamma_esd    ? 
# 
_symmetry.entry_id                         2P2R 
_symmetry.space_group_name_H-M             'H 3 2' 
_symmetry.pdbx_full_space_group_name_H-M   ? 
_symmetry.cell_setting                     ? 
_symmetry.Int_Tables_number                155 
_symmetry.space_group_name_Hall            ? 
# 
_exptl.entry_id          2P2R 
_exptl.method            'X-RAY DIFFRACTION' 
_exptl.crystals_number   1 
# 
_exptl_crystal.id                    1 
_exptl_crystal.density_meas          ? 
_exptl_crystal.density_Matthews      2.78 
_exptl_crystal.density_percent_sol   55.71 
_exptl_crystal.description           ? 
_exptl_crystal.F_000                 ? 
_exptl_crystal.preparation           ? 
# 
_exptl_crystal_grow.crystal_id      1 
_exptl_crystal_grow.method          'VAPOR DIFFUSION, HANGING DROP' 
_exptl_crystal_grow.temp            295 
_exptl_crystal_grow.temp_details    ? 
_exptl_crystal_grow.pH              8.18 
_exptl_crystal_grow.pdbx_details    
'2M ammonium sulfate, 80 mM lithium sulfate, 100 mM CAPS, pH 8.18, 5% glycerol, VAPOR DIFFUSION, HANGING DROP, temperature 295K' 
_exptl_crystal_grow.pdbx_pH_range   . 
# 
loop_
_exptl_crystal_grow_comp.crystal_id 
_exptl_crystal_grow_comp.id 
_exptl_crystal_grow_comp.sol_id 
_exptl_crystal_grow_comp.name 
_exptl_crystal_grow_comp.conc 
_exptl_crystal_grow_comp.volume 
_exptl_crystal_grow_comp.details 
1 1 1 'ammonium sulfate' ? ? ? 
1 2 1 'lithium sulfate'  ? ? ? 
1 3 1 CAPS               ? ? ? 
1 4 1 glycerol           ? ? ? 
1 5 1 water              ? ? ? 
1 6 2 'ammonium sulfate' ? ? ? 
1 7 2 'lithium sulfate'  ? ? ? 
1 8 2 CAPS               ? ? ? 
1 9 2 glycerol           ? ? ? 
# 
_diffrn.id                     1 
_diffrn.ambient_temp           100 
_diffrn.ambient_temp_details   ? 
_diffrn.crystal_id             1 
# 
_diffrn_detector.diffrn_id              1 
_diffrn_detector.detector               CCD 
_diffrn_detector.type                   'ADSC QUANTUM 210' 
_diffrn_detector.pdbx_collection_date   2006-06-28 
_diffrn_detector.details                'KOHZU: Double Crystal Si(111)' 
# 
_diffrn_radiation.diffrn_id                        1 
_diffrn_radiation.wavelength_id                    1 
_diffrn_radiation.pdbx_monochromatic_or_laue_m_l   M 
_diffrn_radiation.monochromator                    'double crystal SI(111)' 
_diffrn_radiation.pdbx_diffrn_protocol             'SINGLE WAVELENGTH' 
_diffrn_radiation.pdbx_scattering_type             x-ray 
# 
loop_
_diffrn_radiation_wavelength.id 
_diffrn_radiation_wavelength.wavelength 
_diffrn_radiation_wavelength.wt 
1 1.11588 1.0 
2 0.97945 1.0 
# 
_diffrn_source.diffrn_id                   1 
_diffrn_source.source                      SYNCHROTRON 
_diffrn_source.type                        'ALS BEAMLINE 8.3.1' 
_diffrn_source.pdbx_synchrotron_site       ALS 
_diffrn_source.pdbx_synchrotron_beamline   8.3.1 
_diffrn_source.pdbx_wavelength             ? 
_diffrn_source.pdbx_wavelength_list        '1.11588, 0.97945' 
# 
_reflns.entry_id                     2P2R 
_reflns.observed_criterion_sigma_I   2.0 
_reflns.observed_criterion_sigma_F   2.0 
_reflns.d_resolution_low             54.80 
_reflns.d_resolution_high            1.6 
_reflns.number_obs                   15516 
_reflns.number_all                   15752 
_reflns.percent_possible_obs         98.5 
_reflns.pdbx_Rmerge_I_obs            .033 
_reflns.pdbx_Rsym_value              .036 
_reflns.pdbx_netI_over_sigmaI        22.8 
_reflns.B_iso_Wilson_estimate        ? 
_reflns.pdbx_redundancy              6.8 
_reflns.R_free_details               ? 
_reflns.pdbx_chi_squared             ? 
_reflns.pdbx_scaling_rejects         ? 
_reflns.pdbx_diffrn_id               1 
_reflns.pdbx_ordinal                 1 
# 
_reflns_shell.d_res_high             1.6 
_reflns_shell.d_res_low              1.642 
_reflns_shell.percent_possible_all   84.66 
_reflns_shell.Rmerge_I_obs           0.406 
_reflns_shell.pdbx_Rsym_value        .382 
_reflns_shell.meanI_over_sigI_obs    7.3 
_reflns_shell.pdbx_redundancy        3.6 
_reflns_shell.percent_possible_obs   ? 
_reflns_shell.number_unique_all      ? 
_reflns_shell.number_measured_all    ? 
_reflns_shell.number_measured_obs    ? 
_reflns_shell.number_unique_obs      ? 
_reflns_shell.pdbx_chi_squared       ? 
_reflns_shell.pdbx_diffrn_id         ? 
_reflns_shell.pdbx_ordinal           1 
# 
_refine.entry_id                                 2P2R 
_refine.ls_number_reflns_obs                     13842 
_refine.ls_number_reflns_all                     ? 
_refine.pdbx_ls_sigma_I                          ? 
_refine.pdbx_ls_sigma_F                          ? 
_refine.pdbx_data_cutoff_high_absF               ? 
_refine.pdbx_data_cutoff_low_absF                ? 
_refine.pdbx_data_cutoff_high_rms_absF           ? 
_refine.ls_d_res_low                             54.80 
_refine.ls_d_res_high                            1.60 
_refine.ls_percent_reflns_obs                    98.04 
_refine.ls_R_factor_obs                          0.20660 
_refine.ls_R_factor_all                          ? 
_refine.ls_R_factor_R_work                       0.20482 
_refine.ls_R_factor_R_free                       0.24225 
_refine.ls_R_factor_R_free_error                 ? 
_refine.ls_R_factor_R_free_error_details         ? 
_refine.ls_percent_reflns_R_free                 5.0 
_refine.ls_number_reflns_R_free                  723 
_refine.ls_number_parameters                     ? 
_refine.ls_number_restraints                     ? 
_refine.occupancy_min                            ? 
_refine.occupancy_max                            ? 
_refine.correlation_coeff_Fo_to_Fc               0.952 
_refine.correlation_coeff_Fo_to_Fc_free          0.939 
_refine.B_iso_mean                               28.797 
_refine.aniso_B[1][1]                            0.49 
_refine.aniso_B[2][2]                            0.49 
_refine.aniso_B[3][3]                            -0.73 
_refine.aniso_B[1][2]                            0.24 
_refine.aniso_B[1][3]                            0.00 
_refine.aniso_B[2][3]                            0.00 
_refine.solvent_model_details                    MASK 
_refine.solvent_model_param_ksol                 ? 
_refine.solvent_model_param_bsol                 ? 
_refine.pdbx_solvent_vdw_probe_radii             1.20 
_refine.pdbx_solvent_ion_probe_radii             0.80 
_refine.pdbx_solvent_shrinkage_radii             0.80 
_refine.pdbx_ls_cross_valid_method               THROUGHOUT 
_refine.details                                  'HYDROGENS HAVE BEEN ADDED IN THE RIDING POSITIONS' 
_refine.pdbx_starting_model                      ? 
_refine.pdbx_method_to_determine_struct          SAD 
_refine.pdbx_isotropic_thermal_model             ? 
_refine.pdbx_stereochemistry_target_values       'MAXIMUM LIKELIHOOD' 
_refine.pdbx_stereochem_target_val_spec_case     ? 
_refine.pdbx_R_Free_selection_details            RANDOM 
_refine.pdbx_overall_ESU_R                       0.104 
_refine.pdbx_overall_ESU_R_Free                  0.095 
_refine.overall_SU_ML                            0.056 
_refine.overall_SU_B                             3.052 
_refine.ls_redundancy_reflns_obs                 ? 
_refine.overall_SU_R_Cruickshank_DPI             ? 
_refine.overall_SU_R_free                        ? 
_refine.ls_wR_factor_R_free                      ? 
_refine.ls_wR_factor_R_work                      ? 
_refine.overall_FOM_free_R_set                   ? 
_refine.overall_FOM_work_R_set                   ? 
_refine.pdbx_overall_phase_error                 ? 
_refine.pdbx_refine_id                           'X-RAY DIFFRACTION' 
_refine.pdbx_diffrn_id                           1 
_refine.pdbx_TLS_residual_ADP_flag               ? 
_refine.pdbx_overall_SU_R_free_Cruickshank_DPI   ? 
_refine.pdbx_overall_SU_R_Blow_DPI               ? 
_refine.pdbx_overall_SU_R_free_Blow_DPI          ? 
# 
_refine_hist.pdbx_refine_id                   'X-RAY DIFFRACTION' 
_refine_hist.cycle_id                         LAST 
_refine_hist.pdbx_number_atoms_protein        569 
_refine_hist.pdbx_number_atoms_nucleic_acid   137 
_refine_hist.pdbx_number_atoms_ligand         8 
_refine_hist.number_atoms_solvent             81 
_refine_hist.number_atoms_total               795 
_refine_hist.d_res_high                       1.60 
_refine_hist.d_res_low                        54.80 
# 
loop_
_refine_ls_restr.type 
_refine_ls_restr.dev_ideal 
_refine_ls_restr.dev_ideal_target 
_refine_ls_restr.weight 
_refine_ls_restr.number 
_refine_ls_restr.pdbx_refine_id 
_refine_ls_restr.pdbx_restraint_function 
r_bond_refined_d             0.010  0.022  ? 730  'X-RAY DIFFRACTION' ? 
r_bond_other_d               ?      ?      ? ?    'X-RAY DIFFRACTION' ? 
r_angle_refined_deg          1.349  2.212  ? 1019 'X-RAY DIFFRACTION' ? 
r_angle_other_deg            ?      ?      ? ?    'X-RAY DIFFRACTION' ? 
r_dihedral_angle_1_deg       4.443  5.000  ? 80   'X-RAY DIFFRACTION' ? 
r_dihedral_angle_2_deg       35.648 25.652 ? 23   'X-RAY DIFFRACTION' ? 
r_dihedral_angle_3_deg       10.647 15.000 ? 106  'X-RAY DIFFRACTION' ? 
r_dihedral_angle_4_deg       23.314 15.000 ? 4    'X-RAY DIFFRACTION' ? 
r_chiral_restr               0.090  0.200  ? 124  'X-RAY DIFFRACTION' ? 
r_gen_planes_refined         0.005  0.020  ? 496  'X-RAY DIFFRACTION' ? 
r_gen_planes_other           ?      ?      ? ?    'X-RAY DIFFRACTION' ? 
r_nbd_refined                0.205  0.200  ? 346  'X-RAY DIFFRACTION' ? 
r_nbd_other                  ?      ?      ? ?    'X-RAY DIFFRACTION' ? 
r_nbtor_refined              0.301  0.200  ? 508  'X-RAY DIFFRACTION' ? 
r_nbtor_other                ?      ?      ? ?    'X-RAY DIFFRACTION' ? 
r_xyhbond_nbd_refined        0.124  0.200  ? 51   'X-RAY DIFFRACTION' ? 
r_xyhbond_nbd_other          ?      ?      ? ?    'X-RAY DIFFRACTION' ? 
r_metal_ion_refined          ?      ?      ? ?    'X-RAY DIFFRACTION' ? 
r_metal_ion_other            ?      ?      ? ?    'X-RAY DIFFRACTION' ? 
r_symmetry_vdw_refined       0.125  0.200  ? 32   'X-RAY DIFFRACTION' ? 
r_symmetry_vdw_other         ?      ?      ? ?    'X-RAY DIFFRACTION' ? 
r_symmetry_hbond_refined     0.178  0.200  ? 8    'X-RAY DIFFRACTION' ? 
r_symmetry_hbond_other       ?      ?      ? ?    'X-RAY DIFFRACTION' ? 
r_symmetry_metal_ion_refined ?      ?      ? ?    'X-RAY DIFFRACTION' ? 
r_symmetry_metal_ion_other   ?      ?      ? ?    'X-RAY DIFFRACTION' ? 
r_mcbond_it                  1.559  1.500  ? 387  'X-RAY DIFFRACTION' ? 
r_mcbond_other               ?      ?      ? ?    'X-RAY DIFFRACTION' ? 
r_mcangle_it                 2.225  2.000  ? 613  'X-RAY DIFFRACTION' ? 
r_scbond_it                  2.710  3.000  ? 417  'X-RAY DIFFRACTION' ? 
r_scangle_it                 3.661  4.500  ? 403  'X-RAY DIFFRACTION' ? 
r_rigid_bond_restr           ?      ?      ? ?    'X-RAY DIFFRACTION' ? 
r_sphericity_free            ?      ?      ? ?    'X-RAY DIFFRACTION' ? 
r_sphericity_bonded          ?      ?      ? ?    'X-RAY DIFFRACTION' ? 
# 
_refine_ls_shell.pdbx_total_number_of_bins_used   20 
_refine_ls_shell.d_res_high                       1.600 
_refine_ls_shell.d_res_low                        1.642 
_refine_ls_shell.number_reflns_R_work             874 
_refine_ls_shell.R_factor_R_work                  0.285 
_refine_ls_shell.percent_reflns_obs               84.68 
_refine_ls_shell.R_factor_R_free                  0.302 
_refine_ls_shell.R_factor_R_free_error            ? 
_refine_ls_shell.percent_reflns_R_free            ? 
_refine_ls_shell.number_reflns_R_free             49 
_refine_ls_shell.number_reflns_all                ? 
_refine_ls_shell.R_factor_all                     ? 
_refine_ls_shell.redundancy_reflns_obs            ? 
_refine_ls_shell.number_reflns_obs                ? 
_refine_ls_shell.pdbx_refine_id                   'X-RAY DIFFRACTION' 
# 
_struct.entry_id                  2P2R 
_struct.title                     
'Crystal structure of the third KH domain of human Poly(C)-Binding Protein-2 in complex with C-rich strand of human telomeric DNA' 
_struct.pdbx_model_details        ? 
_struct.pdbx_CASP_flag            ? 
_struct.pdbx_model_type_details   ? 
# 
_struct_keywords.entry_id        2P2R 
_struct_keywords.pdbx_keywords   'RNA AND DNA BINDING PROTEIN/DNA' 
_struct_keywords.text            'PROTEIN-DNA COMPLEX, RNA AND DNA BINDING PROTEIN-DNA COMPLEX' 
# 
loop_
_struct_asym.id 
_struct_asym.pdbx_blank_PDB_chainid_flag 
_struct_asym.pdbx_modified 
_struct_asym.entity_id 
_struct_asym.details 
A N N 1 ? 
B N N 2 ? 
C N N 3 ? 
D N N 4 ? 
E N N 4 ? 
# 
loop_
_struct_ref.id 
_struct_ref.db_name 
_struct_ref.db_code 
_struct_ref.pdbx_db_accession 
_struct_ref.entity_id 
_struct_ref.pdbx_seq_one_letter_code 
_struct_ref.pdbx_align_begin 
_struct_ref.pdbx_db_isoform 
1 UNP PCBP2_HUMAN Q15366 2 AQTTSHELTIPNDLIGCIIGRQGAKINEIRQMSGAQIKIANPVEGSTDRQVTITGSAASISLAQYLINVRLSSET 285 ? 
2 PDB 2P2R        2P2R   1 AACCCTA                                                                     ?   ? 
# 
loop_
_struct_ref_seq.align_id 
_struct_ref_seq.ref_id 
_struct_ref_seq.pdbx_PDB_id_code 
_struct_ref_seq.pdbx_strand_id 
_struct_ref_seq.seq_align_beg 
_struct_ref_seq.pdbx_seq_align_beg_ins_code 
_struct_ref_seq.seq_align_end 
_struct_ref_seq.pdbx_seq_align_end_ins_code 
_struct_ref_seq.pdbx_db_accession 
_struct_ref_seq.db_align_beg 
_struct_ref_seq.pdbx_db_align_beg_ins_code 
_struct_ref_seq.db_align_end 
_struct_ref_seq.pdbx_db_align_end_ins_code 
_struct_ref_seq.pdbx_auth_seq_align_beg 
_struct_ref_seq.pdbx_auth_seq_align_end 
1 1 2P2R A 2 ? 76 ? Q15366 285 ? 359 ? 285 359 
2 2 2P2R B 1 ? 7  ? 2P2R   498 ? 504 ? 498 504 
# 
loop_
_struct_ref_seq_dif.align_id 
_struct_ref_seq_dif.pdbx_pdb_id_code 
_struct_ref_seq_dif.mon_id 
_struct_ref_seq_dif.pdbx_pdb_strand_id 
_struct_ref_seq_dif.seq_num 
_struct_ref_seq_dif.pdbx_pdb_ins_code 
_struct_ref_seq_dif.pdbx_seq_db_name 
_struct_ref_seq_dif.pdbx_seq_db_accession_code 
_struct_ref_seq_dif.db_mon_id 
_struct_ref_seq_dif.pdbx_seq_db_seq_num 
_struct_ref_seq_dif.details 
_struct_ref_seq_dif.pdbx_auth_seq_num 
_struct_ref_seq_dif.pdbx_ordinal 
1 2P2R LYS A 1  ? UNP Q15366 ?   ?   'expression tag'   284 1 
1 2P2R MSE A 33 ? UNP Q15366 MET 316 'modified residue' 316 2 
# 
_pdbx_struct_assembly.id                   1 
_pdbx_struct_assembly.details              author_defined_assembly 
_pdbx_struct_assembly.method_details       ? 
_pdbx_struct_assembly.oligomeric_details   dimeric 
_pdbx_struct_assembly.oligomeric_count     2 
# 
_pdbx_struct_assembly_gen.assembly_id       1 
_pdbx_struct_assembly_gen.oper_expression   1 
_pdbx_struct_assembly_gen.asym_id_list      A,B,C,D,E 
# 
_pdbx_struct_oper_list.id                   1 
_pdbx_struct_oper_list.type                 'identity operation' 
_pdbx_struct_oper_list.name                 1_555 
_pdbx_struct_oper_list.symmetry_operation   x,y,z 
_pdbx_struct_oper_list.matrix[1][1]         1.0000000000 
_pdbx_struct_oper_list.matrix[1][2]         0.0000000000 
_pdbx_struct_oper_list.matrix[1][3]         0.0000000000 
_pdbx_struct_oper_list.vector[1]            0.0000000000 
_pdbx_struct_oper_list.matrix[2][1]         0.0000000000 
_pdbx_struct_oper_list.matrix[2][2]         1.0000000000 
_pdbx_struct_oper_list.matrix[2][3]         0.0000000000 
_pdbx_struct_oper_list.vector[2]            0.0000000000 
_pdbx_struct_oper_list.matrix[3][1]         0.0000000000 
_pdbx_struct_oper_list.matrix[3][2]         0.0000000000 
_pdbx_struct_oper_list.matrix[3][3]         1.0000000000 
_pdbx_struct_oper_list.vector[3]            0.0000000000 
# 
_struct_biol.id        1 
_struct_biol.details   'The biological assembly is a monomer' 
# 
loop_
_struct_conf.conf_type_id 
_struct_conf.id 
_struct_conf.pdbx_PDB_helix_id 
_struct_conf.beg_label_comp_id 
_struct_conf.beg_label_asym_id 
_struct_conf.beg_label_seq_id 
_struct_conf.pdbx_beg_PDB_ins_code 
_struct_conf.end_label_comp_id 
_struct_conf.end_label_asym_id 
_struct_conf.end_label_seq_id 
_struct_conf.pdbx_end_PDB_ins_code 
_struct_conf.beg_auth_comp_id 
_struct_conf.beg_auth_asym_id 
_struct_conf.beg_auth_seq_id 
_struct_conf.end_auth_comp_id 
_struct_conf.end_auth_asym_id 
_struct_conf.end_auth_seq_id 
_struct_conf.pdbx_PDB_helix_class 
_struct_conf.details 
_struct_conf.pdbx_PDB_helix_length 
HELX_P HELX_P1 1 ASN B 13 ? GLY B 21 ? ASN A 296 GLY A 304 1 ? 9  
HELX_P HELX_P2 2 GLY B 24 ? GLY B 35 ? GLY A 307 GLY A 318 1 ? 12 
HELX_P HELX_P3 3 SER B 57 ? SER B 73 ? SER A 340 SER A 356 1 ? 17 
# 
_struct_conf_type.id          HELX_P 
_struct_conf_type.criteria    ? 
_struct_conf_type.reference   ? 
# 
loop_
_struct_conn.id 
_struct_conn.conn_type_id 
_struct_conn.pdbx_leaving_atom_flag 
_struct_conn.pdbx_PDB_id 
_struct_conn.ptnr1_label_asym_id 
_struct_conn.ptnr1_label_comp_id 
_struct_conn.ptnr1_label_seq_id 
_struct_conn.ptnr1_label_atom_id 
_struct_conn.pdbx_ptnr1_label_alt_id 
_struct_conn.pdbx_ptnr1_PDB_ins_code 
_struct_conn.pdbx_ptnr1_standard_comp_id 
_struct_conn.ptnr1_symmetry 
_struct_conn.ptnr2_label_asym_id 
_struct_conn.ptnr2_label_comp_id 
_struct_conn.ptnr2_label_seq_id 
_struct_conn.ptnr2_label_atom_id 
_struct_conn.pdbx_ptnr2_label_alt_id 
_struct_conn.pdbx_ptnr2_PDB_ins_code 
_struct_conn.ptnr1_auth_asym_id 
_struct_conn.ptnr1_auth_comp_id 
_struct_conn.ptnr1_auth_seq_id 
_struct_conn.ptnr2_auth_asym_id 
_struct_conn.ptnr2_auth_comp_id 
_struct_conn.ptnr2_auth_seq_id 
_struct_conn.ptnr2_symmetry 
_struct_conn.pdbx_ptnr3_label_atom_id 
_struct_conn.pdbx_ptnr3_label_seq_id 
_struct_conn.pdbx_ptnr3_label_comp_id 
_struct_conn.pdbx_ptnr3_label_asym_id 
_struct_conn.pdbx_ptnr3_label_alt_id 
_struct_conn.pdbx_ptnr3_PDB_ins_code 
_struct_conn.details 
_struct_conn.pdbx_dist_value 
_struct_conn.pdbx_value_order 
_struct_conn.pdbx_role 
covale1 covale both ? B GLN 32 C  ? ? ? 1_555 B MSE 33 N  ? ? A GLN 315 A MSE 316 1_555 ? ? ? ? ? ? ?               1.325 ? ? 
covale2 covale both ? B MSE 33 C  ? ? ? 1_555 B SER 34 N  ? ? A MSE 316 A SER 317 1_555 ? ? ? ? ? ? ?               1.335 ? ? 
hydrog1 hydrog ?    ? A DA  2  N3 ? ? ? 1_555 A DC  3  N4 ? ? B DA  499 B DC  500 1_555 ? ? ? ? ? ? 'DA-DC MISPAIR' ?     ? ? 
# 
loop_
_struct_conn_type.id 
_struct_conn_type.criteria 
_struct_conn_type.reference 
covale ? ? 
hydrog ? ? 
# 
_pdbx_modification_feature.ordinal                            1 
_pdbx_modification_feature.label_comp_id                      MSE 
_pdbx_modification_feature.label_asym_id                      B 
_pdbx_modification_feature.label_seq_id                       33 
_pdbx_modification_feature.label_alt_id                       ? 
_pdbx_modification_feature.modified_residue_label_comp_id     . 
_pdbx_modification_feature.modified_residue_label_asym_id     . 
_pdbx_modification_feature.modified_residue_label_seq_id      . 
_pdbx_modification_feature.modified_residue_label_alt_id      . 
_pdbx_modification_feature.auth_comp_id                       MSE 
_pdbx_modification_feature.auth_asym_id                       A 
_pdbx_modification_feature.auth_seq_id                        316 
_pdbx_modification_feature.PDB_ins_code                       ? 
_pdbx_modification_feature.symmetry                           1_555 
_pdbx_modification_feature.modified_residue_auth_comp_id      . 
_pdbx_modification_feature.modified_residue_auth_asym_id      . 
_pdbx_modification_feature.modified_residue_auth_seq_id       . 
_pdbx_modification_feature.modified_residue_PDB_ins_code      . 
_pdbx_modification_feature.modified_residue_symmetry          . 
_pdbx_modification_feature.comp_id_linking_atom               . 
_pdbx_modification_feature.modified_residue_id_linking_atom   . 
_pdbx_modification_feature.modified_residue_id                MET 
_pdbx_modification_feature.ref_pcm_id                         1 
_pdbx_modification_feature.ref_comp_id                        MSE 
_pdbx_modification_feature.type                               Selenomethionine 
_pdbx_modification_feature.category                           'Named protein modification' 
# 
_struct_sheet.id               A 
_struct_sheet.type             ? 
_struct_sheet.number_strands   3 
_struct_sheet.details          ? 
# 
loop_
_struct_sheet_order.sheet_id 
_struct_sheet_order.range_id_1 
_struct_sheet_order.range_id_2 
_struct_sheet_order.offset 
_struct_sheet_order.sense 
A 1 2 ? anti-parallel 
A 2 3 ? anti-parallel 
# 
loop_
_struct_sheet_range.sheet_id 
_struct_sheet_range.id 
_struct_sheet_range.beg_label_comp_id 
_struct_sheet_range.beg_label_asym_id 
_struct_sheet_range.beg_label_seq_id 
_struct_sheet_range.pdbx_beg_PDB_ins_code 
_struct_sheet_range.end_label_comp_id 
_struct_sheet_range.end_label_asym_id 
_struct_sheet_range.end_label_seq_id 
_struct_sheet_range.pdbx_end_PDB_ins_code 
_struct_sheet_range.beg_auth_comp_id 
_struct_sheet_range.beg_auth_asym_id 
_struct_sheet_range.beg_auth_seq_id 
_struct_sheet_range.end_auth_comp_id 
_struct_sheet_range.end_auth_asym_id 
_struct_sheet_range.end_auth_seq_id 
A 1 THR B 5  ? PRO B 12 ? THR A 288 PRO A 295 
A 2 ASP B 49 ? GLY B 56 ? ASP A 332 GLY A 339 
A 3 GLN B 37 ? ILE B 40 ? GLN A 320 ILE A 323 
# 
loop_
_pdbx_struct_sheet_hbond.sheet_id 
_pdbx_struct_sheet_hbond.range_id_1 
_pdbx_struct_sheet_hbond.range_id_2 
_pdbx_struct_sheet_hbond.range_1_label_atom_id 
_pdbx_struct_sheet_hbond.range_1_label_comp_id 
_pdbx_struct_sheet_hbond.range_1_label_asym_id 
_pdbx_struct_sheet_hbond.range_1_label_seq_id 
_pdbx_struct_sheet_hbond.range_1_PDB_ins_code 
_pdbx_struct_sheet_hbond.range_1_auth_atom_id 
_pdbx_struct_sheet_hbond.range_1_auth_comp_id 
_pdbx_struct_sheet_hbond.range_1_auth_asym_id 
_pdbx_struct_sheet_hbond.range_1_auth_seq_id 
_pdbx_struct_sheet_hbond.range_2_label_atom_id 
_pdbx_struct_sheet_hbond.range_2_label_comp_id 
_pdbx_struct_sheet_hbond.range_2_label_asym_id 
_pdbx_struct_sheet_hbond.range_2_label_seq_id 
_pdbx_struct_sheet_hbond.range_2_PDB_ins_code 
_pdbx_struct_sheet_hbond.range_2_auth_atom_id 
_pdbx_struct_sheet_hbond.range_2_auth_comp_id 
_pdbx_struct_sheet_hbond.range_2_auth_asym_id 
_pdbx_struct_sheet_hbond.range_2_auth_seq_id 
A 1 2 N LEU B 9  ? N LEU A 292 O VAL B 52 ? O VAL A 335 
A 2 3 O THR B 55 ? O THR A 338 N GLN B 37 ? N GLN A 320 
# 
_struct_site.id                   AC1 
_struct_site.pdbx_evidence_code   Software 
_struct_site.pdbx_auth_asym_id    A 
_struct_site.pdbx_auth_comp_id    CYT 
_struct_site.pdbx_auth_seq_id     501 
_struct_site.pdbx_auth_ins_code   ? 
_struct_site.pdbx_num_residues    4 
_struct_site.details              'BINDING SITE FOR RESIDUE CYT A 501' 
# 
loop_
_struct_site_gen.id 
_struct_site_gen.site_id 
_struct_site_gen.pdbx_num_res 
_struct_site_gen.label_comp_id 
_struct_site_gen.label_asym_id 
_struct_site_gen.label_seq_id 
_struct_site_gen.pdbx_auth_ins_code 
_struct_site_gen.auth_comp_id 
_struct_site_gen.auth_asym_id 
_struct_site_gen.auth_seq_id 
_struct_site_gen.label_atom_id 
_struct_site_gen.label_alt_id 
_struct_site_gen.symmetry 
_struct_site_gen.details 
1 AC1 4 HOH E .  ? HOH A 76  . ? 1_555 ? 
2 AC1 4 MSE B 33 ? MSE A 316 . ? 3_665 ? 
3 AC1 4 SER B 34 ? SER A 317 . ? 3_665 ? 
4 AC1 4 ALA B 59 ? ALA A 342 . ? 3_665 ? 
# 
_pdbx_entry_details.entry_id                   2P2R 
_pdbx_entry_details.compound_details           ? 
_pdbx_entry_details.source_details             ? 
_pdbx_entry_details.nonpolymer_details         ? 
_pdbx_entry_details.sequence_details           ? 
_pdbx_entry_details.has_ligand_of_interest     ? 
_pdbx_entry_details.has_protein_modification   Y 
# 
loop_
_pdbx_validate_rmsd_angle.id 
_pdbx_validate_rmsd_angle.PDB_model_num 
_pdbx_validate_rmsd_angle.auth_atom_id_1 
_pdbx_validate_rmsd_angle.auth_asym_id_1 
_pdbx_validate_rmsd_angle.auth_comp_id_1 
_pdbx_validate_rmsd_angle.auth_seq_id_1 
_pdbx_validate_rmsd_angle.PDB_ins_code_1 
_pdbx_validate_rmsd_angle.label_alt_id_1 
_pdbx_validate_rmsd_angle.auth_atom_id_2 
_pdbx_validate_rmsd_angle.auth_asym_id_2 
_pdbx_validate_rmsd_angle.auth_comp_id_2 
_pdbx_validate_rmsd_angle.auth_seq_id_2 
_pdbx_validate_rmsd_angle.PDB_ins_code_2 
_pdbx_validate_rmsd_angle.label_alt_id_2 
_pdbx_validate_rmsd_angle.auth_atom_id_3 
_pdbx_validate_rmsd_angle.auth_asym_id_3 
_pdbx_validate_rmsd_angle.auth_comp_id_3 
_pdbx_validate_rmsd_angle.auth_seq_id_3 
_pdbx_validate_rmsd_angle.PDB_ins_code_3 
_pdbx_validate_rmsd_angle.label_alt_id_3 
_pdbx_validate_rmsd_angle.angle_value 
_pdbx_validate_rmsd_angle.angle_target_value 
_pdbx_validate_rmsd_angle.angle_deviation 
_pdbx_validate_rmsd_angle.angle_standard_deviation 
_pdbx_validate_rmsd_angle.linker_flag 
1 1 "O4'" B DT 503 ? ? "C1'" B DT 503 ? ? N1    B DT 503 ? ? 110.48 108.30 2.18  0.30 N 
2 1 "O4'" B DA 504 ? ? "C4'" B DA 504 ? ? "C3'" B DA 504 ? ? 101.77 104.50 -2.73 0.40 N 
3 1 "O4'" B DA 504 ? ? "C1'" B DA 504 ? ? N9    B DA 504 ? ? 112.50 108.30 4.20  0.30 N 
# 
_pdbx_struct_mod_residue.id               1 
_pdbx_struct_mod_residue.label_asym_id    B 
_pdbx_struct_mod_residue.label_comp_id    MSE 
_pdbx_struct_mod_residue.label_seq_id     33 
_pdbx_struct_mod_residue.auth_asym_id     A 
_pdbx_struct_mod_residue.auth_comp_id     MSE 
_pdbx_struct_mod_residue.auth_seq_id      316 
_pdbx_struct_mod_residue.PDB_ins_code     ? 
_pdbx_struct_mod_residue.parent_comp_id   MET 
_pdbx_struct_mod_residue.details          SELENOMETHIONINE 
# 
_pdbx_struct_special_symmetry.id              1 
_pdbx_struct_special_symmetry.PDB_model_num   1 
_pdbx_struct_special_symmetry.auth_asym_id    A 
_pdbx_struct_special_symmetry.auth_comp_id    HOH 
_pdbx_struct_special_symmetry.auth_seq_id     9 
_pdbx_struct_special_symmetry.PDB_ins_code    ? 
_pdbx_struct_special_symmetry.label_asym_id   E 
_pdbx_struct_special_symmetry.label_comp_id   HOH 
_pdbx_struct_special_symmetry.label_seq_id    . 
# 
loop_
_pdbx_refine_tls.id 
_pdbx_refine_tls.details 
_pdbx_refine_tls.method 
_pdbx_refine_tls.origin_x 
_pdbx_refine_tls.origin_y 
_pdbx_refine_tls.origin_z 
_pdbx_refine_tls.T[1][1] 
_pdbx_refine_tls.T[2][2] 
_pdbx_refine_tls.T[3][3] 
_pdbx_refine_tls.T[1][2] 
_pdbx_refine_tls.T[1][3] 
_pdbx_refine_tls.T[2][3] 
_pdbx_refine_tls.L[1][1] 
_pdbx_refine_tls.L[2][2] 
_pdbx_refine_tls.L[3][3] 
_pdbx_refine_tls.L[1][2] 
_pdbx_refine_tls.L[1][3] 
_pdbx_refine_tls.L[2][3] 
_pdbx_refine_tls.S[1][1] 
_pdbx_refine_tls.S[1][2] 
_pdbx_refine_tls.S[1][3] 
_pdbx_refine_tls.S[2][1] 
_pdbx_refine_tls.S[2][2] 
_pdbx_refine_tls.S[2][3] 
_pdbx_refine_tls.S[3][1] 
_pdbx_refine_tls.S[3][2] 
_pdbx_refine_tls.S[3][3] 
_pdbx_refine_tls.pdbx_refine_id 
1 ? refined 0.2989 0.0936 0.3679 0.0174 -0.0803 -0.0608 -0.0300 0.0247 -0.0091 0.8609 1.2189  3.2617 0.1252  -1.2279 -0.4645 0.1089 -0.0052 0.0003  0.0014 -0.0196 -0.0068 -0.1626 0.0056 -0.0894 'X-RAY DIFFRACTION' 
2 ? refined 3.2676 2.3344 9.8358 0.0297 -0.1331 -0.1738 -0.0986 0.0597 -0.0439 6.2970 10.3838 7.8526 -1.6563 2.0388  -4.9340 0.1348 -0.0826 -0.0433 0.3690 -0.2125 0.0533  -0.5936 0.5619 0.0777  'X-RAY DIFFRACTION' 
# 
loop_
_pdbx_refine_tls_group.id 
_pdbx_refine_tls_group.refine_tls_id 
_pdbx_refine_tls_group.beg_auth_asym_id 
_pdbx_refine_tls_group.beg_auth_seq_id 
_pdbx_refine_tls_group.beg_label_asym_id 
_pdbx_refine_tls_group.beg_label_seq_id 
_pdbx_refine_tls_group.end_auth_asym_id 
_pdbx_refine_tls_group.end_auth_seq_id 
_pdbx_refine_tls_group.end_label_asym_id 
_pdbx_refine_tls_group.end_label_seq_id 
_pdbx_refine_tls_group.selection 
_pdbx_refine_tls_group.pdbx_refine_id 
_pdbx_refine_tls_group.selection_details 
1 1 A 287 B 4 A 357 B 74 ? 'X-RAY DIFFRACTION' ? 
2 2 B 498 A 1 B 504 A 7  ? 'X-RAY DIFFRACTION' ? 
# 
_pdbx_phasing_dm_shell.d_res_high          1.700 
_pdbx_phasing_dm_shell.d_res_low           60.000 
_pdbx_phasing_dm_shell.delta_phi_final     0.160 
_pdbx_phasing_dm_shell.delta_phi_initial   ? 
_pdbx_phasing_dm_shell.fom_acentric        ? 
_pdbx_phasing_dm_shell.fom_centric         ? 
_pdbx_phasing_dm_shell.fom                 0.166 
_pdbx_phasing_dm_shell.reflns_acentric     ? 
_pdbx_phasing_dm_shell.reflns_centric      ? 
_pdbx_phasing_dm_shell.reflns              22307 
# 
_phasing.method   SAD 
# 
loop_
_pdbx_unobs_or_zero_occ_residues.id 
_pdbx_unobs_or_zero_occ_residues.PDB_model_num 
_pdbx_unobs_or_zero_occ_residues.polymer_flag 
_pdbx_unobs_or_zero_occ_residues.occupancy_flag 
_pdbx_unobs_or_zero_occ_residues.auth_asym_id 
_pdbx_unobs_or_zero_occ_residues.auth_comp_id 
_pdbx_unobs_or_zero_occ_residues.auth_seq_id 
_pdbx_unobs_or_zero_occ_residues.PDB_ins_code 
_pdbx_unobs_or_zero_occ_residues.label_asym_id 
_pdbx_unobs_or_zero_occ_residues.label_comp_id 
_pdbx_unobs_or_zero_occ_residues.label_seq_id 
1 1 Y 1 A LYS 284 ? B LYS 1  
2 1 Y 1 A ALA 285 ? B ALA 2  
3 1 Y 1 A THR 359 ? B THR 76 
# 
loop_
_chem_comp_atom.comp_id 
_chem_comp_atom.atom_id 
_chem_comp_atom.type_symbol 
_chem_comp_atom.pdbx_aromatic_flag 
_chem_comp_atom.pdbx_stereo_config 
_chem_comp_atom.pdbx_ordinal 
ALA N      N  N N 1   
ALA CA     C  N S 2   
ALA C      C  N N 3   
ALA O      O  N N 4   
ALA CB     C  N N 5   
ALA OXT    O  N N 6   
ALA H      H  N N 7   
ALA H2     H  N N 8   
ALA HA     H  N N 9   
ALA HB1    H  N N 10  
ALA HB2    H  N N 11  
ALA HB3    H  N N 12  
ALA HXT    H  N N 13  
ARG N      N  N N 14  
ARG CA     C  N S 15  
ARG C      C  N N 16  
ARG O      O  N N 17  
ARG CB     C  N N 18  
ARG CG     C  N N 19  
ARG CD     C  N N 20  
ARG NE     N  N N 21  
ARG CZ     C  N N 22  
ARG NH1    N  N N 23  
ARG NH2    N  N N 24  
ARG OXT    O  N N 25  
ARG H      H  N N 26  
ARG H2     H  N N 27  
ARG HA     H  N N 28  
ARG HB2    H  N N 29  
ARG HB3    H  N N 30  
ARG HG2    H  N N 31  
ARG HG3    H  N N 32  
ARG HD2    H  N N 33  
ARG HD3    H  N N 34  
ARG HE     H  N N 35  
ARG HH11   H  N N 36  
ARG HH12   H  N N 37  
ARG HH21   H  N N 38  
ARG HH22   H  N N 39  
ARG HXT    H  N N 40  
ASN N      N  N N 41  
ASN CA     C  N S 42  
ASN C      C  N N 43  
ASN O      O  N N 44  
ASN CB     C  N N 45  
ASN CG     C  N N 46  
ASN OD1    O  N N 47  
ASN ND2    N  N N 48  
ASN OXT    O  N N 49  
ASN H      H  N N 50  
ASN H2     H  N N 51  
ASN HA     H  N N 52  
ASN HB2    H  N N 53  
ASN HB3    H  N N 54  
ASN HD21   H  N N 55  
ASN HD22   H  N N 56  
ASN HXT    H  N N 57  
ASP N      N  N N 58  
ASP CA     C  N S 59  
ASP C      C  N N 60  
ASP O      O  N N 61  
ASP CB     C  N N 62  
ASP CG     C  N N 63  
ASP OD1    O  N N 64  
ASP OD2    O  N N 65  
ASP OXT    O  N N 66  
ASP H      H  N N 67  
ASP H2     H  N N 68  
ASP HA     H  N N 69  
ASP HB2    H  N N 70  
ASP HB3    H  N N 71  
ASP HD2    H  N N 72  
ASP HXT    H  N N 73  
CYS N      N  N N 74  
CYS CA     C  N R 75  
CYS C      C  N N 76  
CYS O      O  N N 77  
CYS CB     C  N N 78  
CYS SG     S  N N 79  
CYS OXT    O  N N 80  
CYS H      H  N N 81  
CYS H2     H  N N 82  
CYS HA     H  N N 83  
CYS HB2    H  N N 84  
CYS HB3    H  N N 85  
CYS HG     H  N N 86  
CYS HXT    H  N N 87  
CYT N3     N  Y N 88  
CYT C4     C  Y N 89  
CYT N1     N  Y N 90  
CYT C2     C  Y N 91  
CYT O2     O  N N 92  
CYT N4     N  N N 93  
CYT C5     C  Y N 94  
CYT C6     C  Y N 95  
CYT HN3    H  N N 96  
CYT HN41   H  N N 97  
CYT HN42   H  N N 98  
CYT H5     H  N N 99  
CYT H6     H  N N 100 
DA  OP3    O  N N 101 
DA  P      P  N N 102 
DA  OP1    O  N N 103 
DA  OP2    O  N N 104 
DA  "O5'"  O  N N 105 
DA  "C5'"  C  N N 106 
DA  "C4'"  C  N R 107 
DA  "O4'"  O  N N 108 
DA  "C3'"  C  N S 109 
DA  "O3'"  O  N N 110 
DA  "C2'"  C  N N 111 
DA  "C1'"  C  N R 112 
DA  N9     N  Y N 113 
DA  C8     C  Y N 114 
DA  N7     N  Y N 115 
DA  C5     C  Y N 116 
DA  C6     C  Y N 117 
DA  N6     N  N N 118 
DA  N1     N  Y N 119 
DA  C2     C  Y N 120 
DA  N3     N  Y N 121 
DA  C4     C  Y N 122 
DA  HOP3   H  N N 123 
DA  HOP2   H  N N 124 
DA  "H5'"  H  N N 125 
DA  "H5''" H  N N 126 
DA  "H4'"  H  N N 127 
DA  "H3'"  H  N N 128 
DA  "HO3'" H  N N 129 
DA  "H2'"  H  N N 130 
DA  "H2''" H  N N 131 
DA  "H1'"  H  N N 132 
DA  H8     H  N N 133 
DA  H61    H  N N 134 
DA  H62    H  N N 135 
DA  H2     H  N N 136 
DC  OP3    O  N N 137 
DC  P      P  N N 138 
DC  OP1    O  N N 139 
DC  OP2    O  N N 140 
DC  "O5'"  O  N N 141 
DC  "C5'"  C  N N 142 
DC  "C4'"  C  N R 143 
DC  "O4'"  O  N N 144 
DC  "C3'"  C  N S 145 
DC  "O3'"  O  N N 146 
DC  "C2'"  C  N N 147 
DC  "C1'"  C  N R 148 
DC  N1     N  N N 149 
DC  C2     C  N N 150 
DC  O2     O  N N 151 
DC  N3     N  N N 152 
DC  C4     C  N N 153 
DC  N4     N  N N 154 
DC  C5     C  N N 155 
DC  C6     C  N N 156 
DC  HOP3   H  N N 157 
DC  HOP2   H  N N 158 
DC  "H5'"  H  N N 159 
DC  "H5''" H  N N 160 
DC  "H4'"  H  N N 161 
DC  "H3'"  H  N N 162 
DC  "HO3'" H  N N 163 
DC  "H2'"  H  N N 164 
DC  "H2''" H  N N 165 
DC  "H1'"  H  N N 166 
DC  H41    H  N N 167 
DC  H42    H  N N 168 
DC  H5     H  N N 169 
DC  H6     H  N N 170 
DT  OP3    O  N N 171 
DT  P      P  N N 172 
DT  OP1    O  N N 173 
DT  OP2    O  N N 174 
DT  "O5'"  O  N N 175 
DT  "C5'"  C  N N 176 
DT  "C4'"  C  N R 177 
DT  "O4'"  O  N N 178 
DT  "C3'"  C  N S 179 
DT  "O3'"  O  N N 180 
DT  "C2'"  C  N N 181 
DT  "C1'"  C  N R 182 
DT  N1     N  N N 183 
DT  C2     C  N N 184 
DT  O2     O  N N 185 
DT  N3     N  N N 186 
DT  C4     C  N N 187 
DT  O4     O  N N 188 
DT  C5     C  N N 189 
DT  C7     C  N N 190 
DT  C6     C  N N 191 
DT  HOP3   H  N N 192 
DT  HOP2   H  N N 193 
DT  "H5'"  H  N N 194 
DT  "H5''" H  N N 195 
DT  "H4'"  H  N N 196 
DT  "H3'"  H  N N 197 
DT  "HO3'" H  N N 198 
DT  "H2'"  H  N N 199 
DT  "H2''" H  N N 200 
DT  "H1'"  H  N N 201 
DT  H3     H  N N 202 
DT  H71    H  N N 203 
DT  H72    H  N N 204 
DT  H73    H  N N 205 
DT  H6     H  N N 206 
GLN N      N  N N 207 
GLN CA     C  N S 208 
GLN C      C  N N 209 
GLN O      O  N N 210 
GLN CB     C  N N 211 
GLN CG     C  N N 212 
GLN CD     C  N N 213 
GLN OE1    O  N N 214 
GLN NE2    N  N N 215 
GLN OXT    O  N N 216 
GLN H      H  N N 217 
GLN H2     H  N N 218 
GLN HA     H  N N 219 
GLN HB2    H  N N 220 
GLN HB3    H  N N 221 
GLN HG2    H  N N 222 
GLN HG3    H  N N 223 
GLN HE21   H  N N 224 
GLN HE22   H  N N 225 
GLN HXT    H  N N 226 
GLU N      N  N N 227 
GLU CA     C  N S 228 
GLU C      C  N N 229 
GLU O      O  N N 230 
GLU CB     C  N N 231 
GLU CG     C  N N 232 
GLU CD     C  N N 233 
GLU OE1    O  N N 234 
GLU OE2    O  N N 235 
GLU OXT    O  N N 236 
GLU H      H  N N 237 
GLU H2     H  N N 238 
GLU HA     H  N N 239 
GLU HB2    H  N N 240 
GLU HB3    H  N N 241 
GLU HG2    H  N N 242 
GLU HG3    H  N N 243 
GLU HE2    H  N N 244 
GLU HXT    H  N N 245 
GLY N      N  N N 246 
GLY CA     C  N N 247 
GLY C      C  N N 248 
GLY O      O  N N 249 
GLY OXT    O  N N 250 
GLY H      H  N N 251 
GLY H2     H  N N 252 
GLY HA2    H  N N 253 
GLY HA3    H  N N 254 
GLY HXT    H  N N 255 
HIS N      N  N N 256 
HIS CA     C  N S 257 
HIS C      C  N N 258 
HIS O      O  N N 259 
HIS CB     C  N N 260 
HIS CG     C  Y N 261 
HIS ND1    N  Y N 262 
HIS CD2    C  Y N 263 
HIS CE1    C  Y N 264 
HIS NE2    N  Y N 265 
HIS OXT    O  N N 266 
HIS H      H  N N 267 
HIS H2     H  N N 268 
HIS HA     H  N N 269 
HIS HB2    H  N N 270 
HIS HB3    H  N N 271 
HIS HD1    H  N N 272 
HIS HD2    H  N N 273 
HIS HE1    H  N N 274 
HIS HE2    H  N N 275 
HIS HXT    H  N N 276 
HOH O      O  N N 277 
HOH H1     H  N N 278 
HOH H2     H  N N 279 
ILE N      N  N N 280 
ILE CA     C  N S 281 
ILE C      C  N N 282 
ILE O      O  N N 283 
ILE CB     C  N S 284 
ILE CG1    C  N N 285 
ILE CG2    C  N N 286 
ILE CD1    C  N N 287 
ILE OXT    O  N N 288 
ILE H      H  N N 289 
ILE H2     H  N N 290 
ILE HA     H  N N 291 
ILE HB     H  N N 292 
ILE HG12   H  N N 293 
ILE HG13   H  N N 294 
ILE HG21   H  N N 295 
ILE HG22   H  N N 296 
ILE HG23   H  N N 297 
ILE HD11   H  N N 298 
ILE HD12   H  N N 299 
ILE HD13   H  N N 300 
ILE HXT    H  N N 301 
LEU N      N  N N 302 
LEU CA     C  N S 303 
LEU C      C  N N 304 
LEU O      O  N N 305 
LEU CB     C  N N 306 
LEU CG     C  N N 307 
LEU CD1    C  N N 308 
LEU CD2    C  N N 309 
LEU OXT    O  N N 310 
LEU H      H  N N 311 
LEU H2     H  N N 312 
LEU HA     H  N N 313 
LEU HB2    H  N N 314 
LEU HB3    H  N N 315 
LEU HG     H  N N 316 
LEU HD11   H  N N 317 
LEU HD12   H  N N 318 
LEU HD13   H  N N 319 
LEU HD21   H  N N 320 
LEU HD22   H  N N 321 
LEU HD23   H  N N 322 
LEU HXT    H  N N 323 
LYS N      N  N N 324 
LYS CA     C  N S 325 
LYS C      C  N N 326 
LYS O      O  N N 327 
LYS CB     C  N N 328 
LYS CG     C  N N 329 
LYS CD     C  N N 330 
LYS CE     C  N N 331 
LYS NZ     N  N N 332 
LYS OXT    O  N N 333 
LYS H      H  N N 334 
LYS H2     H  N N 335 
LYS HA     H  N N 336 
LYS HB2    H  N N 337 
LYS HB3    H  N N 338 
LYS HG2    H  N N 339 
LYS HG3    H  N N 340 
LYS HD2    H  N N 341 
LYS HD3    H  N N 342 
LYS HE2    H  N N 343 
LYS HE3    H  N N 344 
LYS HZ1    H  N N 345 
LYS HZ2    H  N N 346 
LYS HZ3    H  N N 347 
LYS HXT    H  N N 348 
MET N      N  N N 349 
MET CA     C  N S 350 
MET C      C  N N 351 
MET O      O  N N 352 
MET CB     C  N N 353 
MET CG     C  N N 354 
MET SD     S  N N 355 
MET CE     C  N N 356 
MET OXT    O  N N 357 
MET H      H  N N 358 
MET H2     H  N N 359 
MET HA     H  N N 360 
MET HB2    H  N N 361 
MET HB3    H  N N 362 
MET HG2    H  N N 363 
MET HG3    H  N N 364 
MET HE1    H  N N 365 
MET HE2    H  N N 366 
MET HE3    H  N N 367 
MET HXT    H  N N 368 
MSE N      N  N N 369 
MSE CA     C  N S 370 
MSE C      C  N N 371 
MSE O      O  N N 372 
MSE OXT    O  N N 373 
MSE CB     C  N N 374 
MSE CG     C  N N 375 
MSE SE     SE N N 376 
MSE CE     C  N N 377 
MSE H      H  N N 378 
MSE H2     H  N N 379 
MSE HA     H  N N 380 
MSE HXT    H  N N 381 
MSE HB2    H  N N 382 
MSE HB3    H  N N 383 
MSE HG2    H  N N 384 
MSE HG3    H  N N 385 
MSE HE1    H  N N 386 
MSE HE2    H  N N 387 
MSE HE3    H  N N 388 
PRO N      N  N N 389 
PRO CA     C  N S 390 
PRO C      C  N N 391 
PRO O      O  N N 392 
PRO CB     C  N N 393 
PRO CG     C  N N 394 
PRO CD     C  N N 395 
PRO OXT    O  N N 396 
PRO H      H  N N 397 
PRO HA     H  N N 398 
PRO HB2    H  N N 399 
PRO HB3    H  N N 400 
PRO HG2    H  N N 401 
PRO HG3    H  N N 402 
PRO HD2    H  N N 403 
PRO HD3    H  N N 404 
PRO HXT    H  N N 405 
SER N      N  N N 406 
SER CA     C  N S 407 
SER C      C  N N 408 
SER O      O  N N 409 
SER CB     C  N N 410 
SER OG     O  N N 411 
SER OXT    O  N N 412 
SER H      H  N N 413 
SER H2     H  N N 414 
SER HA     H  N N 415 
SER HB2    H  N N 416 
SER HB3    H  N N 417 
SER HG     H  N N 418 
SER HXT    H  N N 419 
THR N      N  N N 420 
THR CA     C  N S 421 
THR C      C  N N 422 
THR O      O  N N 423 
THR CB     C  N R 424 
THR OG1    O  N N 425 
THR CG2    C  N N 426 
THR OXT    O  N N 427 
THR H      H  N N 428 
THR H2     H  N N 429 
THR HA     H  N N 430 
THR HB     H  N N 431 
THR HG1    H  N N 432 
THR HG21   H  N N 433 
THR HG22   H  N N 434 
THR HG23   H  N N 435 
THR HXT    H  N N 436 
TYR N      N  N N 437 
TYR CA     C  N S 438 
TYR C      C  N N 439 
TYR O      O  N N 440 
TYR CB     C  N N 441 
TYR CG     C  Y N 442 
TYR CD1    C  Y N 443 
TYR CD2    C  Y N 444 
TYR CE1    C  Y N 445 
TYR CE2    C  Y N 446 
TYR CZ     C  Y N 447 
TYR OH     O  N N 448 
TYR OXT    O  N N 449 
TYR H      H  N N 450 
TYR H2     H  N N 451 
TYR HA     H  N N 452 
TYR HB2    H  N N 453 
TYR HB3    H  N N 454 
TYR HD1    H  N N 455 
TYR HD2    H  N N 456 
TYR HE1    H  N N 457 
TYR HE2    H  N N 458 
TYR HH     H  N N 459 
TYR HXT    H  N N 460 
VAL N      N  N N 461 
VAL CA     C  N S 462 
VAL C      C  N N 463 
VAL O      O  N N 464 
VAL CB     C  N N 465 
VAL CG1    C  N N 466 
VAL CG2    C  N N 467 
VAL OXT    O  N N 468 
VAL H      H  N N 469 
VAL H2     H  N N 470 
VAL HA     H  N N 471 
VAL HB     H  N N 472 
VAL HG11   H  N N 473 
VAL HG12   H  N N 474 
VAL HG13   H  N N 475 
VAL HG21   H  N N 476 
VAL HG22   H  N N 477 
VAL HG23   H  N N 478 
VAL HXT    H  N N 479 
# 
loop_
_chem_comp_bond.comp_id 
_chem_comp_bond.atom_id_1 
_chem_comp_bond.atom_id_2 
_chem_comp_bond.value_order 
_chem_comp_bond.pdbx_aromatic_flag 
_chem_comp_bond.pdbx_stereo_config 
_chem_comp_bond.pdbx_ordinal 
ALA N     CA     sing N N 1   
ALA N     H      sing N N 2   
ALA N     H2     sing N N 3   
ALA CA    C      sing N N 4   
ALA CA    CB     sing N N 5   
ALA CA    HA     sing N N 6   
ALA C     O      doub N N 7   
ALA C     OXT    sing N N 8   
ALA CB    HB1    sing N N 9   
ALA CB    HB2    sing N N 10  
ALA CB    HB3    sing N N 11  
ALA OXT   HXT    sing N N 12  
ARG N     CA     sing N N 13  
ARG N     H      sing N N 14  
ARG N     H2     sing N N 15  
ARG CA    C      sing N N 16  
ARG CA    CB     sing N N 17  
ARG CA    HA     sing N N 18  
ARG C     O      doub N N 19  
ARG C     OXT    sing N N 20  
ARG CB    CG     sing N N 21  
ARG CB    HB2    sing N N 22  
ARG CB    HB3    sing N N 23  
ARG CG    CD     sing N N 24  
ARG CG    HG2    sing N N 25  
ARG CG    HG3    sing N N 26  
ARG CD    NE     sing N N 27  
ARG CD    HD2    sing N N 28  
ARG CD    HD3    sing N N 29  
ARG NE    CZ     sing N N 30  
ARG NE    HE     sing N N 31  
ARG CZ    NH1    sing N N 32  
ARG CZ    NH2    doub N N 33  
ARG NH1   HH11   sing N N 34  
ARG NH1   HH12   sing N N 35  
ARG NH2   HH21   sing N N 36  
ARG NH2   HH22   sing N N 37  
ARG OXT   HXT    sing N N 38  
ASN N     CA     sing N N 39  
ASN N     H      sing N N 40  
ASN N     H2     sing N N 41  
ASN CA    C      sing N N 42  
ASN CA    CB     sing N N 43  
ASN CA    HA     sing N N 44  
ASN C     O      doub N N 45  
ASN C     OXT    sing N N 46  
ASN CB    CG     sing N N 47  
ASN CB    HB2    sing N N 48  
ASN CB    HB3    sing N N 49  
ASN CG    OD1    doub N N 50  
ASN CG    ND2    sing N N 51  
ASN ND2   HD21   sing N N 52  
ASN ND2   HD22   sing N N 53  
ASN OXT   HXT    sing N N 54  
ASP N     CA     sing N N 55  
ASP N     H      sing N N 56  
ASP N     H2     sing N N 57  
ASP CA    C      sing N N 58  
ASP CA    CB     sing N N 59  
ASP CA    HA     sing N N 60  
ASP C     O      doub N N 61  
ASP C     OXT    sing N N 62  
ASP CB    CG     sing N N 63  
ASP CB    HB2    sing N N 64  
ASP CB    HB3    sing N N 65  
ASP CG    OD1    doub N N 66  
ASP CG    OD2    sing N N 67  
ASP OD2   HD2    sing N N 68  
ASP OXT   HXT    sing N N 69  
CYS N     CA     sing N N 70  
CYS N     H      sing N N 71  
CYS N     H2     sing N N 72  
CYS CA    C      sing N N 73  
CYS CA    CB     sing N N 74  
CYS CA    HA     sing N N 75  
CYS C     O      doub N N 76  
CYS C     OXT    sing N N 77  
CYS CB    SG     sing N N 78  
CYS CB    HB2    sing N N 79  
CYS CB    HB3    sing N N 80  
CYS SG    HG     sing N N 81  
CYS OXT   HXT    sing N N 82  
CYT N3    C4     sing Y N 83  
CYT N3    C2     sing Y N 84  
CYT N3    HN3    sing N N 85  
CYT C4    N4     sing N N 86  
CYT C4    C5     doub Y N 87  
CYT N1    C2     sing Y N 88  
CYT N1    C6     doub Y N 89  
CYT C2    O2     doub N N 90  
CYT N4    HN41   sing N N 91  
CYT N4    HN42   sing N N 92  
CYT C5    C6     sing Y N 93  
CYT C5    H5     sing N N 94  
CYT C6    H6     sing N N 95  
DA  OP3   P      sing N N 96  
DA  OP3   HOP3   sing N N 97  
DA  P     OP1    doub N N 98  
DA  P     OP2    sing N N 99  
DA  P     "O5'"  sing N N 100 
DA  OP2   HOP2   sing N N 101 
DA  "O5'" "C5'"  sing N N 102 
DA  "C5'" "C4'"  sing N N 103 
DA  "C5'" "H5'"  sing N N 104 
DA  "C5'" "H5''" sing N N 105 
DA  "C4'" "O4'"  sing N N 106 
DA  "C4'" "C3'"  sing N N 107 
DA  "C4'" "H4'"  sing N N 108 
DA  "O4'" "C1'"  sing N N 109 
DA  "C3'" "O3'"  sing N N 110 
DA  "C3'" "C2'"  sing N N 111 
DA  "C3'" "H3'"  sing N N 112 
DA  "O3'" "HO3'" sing N N 113 
DA  "C2'" "C1'"  sing N N 114 
DA  "C2'" "H2'"  sing N N 115 
DA  "C2'" "H2''" sing N N 116 
DA  "C1'" N9     sing N N 117 
DA  "C1'" "H1'"  sing N N 118 
DA  N9    C8     sing Y N 119 
DA  N9    C4     sing Y N 120 
DA  C8    N7     doub Y N 121 
DA  C8    H8     sing N N 122 
DA  N7    C5     sing Y N 123 
DA  C5    C6     sing Y N 124 
DA  C5    C4     doub Y N 125 
DA  C6    N6     sing N N 126 
DA  C6    N1     doub Y N 127 
DA  N6    H61    sing N N 128 
DA  N6    H62    sing N N 129 
DA  N1    C2     sing Y N 130 
DA  C2    N3     doub Y N 131 
DA  C2    H2     sing N N 132 
DA  N3    C4     sing Y N 133 
DC  OP3   P      sing N N 134 
DC  OP3   HOP3   sing N N 135 
DC  P     OP1    doub N N 136 
DC  P     OP2    sing N N 137 
DC  P     "O5'"  sing N N 138 
DC  OP2   HOP2   sing N N 139 
DC  "O5'" "C5'"  sing N N 140 
DC  "C5'" "C4'"  sing N N 141 
DC  "C5'" "H5'"  sing N N 142 
DC  "C5'" "H5''" sing N N 143 
DC  "C4'" "O4'"  sing N N 144 
DC  "C4'" "C3'"  sing N N 145 
DC  "C4'" "H4'"  sing N N 146 
DC  "O4'" "C1'"  sing N N 147 
DC  "C3'" "O3'"  sing N N 148 
DC  "C3'" "C2'"  sing N N 149 
DC  "C3'" "H3'"  sing N N 150 
DC  "O3'" "HO3'" sing N N 151 
DC  "C2'" "C1'"  sing N N 152 
DC  "C2'" "H2'"  sing N N 153 
DC  "C2'" "H2''" sing N N 154 
DC  "C1'" N1     sing N N 155 
DC  "C1'" "H1'"  sing N N 156 
DC  N1    C2     sing N N 157 
DC  N1    C6     sing N N 158 
DC  C2    O2     doub N N 159 
DC  C2    N3     sing N N 160 
DC  N3    C4     doub N N 161 
DC  C4    N4     sing N N 162 
DC  C4    C5     sing N N 163 
DC  N4    H41    sing N N 164 
DC  N4    H42    sing N N 165 
DC  C5    C6     doub N N 166 
DC  C5    H5     sing N N 167 
DC  C6    H6     sing N N 168 
DT  OP3   P      sing N N 169 
DT  OP3   HOP3   sing N N 170 
DT  P     OP1    doub N N 171 
DT  P     OP2    sing N N 172 
DT  P     "O5'"  sing N N 173 
DT  OP2   HOP2   sing N N 174 
DT  "O5'" "C5'"  sing N N 175 
DT  "C5'" "C4'"  sing N N 176 
DT  "C5'" "H5'"  sing N N 177 
DT  "C5'" "H5''" sing N N 178 
DT  "C4'" "O4'"  sing N N 179 
DT  "C4'" "C3'"  sing N N 180 
DT  "C4'" "H4'"  sing N N 181 
DT  "O4'" "C1'"  sing N N 182 
DT  "C3'" "O3'"  sing N N 183 
DT  "C3'" "C2'"  sing N N 184 
DT  "C3'" "H3'"  sing N N 185 
DT  "O3'" "HO3'" sing N N 186 
DT  "C2'" "C1'"  sing N N 187 
DT  "C2'" "H2'"  sing N N 188 
DT  "C2'" "H2''" sing N N 189 
DT  "C1'" N1     sing N N 190 
DT  "C1'" "H1'"  sing N N 191 
DT  N1    C2     sing N N 192 
DT  N1    C6     sing N N 193 
DT  C2    O2     doub N N 194 
DT  C2    N3     sing N N 195 
DT  N3    C4     sing N N 196 
DT  N3    H3     sing N N 197 
DT  C4    O4     doub N N 198 
DT  C4    C5     sing N N 199 
DT  C5    C7     sing N N 200 
DT  C5    C6     doub N N 201 
DT  C7    H71    sing N N 202 
DT  C7    H72    sing N N 203 
DT  C7    H73    sing N N 204 
DT  C6    H6     sing N N 205 
GLN N     CA     sing N N 206 
GLN N     H      sing N N 207 
GLN N     H2     sing N N 208 
GLN CA    C      sing N N 209 
GLN CA    CB     sing N N 210 
GLN CA    HA     sing N N 211 
GLN C     O      doub N N 212 
GLN C     OXT    sing N N 213 
GLN CB    CG     sing N N 214 
GLN CB    HB2    sing N N 215 
GLN CB    HB3    sing N N 216 
GLN CG    CD     sing N N 217 
GLN CG    HG2    sing N N 218 
GLN CG    HG3    sing N N 219 
GLN CD    OE1    doub N N 220 
GLN CD    NE2    sing N N 221 
GLN NE2   HE21   sing N N 222 
GLN NE2   HE22   sing N N 223 
GLN OXT   HXT    sing N N 224 
GLU N     CA     sing N N 225 
GLU N     H      sing N N 226 
GLU N     H2     sing N N 227 
GLU CA    C      sing N N 228 
GLU CA    CB     sing N N 229 
GLU CA    HA     sing N N 230 
GLU C     O      doub N N 231 
GLU C     OXT    sing N N 232 
GLU CB    CG     sing N N 233 
GLU CB    HB2    sing N N 234 
GLU CB    HB3    sing N N 235 
GLU CG    CD     sing N N 236 
GLU CG    HG2    sing N N 237 
GLU CG    HG3    sing N N 238 
GLU CD    OE1    doub N N 239 
GLU CD    OE2    sing N N 240 
GLU OE2   HE2    sing N N 241 
GLU OXT   HXT    sing N N 242 
GLY N     CA     sing N N 243 
GLY N     H      sing N N 244 
GLY N     H2     sing N N 245 
GLY CA    C      sing N N 246 
GLY CA    HA2    sing N N 247 
GLY CA    HA3    sing N N 248 
GLY C     O      doub N N 249 
GLY C     OXT    sing N N 250 
GLY OXT   HXT    sing N N 251 
HIS N     CA     sing N N 252 
HIS N     H      sing N N 253 
HIS N     H2     sing N N 254 
HIS CA    C      sing N N 255 
HIS CA    CB     sing N N 256 
HIS CA    HA     sing N N 257 
HIS C     O      doub N N 258 
HIS C     OXT    sing N N 259 
HIS CB    CG     sing N N 260 
HIS CB    HB2    sing N N 261 
HIS CB    HB3    sing N N 262 
HIS CG    ND1    sing Y N 263 
HIS CG    CD2    doub Y N 264 
HIS ND1   CE1    doub Y N 265 
HIS ND1   HD1    sing N N 266 
HIS CD2   NE2    sing Y N 267 
HIS CD2   HD2    sing N N 268 
HIS CE1   NE2    sing Y N 269 
HIS CE1   HE1    sing N N 270 
HIS NE2   HE2    sing N N 271 
HIS OXT   HXT    sing N N 272 
HOH O     H1     sing N N 273 
HOH O     H2     sing N N 274 
ILE N     CA     sing N N 275 
ILE N     H      sing N N 276 
ILE N     H2     sing N N 277 
ILE CA    C      sing N N 278 
ILE CA    CB     sing N N 279 
ILE CA    HA     sing N N 280 
ILE C     O      doub N N 281 
ILE C     OXT    sing N N 282 
ILE CB    CG1    sing N N 283 
ILE CB    CG2    sing N N 284 
ILE CB    HB     sing N N 285 
ILE CG1   CD1    sing N N 286 
ILE CG1   HG12   sing N N 287 
ILE CG1   HG13   sing N N 288 
ILE CG2   HG21   sing N N 289 
ILE CG2   HG22   sing N N 290 
ILE CG2   HG23   sing N N 291 
ILE CD1   HD11   sing N N 292 
ILE CD1   HD12   sing N N 293 
ILE CD1   HD13   sing N N 294 
ILE OXT   HXT    sing N N 295 
LEU N     CA     sing N N 296 
LEU N     H      sing N N 297 
LEU N     H2     sing N N 298 
LEU CA    C      sing N N 299 
LEU CA    CB     sing N N 300 
LEU CA    HA     sing N N 301 
LEU C     O      doub N N 302 
LEU C     OXT    sing N N 303 
LEU CB    CG     sing N N 304 
LEU CB    HB2    sing N N 305 
LEU CB    HB3    sing N N 306 
LEU CG    CD1    sing N N 307 
LEU CG    CD2    sing N N 308 
LEU CG    HG     sing N N 309 
LEU CD1   HD11   sing N N 310 
LEU CD1   HD12   sing N N 311 
LEU CD1   HD13   sing N N 312 
LEU CD2   HD21   sing N N 313 
LEU CD2   HD22   sing N N 314 
LEU CD2   HD23   sing N N 315 
LEU OXT   HXT    sing N N 316 
LYS N     CA     sing N N 317 
LYS N     H      sing N N 318 
LYS N     H2     sing N N 319 
LYS CA    C      sing N N 320 
LYS CA    CB     sing N N 321 
LYS CA    HA     sing N N 322 
LYS C     O      doub N N 323 
LYS C     OXT    sing N N 324 
LYS CB    CG     sing N N 325 
LYS CB    HB2    sing N N 326 
LYS CB    HB3    sing N N 327 
LYS CG    CD     sing N N 328 
LYS CG    HG2    sing N N 329 
LYS CG    HG3    sing N N 330 
LYS CD    CE     sing N N 331 
LYS CD    HD2    sing N N 332 
LYS CD    HD3    sing N N 333 
LYS CE    NZ     sing N N 334 
LYS CE    HE2    sing N N 335 
LYS CE    HE3    sing N N 336 
LYS NZ    HZ1    sing N N 337 
LYS NZ    HZ2    sing N N 338 
LYS NZ    HZ3    sing N N 339 
LYS OXT   HXT    sing N N 340 
MET N     CA     sing N N 341 
MET N     H      sing N N 342 
MET N     H2     sing N N 343 
MET CA    C      sing N N 344 
MET CA    CB     sing N N 345 
MET CA    HA     sing N N 346 
MET C     O      doub N N 347 
MET C     OXT    sing N N 348 
MET CB    CG     sing N N 349 
MET CB    HB2    sing N N 350 
MET CB    HB3    sing N N 351 
MET CG    SD     sing N N 352 
MET CG    HG2    sing N N 353 
MET CG    HG3    sing N N 354 
MET SD    CE     sing N N 355 
MET CE    HE1    sing N N 356 
MET CE    HE2    sing N N 357 
MET CE    HE3    sing N N 358 
MET OXT   HXT    sing N N 359 
MSE N     CA     sing N N 360 
MSE N     H      sing N N 361 
MSE N     H2     sing N N 362 
MSE CA    C      sing N N 363 
MSE CA    CB     sing N N 364 
MSE CA    HA     sing N N 365 
MSE C     O      doub N N 366 
MSE C     OXT    sing N N 367 
MSE OXT   HXT    sing N N 368 
MSE CB    CG     sing N N 369 
MSE CB    HB2    sing N N 370 
MSE CB    HB3    sing N N 371 
MSE CG    SE     sing N N 372 
MSE CG    HG2    sing N N 373 
MSE CG    HG3    sing N N 374 
MSE SE    CE     sing N N 375 
MSE CE    HE1    sing N N 376 
MSE CE    HE2    sing N N 377 
MSE CE    HE3    sing N N 378 
PRO N     CA     sing N N 379 
PRO N     CD     sing N N 380 
PRO N     H      sing N N 381 
PRO CA    C      sing N N 382 
PRO CA    CB     sing N N 383 
PRO CA    HA     sing N N 384 
PRO C     O      doub N N 385 
PRO C     OXT    sing N N 386 
PRO CB    CG     sing N N 387 
PRO CB    HB2    sing N N 388 
PRO CB    HB3    sing N N 389 
PRO CG    CD     sing N N 390 
PRO CG    HG2    sing N N 391 
PRO CG    HG3    sing N N 392 
PRO CD    HD2    sing N N 393 
PRO CD    HD3    sing N N 394 
PRO OXT   HXT    sing N N 395 
SER N     CA     sing N N 396 
SER N     H      sing N N 397 
SER N     H2     sing N N 398 
SER CA    C      sing N N 399 
SER CA    CB     sing N N 400 
SER CA    HA     sing N N 401 
SER C     O      doub N N 402 
SER C     OXT    sing N N 403 
SER CB    OG     sing N N 404 
SER CB    HB2    sing N N 405 
SER CB    HB3    sing N N 406 
SER OG    HG     sing N N 407 
SER OXT   HXT    sing N N 408 
THR N     CA     sing N N 409 
THR N     H      sing N N 410 
THR N     H2     sing N N 411 
THR CA    C      sing N N 412 
THR CA    CB     sing N N 413 
THR CA    HA     sing N N 414 
THR C     O      doub N N 415 
THR C     OXT    sing N N 416 
THR CB    OG1    sing N N 417 
THR CB    CG2    sing N N 418 
THR CB    HB     sing N N 419 
THR OG1   HG1    sing N N 420 
THR CG2   HG21   sing N N 421 
THR CG2   HG22   sing N N 422 
THR CG2   HG23   sing N N 423 
THR OXT   HXT    sing N N 424 
TYR N     CA     sing N N 425 
TYR N     H      sing N N 426 
TYR N     H2     sing N N 427 
TYR CA    C      sing N N 428 
TYR CA    CB     sing N N 429 
TYR CA    HA     sing N N 430 
TYR C     O      doub N N 431 
TYR C     OXT    sing N N 432 
TYR CB    CG     sing N N 433 
TYR CB    HB2    sing N N 434 
TYR CB    HB3    sing N N 435 
TYR CG    CD1    doub Y N 436 
TYR CG    CD2    sing Y N 437 
TYR CD1   CE1    sing Y N 438 
TYR CD1   HD1    sing N N 439 
TYR CD2   CE2    doub Y N 440 
TYR CD2   HD2    sing N N 441 
TYR CE1   CZ     doub Y N 442 
TYR CE1   HE1    sing N N 443 
TYR CE2   CZ     sing Y N 444 
TYR CE2   HE2    sing N N 445 
TYR CZ    OH     sing N N 446 
TYR OH    HH     sing N N 447 
TYR OXT   HXT    sing N N 448 
VAL N     CA     sing N N 449 
VAL N     H      sing N N 450 
VAL N     H2     sing N N 451 
VAL CA    C      sing N N 452 
VAL CA    CB     sing N N 453 
VAL CA    HA     sing N N 454 
VAL C     O      doub N N 455 
VAL C     OXT    sing N N 456 
VAL CB    CG1    sing N N 457 
VAL CB    CG2    sing N N 458 
VAL CB    HB     sing N N 459 
VAL CG1   HG11   sing N N 460 
VAL CG1   HG12   sing N N 461 
VAL CG1   HG13   sing N N 462 
VAL CG2   HG21   sing N N 463 
VAL CG2   HG22   sing N N 464 
VAL CG2   HG23   sing N N 465 
VAL OXT   HXT    sing N N 466 
# 
_ndb_struct_conf_na.entry_id   2P2R 
_ndb_struct_conf_na.feature    'double helix' 
# 
_ndb_struct_na_base_pair.model_number      1 
_ndb_struct_na_base_pair.i_label_asym_id   A 
_ndb_struct_na_base_pair.i_label_comp_id   DA 
_ndb_struct_na_base_pair.i_label_seq_id    2 
_ndb_struct_na_base_pair.i_symmetry        1_555 
_ndb_struct_na_base_pair.j_label_asym_id   A 
_ndb_struct_na_base_pair.j_label_comp_id   DC 
_ndb_struct_na_base_pair.j_label_seq_id    3 
_ndb_struct_na_base_pair.j_symmetry        1_555 
_ndb_struct_na_base_pair.shear             -7.679 
_ndb_struct_na_base_pair.stretch           0.812 
_ndb_struct_na_base_pair.stagger           -0.539 
_ndb_struct_na_base_pair.buckle            6.834 
_ndb_struct_na_base_pair.propeller         -3.200 
_ndb_struct_na_base_pair.opening           -9.530 
_ndb_struct_na_base_pair.pair_number       1 
_ndb_struct_na_base_pair.pair_name         B_DA499:DC500_B 
_ndb_struct_na_base_pair.i_auth_asym_id    B 
_ndb_struct_na_base_pair.i_auth_seq_id     499 
_ndb_struct_na_base_pair.i_PDB_ins_code    ? 
_ndb_struct_na_base_pair.j_auth_asym_id    B 
_ndb_struct_na_base_pair.j_auth_seq_id     500 
_ndb_struct_na_base_pair.j_PDB_ins_code    ? 
_ndb_struct_na_base_pair.hbond_type_28     ? 
_ndb_struct_na_base_pair.hbond_type_12     ? 
# 
_atom_sites.entry_id                    2P2R 
_atom_sites.fract_transf_matrix[1][1]   0.00158911 
_atom_sites.fract_transf_matrix[1][2]   -0.00886762 
_atom_sites.fract_transf_matrix[1][3]   -0.01103246 
_atom_sites.fract_transf_matrix[2][1]   -0.00290538 
_atom_sites.fract_transf_matrix[2][2]   -0.01385966 
_atom_sites.fract_transf_matrix[2][3]   0.00152700 
_atom_sites.fract_transf_matrix[3][1]   -0.01078904 
_atom_sites.fract_transf_matrix[3][2]   0.00192041 
_atom_sites.fract_transf_matrix[3][3]   -0.00309762 
_atom_sites.fract_transf_vector[1]      0.476247 
_atom_sites.fract_transf_vector[2]      0.239519 
_atom_sites.fract_transf_vector[3]      0.490715 
# 
loop_
_atom_type.symbol 
C  
N  
O  
P  
S  
SE 
# 
loop_
_atom_site.group_PDB 
_atom_site.id 
_atom_site.type_symbol 
_atom_site.label_atom_id 
_atom_site.label_alt_id 
_atom_site.label_comp_id 
_atom_site.label_asym_id 
_atom_site.label_entity_id 
_atom_site.label_seq_id 
_atom_site.pdbx_PDB_ins_code 
_atom_site.Cartn_x 
_atom_site.Cartn_y 
_atom_site.Cartn_z 
_atom_site.occupancy 
_atom_site.B_iso_or_equiv 
_atom_site.pdbx_formal_charge 
_atom_site.auth_seq_id 
_atom_site.auth_comp_id 
_atom_site.auth_asym_id 
_atom_site.auth_atom_id 
_atom_site.pdbx_PDB_model_num 
ATOM   1   O  "O5'" . DA  A 1 1  ? 6.240   -12.464 17.925  1.00 42.38 ? 498 DA  B "O5'" 1 
ATOM   2   C  "C5'" . DA  A 1 1  ? 7.273   -11.828 18.679  1.00 41.59 ? 498 DA  B "C5'" 1 
ATOM   3   C  "C4'" . DA  A 1 1  ? 7.657   -10.484 18.075  1.00 40.73 ? 498 DA  B "C4'" 1 
ATOM   4   O  "O4'" . DA  A 1 1  ? 8.418   -10.694 16.860  1.00 40.96 ? 498 DA  B "O4'" 1 
ATOM   5   C  "C3'" . DA  A 1 1  ? 6.487   -9.582  17.693  1.00 40.08 ? 498 DA  B "C3'" 1 
ATOM   6   O  "O3'" . DA  A 1 1  ? 6.688   -8.264  18.137  1.00 37.06 ? 498 DA  B "O3'" 1 
ATOM   7   C  "C2'" . DA  A 1 1  ? 6.417   -9.596  16.174  1.00 40.35 ? 498 DA  B "C2'" 1 
ATOM   8   C  "C1'" . DA  A 1 1  ? 7.793   -10.074 15.757  1.00 41.00 ? 498 DA  B "C1'" 1 
ATOM   9   N  N9    . DA  A 1 1  ? 7.673   -11.048 14.686  1.00 41.62 ? 498 DA  B N9    1 
ATOM   10  C  C8    . DA  A 1 1  ? 7.174   -12.328 14.723  1.00 41.15 ? 498 DA  B C8    1 
ATOM   11  N  N7    . DA  A 1 1  ? 7.210   -12.929 13.550  1.00 41.42 ? 498 DA  B N7    1 
ATOM   12  C  C5    . DA  A 1 1  ? 7.760   -11.966 12.708  1.00 40.65 ? 498 DA  B C5    1 
ATOM   13  C  C6    . DA  A 1 1  ? 8.078   -11.948 11.337  1.00 40.49 ? 498 DA  B C6    1 
ATOM   14  N  N6    . DA  A 1 1  ? 7.867   -12.983 10.522  1.00 41.15 ? 498 DA  B N6    1 
ATOM   15  N  N1    . DA  A 1 1  ? 8.620   -10.813 10.834  1.00 41.36 ? 498 DA  B N1    1 
ATOM   16  C  C2    . DA  A 1 1  ? 8.840   -9.764  11.640  1.00 40.93 ? 498 DA  B C2    1 
ATOM   17  N  N3    . DA  A 1 1  ? 8.582   -9.667  12.941  1.00 40.26 ? 498 DA  B N3    1 
ATOM   18  C  C4    . DA  A 1 1  ? 8.048   -10.806 13.400  1.00 40.68 ? 498 DA  B C4    1 
ATOM   19  P  P     . DA  A 1 2  ? 5.393   -7.340  18.204  1.00 36.34 ? 499 DA  B P     1 
ATOM   20  O  OP1   . DA  A 1 2  ? 5.573   -6.366  19.310  1.00 38.44 ? 499 DA  B OP1   1 
ATOM   21  O  OP2   . DA  A 1 2  ? 4.160   -8.151  18.098  1.00 37.41 ? 499 DA  B OP2   1 
ATOM   22  O  "O5'" . DA  A 1 2  ? 5.512   -6.605  16.787  1.00 32.70 ? 499 DA  B "O5'" 1 
ATOM   23  C  "C5'" . DA  A 1 2  ? 6.659   -5.814  16.524  1.00 30.10 ? 499 DA  B "C5'" 1 
ATOM   24  C  "C4'" . DA  A 1 2  ? 6.500   -5.175  15.159  1.00 28.64 ? 499 DA  B "C4'" 1 
ATOM   25  O  "O4'" . DA  A 1 2  ? 6.511   -6.191  14.128  1.00 28.50 ? 499 DA  B "O4'" 1 
ATOM   26  C  "C3'" . DA  A 1 2  ? 5.215   -4.381  14.940  1.00 27.89 ? 499 DA  B "C3'" 1 
ATOM   27  O  "O3'" . DA  A 1 2  ? 5.551   -3.231  14.142  1.00 27.88 ? 499 DA  B "O3'" 1 
ATOM   28  C  "C2'" . DA  A 1 2  ? 4.330   -5.340  14.155  1.00 29.63 ? 499 DA  B "C2'" 1 
ATOM   29  C  "C1'" . DA  A 1 2  ? 5.363   -6.102  13.318  1.00 29.12 ? 499 DA  B "C1'" 1 
ATOM   30  N  N9    . DA  A 1 2  ? 4.994   -7.471  12.973  1.00 28.13 ? 499 DA  B N9    1 
ATOM   31  C  C8    . DA  A 1 2  ? 4.225   -8.350  13.693  1.00 28.33 ? 499 DA  B C8    1 
ATOM   32  N  N7    . DA  A 1 2  ? 4.088   -9.527  13.129  1.00 28.82 ? 499 DA  B N7    1 
ATOM   33  C  C5    . DA  A 1 2  ? 4.802   -9.404  11.949  1.00 27.95 ? 499 DA  B C5    1 
ATOM   34  C  C6    . DA  A 1 2  ? 5.047   -10.305 10.887  1.00 28.70 ? 499 DA  B C6    1 
ATOM   35  N  N6    . DA  A 1 2  ? 4.557   -11.547 10.857  1.00 29.80 ? 499 DA  B N6    1 
ATOM   36  N  N1    . DA  A 1 2  ? 5.823   -9.871  9.867   1.00 28.86 ? 499 DA  B N1    1 
ATOM   37  C  C2    . DA  A 1 2  ? 6.305   -8.623  9.902   1.00 28.46 ? 499 DA  B C2    1 
ATOM   38  N  N3    . DA  A 1 2  ? 6.143   -7.682  10.843  1.00 27.49 ? 499 DA  B N3    1 
ATOM   39  C  C4    . DA  A 1 2  ? 5.382   -8.155  11.852  1.00 28.70 ? 499 DA  B C4    1 
ATOM   40  P  P     . DC  A 1 3  ? 4.565   -1.965  14.058  1.00 28.23 ? 500 DC  B P     1 
ATOM   41  O  OP1   . DC  A 1 3  ? 4.138   -1.575  15.429  1.00 29.49 ? 500 DC  B OP1   1 
ATOM   42  O  OP2   . DC  A 1 3  ? 3.576   -2.196  12.990  1.00 28.69 ? 500 DC  B OP2   1 
ATOM   43  O  "O5'" . DC  A 1 3  ? 5.565   -0.878  13.464  1.00 28.76 ? 500 DC  B "O5'" 1 
ATOM   44  C  "C5'" . DC  A 1 3  ? 6.535   -0.234  14.285  1.00 27.54 ? 500 DC  B "C5'" 1 
ATOM   45  C  "C4'" . DC  A 1 3  ? 7.523   0.529   13.403  1.00 28.85 ? 500 DC  B "C4'" 1 
ATOM   46  O  "O4'" . DC  A 1 3  ? 8.438   -0.391  12.775  1.00 28.24 ? 500 DC  B "O4'" 1 
ATOM   47  C  "C3'" . DC  A 1 3  ? 6.906   1.328   12.255  1.00 27.11 ? 500 DC  B "C3'" 1 
ATOM   48  O  "O3'" . DC  A 1 3  ? 7.666   2.526   11.994  1.00 28.85 ? 500 DC  B "O3'" 1 
ATOM   49  C  "C2'" . DC  A 1 3  ? 6.978   0.381   11.072  1.00 26.79 ? 500 DC  B "C2'" 1 
ATOM   50  C  "C1'" . DC  A 1 3  ? 8.280   -0.360  11.374  1.00 28.33 ? 500 DC  B "C1'" 1 
ATOM   51  N  N1    . DC  A 1 3  ? 8.276   -1.736  10.836  1.00 28.42 ? 500 DC  B N1    1 
ATOM   52  C  C2    . DC  A 1 3  ? 8.993   -2.063  9.670   1.00 29.04 ? 500 DC  B C2    1 
ATOM   53  O  O2    . DC  A 1 3  ? 9.670   -1.204  9.070   1.00 27.92 ? 500 DC  B O2    1 
ATOM   54  N  N3    . DC  A 1 3  ? 8.932   -3.352  9.223   1.00 28.10 ? 500 DC  B N3    1 
ATOM   55  C  C4    . DC  A 1 3  ? 8.198   -4.273  9.877   1.00 29.15 ? 500 DC  B C4    1 
ATOM   56  N  N4    . DC  A 1 3  ? 8.176   -5.531  9.407   1.00 29.72 ? 500 DC  B N4    1 
ATOM   57  C  C5    . DC  A 1 3  ? 7.477   -3.953  11.064  1.00 29.63 ? 500 DC  B C5    1 
ATOM   58  C  C6    . DC  A 1 3  ? 7.536   -2.687  11.495  1.00 29.16 ? 500 DC  B C6    1 
ATOM   59  P  P     . DC  A 1 4  ? 7.340   3.874   12.786  1.00 29.32 ? 501 DC  B P     1 
ATOM   60  O  OP1   . DC  A 1 4  ? 8.418   4.826   12.467  1.00 26.99 ? 501 DC  B OP1   1 
ATOM   61  O  OP2   . DC  A 1 4  ? 7.024   3.590   14.212  1.00 29.81 ? 501 DC  B OP2   1 
ATOM   62  O  "O5'" . DC  A 1 4  ? 5.966   4.333   12.110  1.00 30.16 ? 501 DC  B "O5'" 1 
ATOM   63  C  "C5'" . DC  A 1 4  ? 5.935   4.969   10.820  1.00 32.48 ? 501 DC  B "C5'" 1 
ATOM   64  C  "C4'" . DC  A 1 4  ? 4.587   5.635   10.590  1.00 32.68 ? 501 DC  B "C4'" 1 
ATOM   65  O  "O4'" . DC  A 1 4  ? 3.572   4.648   10.280  1.00 31.37 ? 501 DC  B "O4'" 1 
ATOM   66  C  "C3'" . DC  A 1 4  ? 3.984   6.443   11.731  1.00 33.62 ? 501 DC  B "C3'" 1 
ATOM   67  O  "O3'" . DC  A 1 4  ? 3.267   7.487   11.130  1.00 34.91 ? 501 DC  B "O3'" 1 
ATOM   68  C  "C2'" . DC  A 1 4  ? 3.011   5.486   12.417  1.00 31.61 ? 501 DC  B "C2'" 1 
ATOM   69  C  "C1'" . DC  A 1 4  ? 2.513   4.689   11.218  1.00 31.85 ? 501 DC  B "C1'" 1 
ATOM   70  N  N1    . DC  A 1 4  ? 2.193   3.285   11.517  1.00 31.80 ? 501 DC  B N1    1 
ATOM   71  C  C2    . DC  A 1 4  ? 0.882   2.813   11.311  1.00 32.43 ? 501 DC  B C2    1 
ATOM   72  O  O2    . DC  A 1 4  ? -0.017  3.604   10.941  1.00 32.45 ? 501 DC  B O2    1 
ATOM   73  N  N3    . DC  A 1 4  ? 0.628   1.510   11.563  1.00 30.54 ? 501 DC  B N3    1 
ATOM   74  C  C4    . DC  A 1 4  ? 1.597   0.669   11.978  1.00 30.45 ? 501 DC  B C4    1 
ATOM   75  N  N4    . DC  A 1 4  ? 1.301   -0.611  12.220  1.00 29.98 ? 501 DC  B N4    1 
ATOM   76  C  C5    . DC  A 1 4  ? 2.940   1.131   12.165  1.00 31.80 ? 501 DC  B C5    1 
ATOM   77  C  C6    . DC  A 1 4  ? 3.187   2.425   11.932  1.00 32.68 ? 501 DC  B C6    1 
ATOM   78  P  P     . DC  A 1 5  ? 3.754   9.017   11.106  1.00 34.32 ? 502 DC  B P     1 
ATOM   79  O  OP1   . DC  A 1 5  ? 5.044   9.203   11.827  1.00 34.84 ? 502 DC  B OP1   1 
ATOM   80  O  OP2   . DC  A 1 5  ? 2.536   9.741   11.536  1.00 36.97 ? 502 DC  B OP2   1 
ATOM   81  O  "O5'" . DC  A 1 5  ? 3.952   9.321   9.557   1.00 34.62 ? 502 DC  B "O5'" 1 
ATOM   82  C  "C5'" . DC  A 1 5  ? 5.207   9.201   8.876   1.00 31.73 ? 502 DC  B "C5'" 1 
ATOM   83  C  "C4'" . DC  A 1 5  ? 4.990   8.687   7.468   1.00 32.36 ? 502 DC  B "C4'" 1 
ATOM   84  O  "O4'" . DC  A 1 5  ? 4.339   7.394   7.539   1.00 30.49 ? 502 DC  B "O4'" 1 
ATOM   85  C  "C3'" . DC  A 1 5  ? 4.060   9.507   6.584   1.00 30.08 ? 502 DC  B "C3'" 1 
ATOM   86  O  "O3'" . DC  A 1 5  ? 4.805   10.507  5.928   1.00 31.60 ? 502 DC  B "O3'" 1 
ATOM   87  C  "C2'" . DC  A 1 5  ? 3.580   8.486   5.563   1.00 30.35 ? 502 DC  B "C2'" 1 
ATOM   88  C  "C1'" . DC  A 1 5  ? 3.533   7.211   6.387   1.00 30.23 ? 502 DC  B "C1'" 1 
ATOM   89  N  N1    . DC  A 1 5  ? 2.134   6.865   6.805   1.00 29.05 ? 502 DC  B N1    1 
ATOM   90  C  C2    . DC  A 1 5  ? 1.233   6.471   5.806   1.00 29.97 ? 502 DC  B C2    1 
ATOM   91  O  O2    . DC  A 1 5  ? 1.601   6.410   4.619   1.00 29.38 ? 502 DC  B O2    1 
ATOM   92  N  N3    . DC  A 1 5  ? -0.038  6.153   6.144   1.00 29.65 ? 502 DC  B N3    1 
ATOM   93  C  C4    . DC  A 1 5  ? -0.432  6.188   7.420   1.00 30.13 ? 502 DC  B C4    1 
ATOM   94  N  N4    . DC  A 1 5  ? -1.712  5.854   7.682   1.00 29.04 ? 502 DC  B N4    1 
ATOM   95  C  C5    . DC  A 1 5  ? 0.462   6.609   8.469   1.00 29.36 ? 502 DC  B C5    1 
ATOM   96  C  C6    . DC  A 1 5  ? 1.727   6.934   8.136   1.00 30.15 ? 502 DC  B C6    1 
ATOM   97  P  P     . DT  A 1 6  ? 4.138   11.918  5.559   1.00 32.34 ? 503 DT  B P     1 
ATOM   98  O  OP1   . DT  A 1 6  ? 5.195   12.661  4.844   1.00 31.68 ? 503 DT  B OP1   1 
ATOM   99  O  OP2   . DT  A 1 6  ? 3.562   12.472  6.810   1.00 30.55 ? 503 DT  B OP2   1 
ATOM   100 O  "O5'" . DT  A 1 6  ? 2.899   11.673  4.584   1.00 30.98 ? 503 DT  B "O5'" 1 
ATOM   101 C  "C5'" . DT  A 1 6  ? 3.059   11.202  3.248   1.00 30.88 ? 503 DT  B "C5'" 1 
ATOM   102 C  "C4'" . DT  A 1 6  ? 1.727   10.736  2.689   1.00 30.72 ? 503 DT  B "C4'" 1 
ATOM   103 O  "O4'" . DT  A 1 6  ? 1.061   9.897   3.666   1.00 30.63 ? 503 DT  B "O4'" 1 
ATOM   104 C  "C3'" . DT  A 1 6  ? 0.707   11.819  2.363   1.00 31.03 ? 503 DT  B "C3'" 1 
ATOM   105 O  "O3'" . DT  A 1 6  ? -0.145  11.329  1.335   1.00 34.16 ? 503 DT  B "O3'" 1 
ATOM   106 C  "C2'" . DT  A 1 6  ? -0.079  11.908  3.663   1.00 30.47 ? 503 DT  B "C2'" 1 
ATOM   107 C  "C1'" . DT  A 1 6  ? -0.230  10.421  3.928   1.00 31.37 ? 503 DT  B "C1'" 1 
ATOM   108 N  N1    . DT  A 1 6  ? -0.650  10.099  5.318   1.00 30.37 ? 503 DT  B N1    1 
ATOM   109 C  C2    . DT  A 1 6  ? -1.832  9.407   5.506   1.00 30.79 ? 503 DT  B C2    1 
ATOM   110 O  O2    . DT  A 1 6  ? -2.575  9.049   4.620   1.00 30.82 ? 503 DT  B O2    1 
ATOM   111 N  N3    . DT  A 1 6  ? -2.137  9.152   6.814   1.00 30.19 ? 503 DT  B N3    1 
ATOM   112 C  C4    . DT  A 1 6  ? -1.397  9.497   7.922   1.00 31.77 ? 503 DT  B C4    1 
ATOM   113 O  O4    . DT  A 1 6  ? -1.784  9.219   9.048   1.00 31.54 ? 503 DT  B O4    1 
ATOM   114 C  C5    . DT  A 1 6  ? -0.176  10.226  7.665   1.00 32.02 ? 503 DT  B C5    1 
ATOM   115 C  C7    . DT  A 1 6  ? 0.703   10.675  8.800   1.00 32.17 ? 503 DT  B C7    1 
ATOM   116 C  C6    . DT  A 1 6  ? 0.142   10.493  6.384   1.00 32.07 ? 503 DT  B C6    1 
ATOM   117 P  P     . DA  A 1 7  ? -0.464  12.161  0.008   1.00 36.55 ? 504 DA  B P     1 
ATOM   118 O  OP1   . DA  A 1 7  ? -1.094  11.260  -0.986  1.00 33.60 ? 504 DA  B OP1   1 
ATOM   119 O  OP2   . DA  A 1 7  ? 0.762   12.912  -0.376  1.00 36.18 ? 504 DA  B OP2   1 
ATOM   120 O  "O5'" . DA  A 1 7  ? -1.581  13.272  0.381   1.00 40.53 ? 504 DA  B "O5'" 1 
ATOM   121 C  "C5'" . DA  A 1 7  ? -1.675  13.997  1.622   1.00 48.01 ? 504 DA  B "C5'" 1 
ATOM   122 C  "C4'" . DA  A 1 7  ? -3.034  13.812  2.292   1.00 52.34 ? 504 DA  B "C4'" 1 
ATOM   123 O  "O4'" . DA  A 1 7  ? -3.054  12.685  3.212   1.00 54.71 ? 504 DA  B "O4'" 1 
ATOM   124 C  "C3'" . DA  A 1 7  ? -3.493  14.951  3.188   1.00 54.14 ? 504 DA  B "C3'" 1 
ATOM   125 O  "O3'" . DA  A 1 7  ? -3.933  16.061  2.409   1.00 55.22 ? 504 DA  B "O3'" 1 
ATOM   126 C  "C2'" . DA  A 1 7  ? -4.645  14.282  3.939   1.00 55.19 ? 504 DA  B "C2'" 1 
ATOM   127 C  "C1'" . DA  A 1 7  ? -4.152  12.842  4.106   1.00 57.01 ? 504 DA  B "C1'" 1 
ATOM   128 N  N9    . DA  A 1 7  ? -3.794  12.530  5.499   1.00 57.56 ? 504 DA  B N9    1 
ATOM   129 C  C8    . DA  A 1 7  ? -2.582  12.728  6.103   1.00 58.18 ? 504 DA  B C8    1 
ATOM   130 N  N7    . DA  A 1 7  ? -2.547  12.373  7.368   1.00 58.52 ? 504 DA  B N7    1 
ATOM   131 C  C5    . DA  A 1 7  ? -3.826  11.907  7.627   1.00 58.29 ? 504 DA  B C5    1 
ATOM   132 C  C6    . DA  A 1 7  ? -4.443  11.385  8.794   1.00 58.31 ? 504 DA  B C6    1 
ATOM   133 N  N6    . DA  A 1 7  ? -3.807  11.238  9.963   1.00 58.15 ? 504 DA  B N6    1 
ATOM   134 N  N1    . DA  A 1 7  ? -5.745  11.015  8.718   1.00 58.02 ? 504 DA  B N1    1 
ATOM   135 C  C2    . DA  A 1 7  ? -6.385  11.159  7.550   1.00 58.06 ? 504 DA  B C2    1 
ATOM   136 N  N3    . DA  A 1 7  ? -5.910  11.638  6.394   1.00 58.24 ? 504 DA  B N3    1 
ATOM   137 C  C4    . DA  A 1 7  ? -4.612  12.001  6.488   1.00 58.19 ? 504 DA  B C4    1 
ATOM   138 N  N     . GLN B 2 3  ? -5.928  7.618   -18.126 1.00 47.64 ? 286 GLN A N     1 
ATOM   139 C  CA    . GLN B 2 3  ? -6.647  6.658   -17.234 1.00 47.04 ? 286 GLN A CA    1 
ATOM   140 C  C     . GLN B 2 3  ? -6.413  6.997   -15.758 1.00 46.14 ? 286 GLN A C     1 
ATOM   141 O  O     . GLN B 2 3  ? -5.289  7.324   -15.367 1.00 46.56 ? 286 GLN A O     1 
ATOM   142 C  CB    . GLN B 2 3  ? -6.276  5.191   -17.565 1.00 47.65 ? 286 GLN A CB    1 
ATOM   143 C  CG    . GLN B 2 3  ? -4.860  4.704   -17.166 1.00 47.83 ? 286 GLN A CG    1 
ATOM   144 C  CD    . GLN B 2 3  ? -3.771  5.071   -18.171 1.00 49.60 ? 286 GLN A CD    1 
ATOM   145 O  OE1   . GLN B 2 3  ? -3.257  4.210   -18.892 1.00 50.44 ? 286 GLN A OE1   1 
ATOM   146 N  NE2   . GLN B 2 3  ? -3.409  6.351   -18.215 1.00 51.34 ? 286 GLN A NE2   1 
ATOM   147 N  N     . THR B 2 4  ? -7.488  6.971   -14.966 1.00 44.53 ? 287 THR A N     1 
ATOM   148 C  CA    . THR B 2 4  ? -7.405  7.174   -13.506 1.00 42.73 ? 287 THR A CA    1 
ATOM   149 C  C     . THR B 2 4  ? -8.536  6.479   -12.730 1.00 41.05 ? 287 THR A C     1 
ATOM   150 O  O     . THR B 2 4  ? -9.697  6.903   -12.759 1.00 40.75 ? 287 THR A O     1 
ATOM   151 C  CB    . THR B 2 4  ? -7.285  8.680   -13.102 1.00 43.16 ? 287 THR A CB    1 
ATOM   152 O  OG1   . THR B 2 4  ? -7.321  8.796   -11.673 1.00 43.53 ? 287 THR A OG1   1 
ATOM   153 C  CG2   . THR B 2 4  ? -8.406  9.526   -13.717 1.00 43.66 ? 287 THR A CG2   1 
ATOM   154 N  N     . THR B 2 5  ? -8.171  5.405   -12.035 1.00 38.69 ? 288 THR A N     1 
ATOM   155 C  CA    . THR B 2 5  ? -9.116  4.603   -11.253 1.00 37.03 ? 288 THR A CA    1 
ATOM   156 C  C     . THR B 2 5  ? -8.505  4.291   -9.883  1.00 35.68 ? 288 THR A C     1 
ATOM   157 O  O     . THR B 2 5  ? -7.367  4.680   -9.614  1.00 34.28 ? 288 THR A O     1 
ATOM   158 C  CB    . THR B 2 5  ? -9.457  3.275   -11.962 1.00 37.07 ? 288 THR A CB    1 
ATOM   159 O  OG1   . THR B 2 5  ? -8.257  2.518   -12.158 1.00 37.08 ? 288 THR A OG1   1 
ATOM   160 C  CG2   . THR B 2 5  ? -10.134 3.519   -13.317 1.00 37.59 ? 288 THR A CG2   1 
ATOM   161 N  N     . SER B 2 6  ? -9.270  3.603   -9.032  1.00 34.81 ? 289 SER A N     1 
ATOM   162 C  CA    . SER B 2 6  ? -8.820  3.207   -7.683  1.00 34.42 ? 289 SER A CA    1 
ATOM   163 C  C     . SER B 2 6  ? -8.920  1.696   -7.480  1.00 33.52 ? 289 SER A C     1 
ATOM   164 O  O     . SER B 2 6  ? -9.888  1.076   -7.921  1.00 34.33 ? 289 SER A O     1 
ATOM   165 C  CB    . SER B 2 6  ? -9.660  3.908   -6.607  1.00 35.01 ? 289 SER A CB    1 
ATOM   166 O  OG    . SER B 2 6  ? -9.361  5.296   -6.515  1.00 36.97 ? 289 SER A OG    1 
ATOM   167 N  N     . HIS B 2 7  ? -7.920  1.111   -6.817  0.50 31.47 ? 290 HIS A N     1 
ATOM   168 C  CA    A HIS B 2 7  ? -7.927  -0.267  -6.403  0.00 32.47 ? 290 HIS A CA    1 
ATOM   169 C  CA    B HIS B 2 7  ? -7.941  -0.301  -6.423  1.00 30.60 ? 290 HIS A CA    1 
ATOM   170 C  C     . HIS B 2 7  ? -7.909  -0.366  -4.894  0.50 28.73 ? 290 HIS A C     1 
ATOM   171 O  O     . HIS B 2 7  ? -7.115  0.329   -4.272  0.50 26.32 ? 290 HIS A O     1 
ATOM   172 C  CB    A HIS B 2 7  ? -6.677  -0.938  -6.973  0.00 32.51 ? 290 HIS A CB    1 
ATOM   173 C  CB    B HIS B 2 7  ? -6.687  -1.001  -6.914  1.00 30.79 ? 290 HIS A CB    1 
ATOM   174 C  CG    A HIS B 2 7  ? -6.573  -2.404  -6.676  0.00 34.43 ? 290 HIS A CG    1 
ATOM   175 C  CG    B HIS B 2 7  ? -6.773  -1.525  -8.316  1.00 34.47 ? 290 HIS A CG    1 
ATOM   176 N  ND1   A HIS B 2 7  ? -5.800  -2.909  -5.651  0.00 36.01 ? 290 HIS A ND1   1 
ATOM   177 N  ND1   B HIS B 2 7  ? -7.266  -0.786  -9.371  1.00 38.43 ? 290 HIS A ND1   1 
ATOM   178 C  CD2   A HIS B 2 7  ? -7.171  -3.471  -7.256  0.00 35.29 ? 290 HIS A CD2   1 
ATOM   179 C  CD2   B HIS B 2 7  ? -6.380  -2.711  -8.839  1.00 37.11 ? 290 HIS A CD2   1 
ATOM   180 C  CE1   A HIS B 2 7  ? -5.914  -4.225  -5.624  0.00 35.33 ? 290 HIS A CE1   1 
ATOM   181 C  CE1   B HIS B 2 7  ? -7.194  -1.504  -10.480 1.00 37.90 ? 290 HIS A CE1   1 
ATOM   182 N  NE2   A HIS B 2 7  ? -6.740  -4.591  -6.588  0.00 35.97 ? 290 HIS A NE2   1 
ATOM   183 N  NE2   B HIS B 2 7  ? -6.661  -2.676  -10.183 1.00 38.60 ? 290 HIS A NE2   1 
ATOM   184 N  N     . GLU B 2 8  ? -8.734  -1.227  -4.297  1.00 28.73 ? 291 GLU A N     1 
ATOM   185 C  CA    . GLU B 2 8  ? -8.828  -1.320  -2.839  1.00 29.57 ? 291 GLU A CA    1 
ATOM   186 C  C     . GLU B 2 8  ? -8.343  -2.686  -2.363  1.00 27.79 ? 291 GLU A C     1 
ATOM   187 O  O     . GLU B 2 8  ? -8.670  -3.720  -2.963  1.00 27.42 ? 291 GLU A O     1 
ATOM   188 C  CB    . GLU B 2 8  ? -10.285 -1.116  -2.404  1.00 29.34 ? 291 GLU A CB    1 
ATOM   189 C  CG    . GLU B 2 8  ? -10.497 -0.956  -0.910  1.00 33.75 ? 291 GLU A CG    1 
ATOM   190 C  CD    . GLU B 2 8  ? -11.965 -0.773  -0.521  1.00 34.50 ? 291 GLU A CD    1 
ATOM   191 O  OE1   . GLU B 2 8  ? -12.249 0.144   0.280   1.00 40.04 ? 291 GLU A OE1   1 
ATOM   192 O  OE2   . GLU B 2 8  ? -12.831 -1.552  -0.993  1.00 41.22 ? 291 GLU A OE2   1 
ATOM   193 N  N     . LEU B 2 9  ? -7.543  -2.687  -1.309  1.00 26.03 ? 292 LEU A N     1 
ATOM   194 C  CA    . LEU B 2 9  ? -7.195  -3.937  -0.640  1.00 26.43 ? 292 LEU A CA    1 
ATOM   195 C  C     . LEU B 2 9  ? -7.153  -3.769  0.855   1.00 25.38 ? 292 LEU A C     1 
ATOM   196 O  O     . LEU B 2 9  ? -7.221  -2.656  1.367   1.00 25.79 ? 292 LEU A O     1 
ATOM   197 C  CB    . LEU B 2 9  ? -5.881  -4.517  -1.136  1.00 28.11 ? 292 LEU A CB    1 
ATOM   198 C  CG    . LEU B 2 9  ? -4.594  -3.721  -1.025  1.00 29.42 ? 292 LEU A CG    1 
ATOM   199 C  CD1   . LEU B 2 9  ? -3.401  -4.659  -1.093  1.00 34.00 ? 292 LEU A CD1   1 
ATOM   200 C  CD2   . LEU B 2 9  ? -4.498  -2.708  -2.151  1.00 32.57 ? 292 LEU A CD2   1 
ATOM   201 N  N     . THR B 2 10 ? -7.063  -4.899  1.536   1.00 24.00 ? 293 THR A N     1 
ATOM   202 C  CA    . THR B 2 10 ? -7.059  -4.944  2.971   1.00 25.52 ? 293 THR A CA    1 
ATOM   203 C  C     . THR B 2 10 ? -5.794  -5.676  3.388   1.00 24.74 ? 293 THR A C     1 
ATOM   204 O  O     . THR B 2 10 ? -5.494  -6.739  2.820   1.00 25.47 ? 293 THR A O     1 
ATOM   205 C  CB    . THR B 2 10 ? -8.338  -5.703  3.368   1.00 26.20 ? 293 THR A CB    1 
ATOM   206 O  OG1   . THR B 2 10 ? -9.453  -4.810  3.222   1.00 31.03 ? 293 THR A OG1   1 
ATOM   207 C  CG2   . THR B 2 10 ? -8.267  -6.250  4.737   1.00 29.46 ? 293 THR A CG2   1 
ATOM   208 N  N     . ILE B 2 11 ? -5.057  -5.128  4.361   1.00 23.08 ? 294 ILE A N     1 
ATOM   209 C  CA    . ILE B 2 11 ? -3.798  -5.724  4.819   1.00 22.55 ? 294 ILE A CA    1 
ATOM   210 C  C     . ILE B 2 11 ? -3.850  -5.867  6.338   1.00 22.49 ? 294 ILE A C     1 
ATOM   211 O  O     . ILE B 2 11 ? -4.153  -4.901  7.021   1.00 23.06 ? 294 ILE A O     1 
ATOM   212 C  CB    . ILE B 2 11 ? -2.563  -4.852  4.396   1.00 23.63 ? 294 ILE A CB    1 
ATOM   213 C  CG1   . ILE B 2 11 ? -2.521  -4.678  2.863   1.00 24.69 ? 294 ILE A CG1   1 
ATOM   214 C  CG2   . ILE B 2 11 ? -1.252  -5.419  4.960   1.00 23.86 ? 294 ILE A CG2   1 
ATOM   215 C  CD1   . ILE B 2 11 ? -2.152  -5.916  2.115   1.00 28.58 ? 294 ILE A CD1   1 
ATOM   216 N  N     . PRO B 2 12 ? -3.572  -7.076  6.866   1.00 21.77 ? 295 PRO A N     1 
ATOM   217 C  CA    . PRO B 2 12 ? -3.601  -7.253  8.334   1.00 21.80 ? 295 PRO A CA    1 
ATOM   218 C  C     . PRO B 2 12 ? -2.712  -6.253  9.079   1.00 21.30 ? 295 PRO A C     1 
ATOM   219 O  O     . PRO B 2 12 ? -1.648  -5.846  8.559   1.00 21.67 ? 295 PRO A O     1 
ATOM   220 C  CB    . PRO B 2 12 ? -3.074  -8.677  8.534   1.00 22.64 ? 295 PRO A CB    1 
ATOM   221 C  CG    . PRO B 2 12 ? -3.425  -9.365  7.296   1.00 22.14 ? 295 PRO A CG    1 
ATOM   222 C  CD    . PRO B 2 12 ? -3.260  -8.338  6.173   1.00 22.55 ? 295 PRO A CD    1 
ATOM   223 N  N     . ASN B 2 13 ? -3.145  -5.887  10.285  1.00 21.05 ? 296 ASN A N     1 
ATOM   224 C  CA    . ASN B 2 13 ? -2.424  -4.921  11.105  1.00 20.00 ? 296 ASN A CA    1 
ATOM   225 C  C     . ASN B 2 13 ? -0.978  -5.281  11.325  1.00 20.53 ? 296 ASN A C     1 
ATOM   226 O  O     . ASN B 2 13 ? -0.126  -4.378  11.421  1.00 20.83 ? 296 ASN A O     1 
ATOM   227 C  CB    . ASN B 2 13 ? -3.052  -4.758  12.493  1.00 20.50 ? 296 ASN A CB    1 
ATOM   228 C  CG    . ASN B 2 13 ? -4.440  -4.146  12.471  1.00 21.30 ? 296 ASN A CG    1 
ATOM   229 O  OD1   . ASN B 2 13 ? -5.196  -4.252  13.478  1.00 25.37 ? 296 ASN A OD1   1 
ATOM   230 N  ND2   . ASN B 2 13 ? -4.799  -3.509  11.378  1.00 22.14 ? 296 ASN A ND2   1 
ATOM   231 N  N     . ASP B 2 14 ? -0.700  -6.583  11.446  1.00 19.77 ? 297 ASP A N     1 
ATOM   232 C  CA    . ASP B 2 14 ? 0.658   -7.021  11.729  1.00 20.88 ? 297 ASP A CA    1 
ATOM   233 C  C     . ASP B 2 14 ? 1.578   -7.047  10.510  1.00 21.24 ? 297 ASP A C     1 
ATOM   234 O  O     . ASP B 2 14 ? 2.759   -7.333  10.660  1.00 22.72 ? 297 ASP A O     1 
ATOM   235 C  CB    . ASP B 2 14 ? 0.687   -8.353  12.507  1.00 21.44 ? 297 ASP A CB    1 
ATOM   236 C  CG    . ASP B 2 14 ? -0.036  -9.491  11.801  1.00 24.00 ? 297 ASP A CG    1 
ATOM   237 O  OD1   . ASP B 2 14 ? -0.729  -9.277  10.784  1.00 24.50 ? 297 ASP A OD1   1 
ATOM   238 O  OD2   . ASP B 2 14 ? 0.088   -10.640 12.300  1.00 28.54 ? 297 ASP A OD2   1 
ATOM   239 N  N     . LEU B 2 15 ? 1.043   -6.745  9.325   1.00 20.31 ? 298 LEU A N     1 
ATOM   240 C  CA    . LEU B 2 15 ? 1.854   -6.712  8.092   1.00 21.24 ? 298 LEU A CA    1 
ATOM   241 C  C     . LEU B 2 15 ? 2.005   -5.321  7.494   1.00 21.86 ? 298 LEU A C     1 
ATOM   242 O  O     . LEU B 2 15 ? 2.832   -5.100  6.596   1.00 22.96 ? 298 LEU A O     1 
ATOM   243 C  CB    . LEU B 2 15 ? 1.233   -7.635  7.041   1.00 21.75 ? 298 LEU A CB    1 
ATOM   244 C  CG    . LEU B 2 15 ? 1.064   -9.091  7.465   1.00 22.50 ? 298 LEU A CG    1 
ATOM   245 C  CD1   . LEU B 2 15 ? 0.443   -9.909  6.344   1.00 25.00 ? 298 LEU A CD1   1 
ATOM   246 C  CD2   . LEU B 2 15 ? 2.391   -9.708  7.919   1.00 25.62 ? 298 LEU A CD2   1 
ATOM   247 N  N     . ILE B 2 16 ? 1.218   -4.373  7.989   1.00 21.77 ? 299 ILE A N     1 
ATOM   248 C  CA    . ILE B 2 16 ? 1.248   -3.040  7.388   1.00 23.39 ? 299 ILE A CA    1 
ATOM   249 C  C     . ILE B 2 16 ? 2.512   -2.251  7.748   1.00 23.21 ? 299 ILE A C     1 
ATOM   250 O  O     . ILE B 2 16 ? 2.949   -1.392  6.979   1.00 23.78 ? 299 ILE A O     1 
ATOM   251 C  CB    . ILE B 2 16 ? -0.061  -2.264  7.676   1.00 23.99 ? 299 ILE A CB    1 
ATOM   252 C  CG1   . ILE B 2 16 ? -0.220  -1.116  6.661   1.00 26.51 ? 299 ILE A CG1   1 
ATOM   253 C  CG2   . ILE B 2 16 ? -0.115  -1.833  9.118   1.00 26.92 ? 299 ILE A CG2   1 
ATOM   254 C  CD1   . ILE B 2 16 ? -0.651  -1.575  5.308   1.00 29.31 ? 299 ILE A CD1   1 
ATOM   255 N  N     . GLY B 2 17 ? 3.117   -2.546  8.895   1.00 24.23 ? 300 GLY A N     1 
ATOM   256 C  CA    . GLY B 2 17 ? 4.358   -1.861  9.275   1.00 26.37 ? 300 GLY A CA    1 
ATOM   257 C  C     . GLY B 2 17 ? 5.497   -2.119  8.307   1.00 27.94 ? 300 GLY A C     1 
ATOM   258 O  O     . GLY B 2 17 ? 6.333   -1.234  8.072   1.00 27.47 ? 300 GLY A O     1 
ATOM   259 N  N     . CYS B 2 18 ? 5.525   -3.319  7.733   1.00 29.97 ? 301 CYS A N     1 
ATOM   260 C  CA    . CYS B 2 18 ? 6.528   -3.691  6.719   1.00 30.34 ? 301 CYS A CA    1 
ATOM   261 C  C     . CYS B 2 18 ? 6.379   -2.890  5.435   1.00 28.90 ? 301 CYS A C     1 
ATOM   262 O  O     . CYS B 2 18 ? 7.366   -2.629  4.738   1.00 29.73 ? 301 CYS A O     1 
ATOM   263 C  CB    . CYS B 2 18 ? 6.374   -5.160  6.402   1.00 31.80 ? 301 CYS A CB    1 
ATOM   264 S  SG    . CYS B 2 18 ? 7.467   -5.852  5.179   1.00 38.35 ? 301 CYS A SG    1 
ATOM   265 N  N     . ILE B 2 19 ? 5.138   -2.556  5.107   1.00 26.87 ? 302 ILE A N     1 
ATOM   266 C  CA    A ILE B 2 19 ? 4.821   -1.749  3.935   0.50 26.75 ? 302 ILE A CA    1 
ATOM   267 C  CA    B ILE B 2 19 ? 4.843   -1.752  3.925   0.50 26.18 ? 302 ILE A CA    1 
ATOM   268 C  C     . ILE B 2 19 ? 5.178   -0.288  4.189   1.00 25.98 ? 302 ILE A C     1 
ATOM   269 O  O     . ILE B 2 19 ? 5.733   0.385   3.320   1.00 26.17 ? 302 ILE A O     1 
ATOM   270 C  CB    A ILE B 2 19 ? 3.320   -1.867  3.574   0.50 26.86 ? 302 ILE A CB    1 
ATOM   271 C  CB    B ILE B 2 19 ? 3.372   -1.900  3.476   0.50 25.99 ? 302 ILE A CB    1 
ATOM   272 C  CG1   A ILE B 2 19 ? 2.943   -3.339  3.327   0.50 28.21 ? 302 ILE A CG1   1 
ATOM   273 C  CG1   B ILE B 2 19 ? 3.166   -3.272  2.818   0.50 25.28 ? 302 ILE A CG1   1 
ATOM   274 C  CG2   A ILE B 2 19 ? 2.972   -0.970  2.383   0.50 27.18 ? 302 ILE A CG2   1 
ATOM   275 C  CG2   B ILE B 2 19 ? 2.975   -0.773  2.520   0.50 25.81 ? 302 ILE A CG2   1 
ATOM   276 C  CD1   A ILE B 2 19 ? 3.732   -4.018  2.230   0.50 30.62 ? 302 ILE A CD1   1 
ATOM   277 C  CD1   B ILE B 2 19 ? 1.704   -3.692  2.707   0.50 22.77 ? 302 ILE A CD1   1 
ATOM   278 N  N     . ILE B 2 20 ? 4.851   0.198   5.383   1.00 24.99 ? 303 ILE A N     1 
ATOM   279 C  CA    . ILE B 2 20 ? 5.090   1.594   5.716   1.00 25.48 ? 303 ILE A CA    1 
ATOM   280 C  C     . ILE B 2 20 ? 6.589   1.873   5.923   1.00 25.72 ? 303 ILE A C     1 
ATOM   281 O  O     . ILE B 2 20 ? 7.164   2.803   5.321   1.00 25.84 ? 303 ILE A O     1 
ATOM   282 C  CB    . ILE B 2 20 ? 4.260   2.036   6.960   1.00 25.30 ? 303 ILE A CB    1 
ATOM   283 C  CG1   . ILE B 2 20 ? 2.758   2.024   6.625   1.00 25.29 ? 303 ILE A CG1   1 
ATOM   284 C  CG2   . ILE B 2 20 ? 4.712   3.416   7.428   1.00 25.33 ? 303 ILE A CG2   1 
ATOM   285 C  CD1   . ILE B 2 20 ? 1.820   2.191   7.836   1.00 26.19 ? 303 ILE A CD1   1 
ATOM   286 N  N     . GLY B 2 21 ? 7.219   1.049   6.753   1.00 26.52 ? 304 GLY A N     1 
ATOM   287 C  CA    . GLY B 2 21 ? 8.618   1.240   7.128   1.00 27.37 ? 304 GLY A CA    1 
ATOM   288 C  C     . GLY B 2 21 ? 8.822   2.302   8.190   1.00 27.91 ? 304 GLY A C     1 
ATOM   289 O  O     . GLY B 2 21 ? 7.923   3.093   8.472   1.00 27.92 ? 304 GLY A O     1 
ATOM   290 N  N     . ARG B 2 22 ? 10.009  2.312   8.793   1.00 29.19 ? 305 ARG A N     1 
ATOM   291 C  CA    . ARG B 2 22 ? 10.359  3.312   9.795   1.00 30.68 ? 305 ARG A CA    1 
ATOM   292 C  C     . ARG B 2 22 ? 10.218  4.726   9.221   1.00 30.45 ? 305 ARG A C     1 
ATOM   293 O  O     . ARG B 2 22 ? 10.728  5.020   8.132   1.00 30.15 ? 305 ARG A O     1 
ATOM   294 C  CB    . ARG B 2 22 ? 11.781  3.059   10.316  1.00 31.13 ? 305 ARG A CB    1 
ATOM   295 C  CG    . ARG B 2 22 ? 12.253  4.023   11.385  1.00 34.94 ? 305 ARG A CG    1 
ATOM   296 C  CD    . ARG B 2 22 ? 13.532  3.525   12.048  1.00 38.92 ? 305 ARG A CD    1 
ATOM   297 N  NE    . ARG B 2 22 ? 14.084  4.499   12.989  1.00 42.31 ? 305 ARG A NE    1 
ATOM   298 C  CZ    . ARG B 2 22 ? 13.955  4.429   14.312  1.00 43.24 ? 305 ARG A CZ    1 
ATOM   299 N  NH1   . ARG B 2 22 ? 13.290  3.423   14.875  1.00 45.43 ? 305 ARG A NH1   1 
ATOM   300 N  NH2   . ARG B 2 22 ? 14.500  5.367   15.077  1.00 44.65 ? 305 ARG A NH2   1 
ATOM   301 N  N     . GLN B 2 23 ? 9.480   5.570   9.940   1.00 30.42 ? 306 GLN A N     1 
ATOM   302 C  CA    . GLN B 2 23 ? 9.211   6.966   9.543   1.00 30.71 ? 306 GLN A CA    1 
ATOM   303 C  C     . GLN B 2 23 ? 8.494   7.044   8.188   1.00 29.89 ? 306 GLN A C     1 
ATOM   304 O  O     . GLN B 2 23 ? 8.529   8.068   7.505   1.00 29.69 ? 306 GLN A O     1 
ATOM   305 C  CB    . GLN B 2 23 ? 10.494  7.825   9.551   1.00 30.72 ? 306 GLN A CB    1 
ATOM   306 C  CG    . GLN B 2 23 ? 11.254  7.807   10.886  1.00 31.47 ? 306 GLN A CG    1 
ATOM   307 C  CD    . GLN B 2 23 ? 12.482  8.697   10.900  1.00 32.69 ? 306 GLN A CD    1 
ATOM   308 O  OE1   . GLN B 2 23 ? 12.782  9.333   11.912  1.00 37.20 ? 306 GLN A OE1   1 
ATOM   309 N  NE2   . GLN B 2 23 ? 13.202  8.747   9.779   1.00 35.49 ? 306 GLN A NE2   1 
ATOM   310 N  N     . GLY B 2 24 ? 7.844   5.945   7.805   1.00 29.21 ? 307 GLY A N     1 
ATOM   311 C  CA    . GLY B 2 24 ? 7.162   5.878   6.517   1.00 28.70 ? 307 GLY A CA    1 
ATOM   312 C  C     . GLY B 2 24 ? 8.069   5.860   5.298   1.00 28.03 ? 307 GLY A C     1 
ATOM   313 O  O     . GLY B 2 24 ? 7.597   6.103   4.181   1.00 28.11 ? 307 GLY A O     1 
ATOM   314 N  N     . ALA B 2 25 ? 9.348   5.530   5.495   1.00 27.77 ? 308 ALA A N     1 
ATOM   315 C  CA    . ALA B 2 25 ? 10.331  5.578   4.401   1.00 28.45 ? 308 ALA A CA    1 
ATOM   316 C  C     . ALA B 2 25 ? 10.021  4.621   3.252   1.00 28.21 ? 308 ALA A C     1 
ATOM   317 O  O     . ALA B 2 25 ? 10.265  4.965   2.093   1.00 28.77 ? 308 ALA A O     1 
ATOM   318 C  CB    . ALA B 2 25 ? 11.741  5.334   4.917   1.00 29.20 ? 308 ALA A CB    1 
ATOM   319 N  N     . LYS B 2 26 ? 9.500   3.432   3.572   1.00 27.56 ? 309 LYS A N     1 
ATOM   320 C  CA    . LYS B 2 26 ? 9.206   2.442   2.535   1.00 27.72 ? 309 LYS A CA    1 
ATOM   321 C  C     . LYS B 2 26 ? 8.004   2.842   1.702   1.00 26.68 ? 309 LYS A C     1 
ATOM   322 O  O     . LYS B 2 26 ? 8.055   2.784   0.469   1.00 26.75 ? 309 LYS A O     1 
ATOM   323 C  CB    . LYS B 2 26 ? 8.978   1.046   3.128   1.00 28.41 ? 309 LYS A CB    1 
ATOM   324 C  CG    . LYS B 2 26 ? 10.240  0.378   3.674   1.00 31.82 ? 309 LYS A CG    1 
ATOM   325 C  CD    . LYS B 2 26 ? 9.855   -0.853  4.479   1.00 36.71 ? 309 LYS A CD    1 
ATOM   326 C  CE    . LYS B 2 26 ? 10.937  -1.264  5.461   1.00 37.89 ? 309 LYS A CE    1 
ATOM   327 N  NZ    . LYS B 2 26 ? 10.435  -2.288  6.428   1.00 38.19 ? 309 LYS A NZ    1 
ATOM   328 N  N     . ILE B 2 27 ? 6.906   3.210   2.364   1.00 25.88 ? 310 ILE A N     1 
ATOM   329 C  CA    . ILE B 2 27 ? 5.711   3.580   1.613   1.00 25.09 ? 310 ILE A CA    1 
ATOM   330 C  C     . ILE B 2 27 ? 5.930   4.863   0.814   1.00 24.83 ? 310 ILE A C     1 
ATOM   331 O  O     . ILE B 2 27 ? 5.437   4.995   -0.313  1.00 24.85 ? 310 ILE A O     1 
ATOM   332 C  CB    . ILE B 2 27 ? 4.449   3.652   2.507   1.00 25.52 ? 310 ILE A CB    1 
ATOM   333 C  CG1   . ILE B 2 27 ? 3.202   3.930   1.664   1.00 25.62 ? 310 ILE A CG1   1 
ATOM   334 C  CG2   . ILE B 2 27 ? 4.610   4.693   3.606   1.00 24.81 ? 310 ILE A CG2   1 
ATOM   335 C  CD1   . ILE B 2 27 ? 2.871   2.892   0.642   1.00 26.50 ? 310 ILE A CD1   1 
ATOM   336 N  N     . ASN B 2 28 ? 6.697   5.795   1.374   1.00 24.75 ? 311 ASN A N     1 
ATOM   337 C  CA    . ASN B 2 28 ? 7.027   7.014   0.617   1.00 24.79 ? 311 ASN A CA    1 
ATOM   338 C  C     . ASN B 2 28 ? 7.809   6.709   -0.658  1.00 25.21 ? 311 ASN A C     1 
ATOM   339 O  O     . ASN B 2 28 ? 7.545   7.303   -1.706  1.00 25.46 ? 311 ASN A O     1 
ATOM   340 C  CB    . ASN B 2 28 ? 7.739   8.043   1.500   1.00 24.89 ? 311 ASN A CB    1 
ATOM   341 C  CG    . ASN B 2 28 ? 6.787   8.704   2.489   1.00 26.45 ? 311 ASN A CG    1 
ATOM   342 O  OD1   . ASN B 2 28 ? 7.218   9.314   3.465   1.00 29.29 ? 311 ASN A OD1   1 
ATOM   343 N  ND2   . ASN B 2 28 ? 5.478   8.579   2.238   1.00 25.49 ? 311 ASN A ND2   1 
ATOM   344 N  N     . GLU B 2 29 ? 8.719   5.744   -0.569  1.00 25.36 ? 312 GLU A N     1 
ATOM   345 C  CA    . GLU B 2 29 ? 9.466   5.266   -1.734  1.00 27.16 ? 312 GLU A CA    1 
ATOM   346 C  C     . GLU B 2 29 ? 8.530   4.616   -2.757  1.00 25.69 ? 312 GLU A C     1 
ATOM   347 O  O     . GLU B 2 29 ? 8.673   4.833   -3.956  1.00 26.30 ? 312 GLU A O     1 
ATOM   348 C  CB    . GLU B 2 29 ? 10.550  4.284   -1.299  1.00 27.53 ? 312 GLU A CB    1 
ATOM   349 C  CG    . GLU B 2 29 ? 11.488  3.862   -2.415  1.00 30.48 ? 312 GLU A CG    1 
ATOM   350 C  CD    . GLU B 2 29 ? 12.734  3.117   -1.919  1.00 31.59 ? 312 GLU A CD    1 
ATOM   351 O  OE1   . GLU B 2 29 ? 12.649  2.409   -0.889  1.00 37.73 ? 312 GLU A OE1   1 
ATOM   352 O  OE2   . GLU B 2 29 ? 13.796  3.243   -2.578  1.00 38.59 ? 312 GLU A OE2   1 
ATOM   353 N  N     . ILE B 2 30 ? 7.568   3.829   -2.283  1.00 24.84 ? 313 ILE A N     1 
ATOM   354 C  CA    . ILE B 2 30 ? 6.610   3.196   -3.193  1.00 24.50 ? 313 ILE A CA    1 
ATOM   355 C  C     . ILE B 2 30 ? 5.767   4.264   -3.901  1.00 23.88 ? 313 ILE A C     1 
ATOM   356 O  O     . ILE B 2 30 ? 5.520   4.173   -5.116  1.00 23.26 ? 313 ILE A O     1 
ATOM   357 C  CB    . ILE B 2 30 ? 5.728   2.160   -2.446  1.00 24.33 ? 313 ILE A CB    1 
ATOM   358 C  CG1   . ILE B 2 30 ? 6.589   0.962   -2.005  1.00 24.61 ? 313 ILE A CG1   1 
ATOM   359 C  CG2   . ILE B 2 30 ? 4.577   1.679   -3.336  1.00 24.91 ? 313 ILE A CG2   1 
ATOM   360 C  CD1   . ILE B 2 30 ? 5.874   -0.022  -1.061  1.00 26.03 ? 313 ILE A CD1   1 
ATOM   361 N  N     . ARG B 2 31 ? 5.355   5.287   -3.149  1.00 23.05 ? 314 ARG A N     1 
ATOM   362 C  CA    . ARG B 2 31 ? 4.646   6.422   -3.747  1.00 23.29 ? 314 ARG A CA    1 
ATOM   363 C  C     . ARG B 2 31 ? 5.482   7.088   -4.821  1.00 24.01 ? 314 ARG A C     1 
ATOM   364 O  O     . ARG B 2 31 ? 4.989   7.356   -5.922  1.00 24.46 ? 314 ARG A O     1 
ATOM   365 C  CB    . ARG B 2 31 ? 4.286   7.459   -2.670  1.00 22.46 ? 314 ARG A CB    1 
ATOM   366 C  CG    . ARG B 2 31 ? 3.119   7.034   -1.775  1.00 23.67 ? 314 ARG A CG    1 
ATOM   367 C  CD    . ARG B 2 31 ? 2.929   8.027   -0.628  1.00 23.35 ? 314 ARG A CD    1 
ATOM   368 N  NE    . ARG B 2 31 ? 1.706   7.730   0.105   1.00 22.81 ? 314 ARG A NE    1 
ATOM   369 C  CZ    . ARG B 2 31 ? 1.671   7.387   1.387   1.00 25.45 ? 314 ARG A CZ    1 
ATOM   370 N  NH1   . ARG B 2 31 ? 0.509   7.086   1.976   1.00 24.82 ? 314 ARG A NH1   1 
ATOM   371 N  NH2   . ARG B 2 31 ? 2.790   7.389   2.099   1.00 25.53 ? 314 ARG A NH2   1 
ATOM   372 N  N     . GLN B 2 32 ? 6.746   7.348   -4.506  1.00 24.12 ? 315 GLN A N     1 
ATOM   373 C  CA    . GLN B 2 32 ? 7.621   8.085   -5.440  1.00 25.07 ? 315 GLN A CA    1 
ATOM   374 C  C     . GLN B 2 32 ? 7.917   7.263   -6.689  1.00 25.59 ? 315 GLN A C     1 
ATOM   375 O  O     . GLN B 2 32 ? 7.879   7.779   -7.808  1.00 25.80 ? 315 GLN A O     1 
ATOM   376 C  CB    . GLN B 2 32 ? 8.927   8.474   -4.764  1.00 26.00 ? 315 GLN A CB    1 
ATOM   377 C  CG    . GLN B 2 32 ? 9.916   9.106   -5.737  1.00 30.91 ? 315 GLN A CG    1 
ATOM   378 C  CD    . GLN B 2 32 ? 10.872  10.110  -5.101  1.00 36.34 ? 315 GLN A CD    1 
ATOM   379 O  OE1   . GLN B 2 32 ? 10.610  10.669  -4.030  1.00 42.25 ? 315 GLN A OE1   1 
ATOM   380 N  NE2   . GLN B 2 32 ? 11.985  10.356  -5.780  1.00 39.69 ? 315 GLN A NE2   1 
HETATM 381 N  N     . MSE B 2 33 ? 8.228   5.989   -6.500  1.00 25.29 ? 316 MSE A N     1 
HETATM 382 C  CA    . MSE B 2 33 ? 8.539   5.134   -7.658  1.00 27.56 ? 316 MSE A CA    1 
HETATM 383 C  C     . MSE B 2 33 ? 7.308   4.891   -8.538  1.00 25.42 ? 316 MSE A C     1 
HETATM 384 O  O     . MSE B 2 33 ? 7.389   4.954   -9.777  1.00 25.96 ? 316 MSE A O     1 
HETATM 385 C  CB    . MSE B 2 33 ? 9.158   3.810   -7.209  1.00 26.98 ? 316 MSE A CB    1 
HETATM 386 C  CG    . MSE B 2 33 ? 10.438  3.949   -6.383  1.00 28.17 ? 316 MSE A CG    1 
HETATM 387 SE SE    . MSE B 2 33 ? 10.870  2.174   -5.631  1.00 38.15 ? 316 MSE A SE    1 
HETATM 388 C  CE    . MSE B 2 33 ? 10.877  1.264   -7.330  1.00 25.04 ? 316 MSE A CE    1 
ATOM   389 N  N     . SER B 2 34 ? 6.169   4.592   -7.910  1.00 24.44 ? 317 SER A N     1 
ATOM   390 C  CA    . SER B 2 34 ? 4.989   4.202   -8.676  1.00 24.04 ? 317 SER A CA    1 
ATOM   391 C  C     . SER B 2 34 ? 4.255   5.392   -9.267  1.00 24.16 ? 317 SER A C     1 
ATOM   392 O  O     . SER B 2 34 ? 3.616   5.255   -10.308 1.00 24.43 ? 317 SER A O     1 
ATOM   393 C  CB    . SER B 2 34 ? 4.021   3.376   -7.818  1.00 23.51 ? 317 SER A CB    1 
ATOM   394 O  OG    . SER B 2 34 ? 3.417   4.210   -6.840  1.00 22.12 ? 317 SER A OG    1 
ATOM   395 N  N     . GLY B 2 35 ? 4.319   6.548   -8.596  1.00 23.77 ? 318 GLY A N     1 
ATOM   396 C  CA    . GLY B 2 35 ? 3.497   7.678   -8.977  1.00 25.51 ? 318 GLY A CA    1 
ATOM   397 C  C     . GLY B 2 35 ? 2.031   7.540   -8.577  1.00 25.53 ? 318 GLY A C     1 
ATOM   398 O  O     . GLY B 2 35 ? 1.226   8.426   -8.898  1.00 27.93 ? 318 GLY A O     1 
ATOM   399 N  N     . ALA B 2 36 ? 1.676   6.448   -7.892  1.00 25.63 ? 319 ALA A N     1 
ATOM   400 C  CA    . ALA B 2 36 ? 0.297   6.232   -7.487  1.00 24.34 ? 319 ALA A CA    1 
ATOM   401 C  C     . ALA B 2 36 ? -0.018  7.033   -6.228  1.00 25.49 ? 319 ALA A C     1 
ATOM   402 O  O     . ALA B 2 36 ? 0.875   7.286   -5.419  1.00 25.38 ? 319 ALA A O     1 
ATOM   403 C  CB    . ALA B 2 36 ? 0.036   4.728   -7.227  1.00 24.07 ? 319 ALA A CB    1 
ATOM   404 N  N     . GLN B 2 37 ? -1.288  7.406   -6.058  1.00 25.76 ? 320 GLN A N     1 
ATOM   405 C  CA    . GLN B 2 37 ? -1.771  7.961   -4.790  1.00 26.86 ? 320 GLN A CA    1 
ATOM   406 C  C     . GLN B 2 37 ? -2.112  6.766   -3.924  1.00 25.87 ? 320 GLN A C     1 
ATOM   407 O  O     . GLN B 2 37 ? -2.864  5.897   -4.344  1.00 25.90 ? 320 GLN A O     1 
ATOM   408 C  CB    . GLN B 2 37 ? -3.016  8.836   -5.021  1.00 27.05 ? 320 GLN A CB    1 
ATOM   409 C  CG    . GLN B 2 37 ? -3.657  9.419   -3.762  1.00 30.99 ? 320 GLN A CG    1 
ATOM   410 C  CD    . GLN B 2 37 ? -4.731  10.470  -4.060  1.00 31.09 ? 320 GLN A CD    1 
ATOM   411 O  OE1   . GLN B 2 37 ? -5.065  11.287  -3.193  1.00 39.77 ? 320 GLN A OE1   1 
ATOM   412 N  NE2   . GLN B 2 37 ? -5.282  10.448  -5.277  1.00 38.14 ? 320 GLN A NE2   1 
ATOM   413 N  N     . ILE B 2 38 ? -1.512  6.694   -2.744  1.00 24.15 ? 321 ILE A N     1 
ATOM   414 C  CA    . ILE B 2 38 ? -1.753  5.542   -1.850  1.00 24.51 ? 321 ILE A CA    1 
ATOM   415 C  C     . ILE B 2 38 ? -2.252  6.031   -0.503  1.00 24.22 ? 321 ILE A C     1 
ATOM   416 O  O     . ILE B 2 38 ? -1.660  6.923   0.110   1.00 24.88 ? 321 ILE A O     1 
ATOM   417 C  CB    . ILE B 2 38 ? -0.497  4.676   -1.692  1.00 23.70 ? 321 ILE A CB    1 
ATOM   418 C  CG1   . ILE B 2 38 ? 0.018   4.223   -3.067  1.00 24.27 ? 321 ILE A CG1   1 
ATOM   419 C  CG2   . ILE B 2 38 ? -0.790  3.413   -0.824  1.00 25.16 ? 321 ILE A CG2   1 
ATOM   420 C  CD1   . ILE B 2 38 ? 1.367   3.590   -3.011  1.00 25.24 ? 321 ILE A CD1   1 
ATOM   421 N  N     . LYS B 2 39 ? -3.368  5.468   -0.060  1.00 23.24 ? 322 LYS A N     1 
ATOM   422 C  CA    . LYS B 2 39 ? -3.957  5.841   1.218   1.00 23.90 ? 322 LYS A CA    1 
ATOM   423 C  C     . LYS B 2 39 ? -4.069  4.609   2.080   1.00 23.42 ? 322 LYS A C     1 
ATOM   424 O  O     . LYS B 2 39 ? -4.775  3.677   1.720   1.00 23.89 ? 322 LYS A O     1 
ATOM   425 C  CB    . LYS B 2 39 ? -5.344  6.464   1.001   1.00 24.62 ? 322 LYS A CB    1 
ATOM   426 C  CG    . LYS B 2 39 ? -6.097  6.873   2.250   1.00 27.88 ? 322 LYS A CG    1 
ATOM   427 C  CD    . LYS B 2 39 ? -5.344  7.891   3.074   1.00 30.37 ? 322 LYS A CD    1 
ATOM   428 C  CE    . LYS B 2 39 ? -6.153  8.343   4.290   1.00 32.33 ? 322 LYS A CE    1 
ATOM   429 N  NZ    . LYS B 2 39 ? -5.496  9.501   4.934   1.00 33.36 ? 322 LYS A NZ    1 
ATOM   430 N  N     . ILE B 2 40 ? -3.367  4.604   3.214   1.00 22.68 ? 323 ILE A N     1 
ATOM   431 C  CA    . ILE B 2 40 ? -3.510  3.547   4.212   1.00 23.13 ? 323 ILE A CA    1 
ATOM   432 C  C     . ILE B 2 40 ? -4.367  4.124   5.327   1.00 22.78 ? 323 ILE A C     1 
ATOM   433 O  O     . ILE B 2 40 ? -4.008  5.139   5.912   1.00 23.63 ? 323 ILE A O     1 
ATOM   434 C  CB    . ILE B 2 40 ? -2.135  3.089   4.771   1.00 22.73 ? 323 ILE A CB    1 
ATOM   435 C  CG1   . ILE B 2 40 ? -1.252  2.561   3.620   1.00 23.49 ? 323 ILE A CG1   1 
ATOM   436 C  CG2   . ILE B 2 40 ? -2.288  2.015   5.884   1.00 22.96 ? 323 ILE A CG2   1 
ATOM   437 C  CD1   . ILE B 2 40 ? 0.232   2.484   3.965   1.00 25.10 ? 323 ILE A CD1   1 
ATOM   438 N  N     . ALA B 2 41 ? -5.492  3.464   5.612   1.00 23.53 ? 324 ALA A N     1 
ATOM   439 C  CA    . ALA B 2 41 ? -6.449  3.956   6.590   1.00 23.98 ? 324 ALA A CA    1 
ATOM   440 C  C     . ALA B 2 41 ? -5.809  4.013   7.967   1.00 24.00 ? 324 ALA A C     1 
ATOM   441 O  O     . ALA B 2 41 ? -4.901  3.235   8.258   1.00 23.61 ? 324 ALA A O     1 
ATOM   442 C  CB    . ALA B 2 41 ? -7.655  3.031   6.654   1.00 25.58 ? 324 ALA A CB    1 
ATOM   443 N  N     . ASN B 2 42 ? -6.308  4.930   8.805   1.00 24.04 ? 325 ASN A N     1 
ATOM   444 C  CA    . ASN B 2 42 ? -5.934  4.987   10.207  1.00 25.20 ? 325 ASN A CA    1 
ATOM   445 C  C     . ASN B 2 42 ? -6.330  3.679   10.926  1.00 24.75 ? 325 ASN A C     1 
ATOM   446 O  O     . ASN B 2 42 ? -7.277  3.009   10.501  1.00 25.47 ? 325 ASN A O     1 
ATOM   447 C  CB    . ASN B 2 42 ? -6.654  6.172   10.881  1.00 25.74 ? 325 ASN A CB    1 
ATOM   448 C  CG    . ASN B 2 42 ? -6.169  7.547   10.390  1.00 27.31 ? 325 ASN A CG    1 
ATOM   449 O  OD1   . ASN B 2 42 ? -5.063  7.686   9.882   1.00 26.75 ? 325 ASN A OD1   1 
ATOM   450 N  ND2   . ASN B 2 42 ? -7.004  8.575   10.582  1.00 31.07 ? 325 ASN A ND2   1 
ATOM   451 N  N     . PRO B 2 43 ? -5.623  3.301   12.019  1.00 25.19 ? 326 PRO A N     1 
ATOM   452 C  CA    . PRO B 2 43 ? -6.055  2.115   12.760  1.00 26.34 ? 326 PRO A CA    1 
ATOM   453 C  C     . PRO B 2 43 ? -7.506  2.225   13.218  1.00 26.22 ? 326 PRO A C     1 
ATOM   454 O  O     . PRO B 2 43 ? -7.978  3.326   13.588  1.00 26.18 ? 326 PRO A O     1 
ATOM   455 C  CB    . PRO B 2 43 ? -5.125  2.090   13.984  1.00 26.90 ? 326 PRO A CB    1 
ATOM   456 C  CG    . PRO B 2 43 ? -3.982  2.906   13.625  1.00 25.83 ? 326 PRO A CG    1 
ATOM   457 C  CD    . PRO B 2 43 ? -4.433  3.931   12.627  1.00 26.65 ? 326 PRO A CD    1 
ATOM   458 N  N     . VAL B 2 44 ? -8.193  1.080   13.175  1.00 27.29 ? 327 VAL A N     1 
ATOM   459 C  CA    . VAL B 2 44 ? -9.567  0.932   13.604  1.00 28.02 ? 327 VAL A CA    1 
ATOM   460 C  C     . VAL B 2 44 ? -9.499  -0.148  14.704  1.00 27.63 ? 327 VAL A C     1 
ATOM   461 O  O     . VAL B 2 44 ? -9.151  -1.303  14.419  1.00 28.74 ? 327 VAL A O     1 
ATOM   462 C  CB    . VAL B 2 44 ? -10.444 0.449   12.408  1.00 27.78 ? 327 VAL A CB    1 
ATOM   463 C  CG1   . VAL B 2 44 ? -11.801 -0.033  12.868  1.00 28.90 ? 327 VAL A CG1   1 
ATOM   464 C  CG2   . VAL B 2 44 ? -10.594 1.535   11.321  1.00 28.68 ? 327 VAL A CG2   1 
ATOM   465 N  N     . GLU B 2 45 ? -9.799  0.234   15.951  1.00 27.78 ? 328 GLU A N     1 
ATOM   466 C  CA    . GLU B 2 45 ? -9.597  -0.681  17.096  1.00 28.21 ? 328 GLU A CA    1 
ATOM   467 C  C     . GLU B 2 45 ? -10.357 -2.003  17.010  1.00 26.00 ? 328 GLU A C     1 
ATOM   468 O  O     . GLU B 2 45 ? -9.874  -3.031  17.517  1.00 27.48 ? 328 GLU A O     1 
ATOM   469 C  CB    . GLU B 2 45 ? -9.893  -0.005  18.428  1.00 28.90 ? 328 GLU A CB    1 
ATOM   470 C  CG    . GLU B 2 45 ? -11.366 0.184   18.782  1.00 29.24 ? 328 GLU A CG    1 
ATOM   471 C  CD    . GLU B 2 45 ? -11.564 1.033   20.026  1.00 30.95 ? 328 GLU A CD    1 
ATOM   472 O  OE1   . GLU B 2 45 ? -10.549 1.474   20.625  1.00 35.04 ? 328 GLU A OE1   1 
ATOM   473 O  OE2   . GLU B 2 45 ? -12.730 1.283   20.395  1.00 31.64 ? 328 GLU A OE2   1 
ATOM   474 N  N     . GLY B 2 46 ? -11.542 -1.980  16.401  1.00 23.92 ? 329 GLY A N     1 
ATOM   475 C  CA    . GLY B 2 46 ? -12.349 -3.195  16.212  1.00 22.47 ? 329 GLY A CA    1 
ATOM   476 C  C     . GLY B 2 46 ? -12.075 -3.941  14.915  1.00 22.28 ? 329 GLY A C     1 
ATOM   477 O  O     . GLY B 2 46 ? -12.828 -4.844  14.544  1.00 21.52 ? 329 GLY A O     1 
ATOM   478 N  N     . SER B 2 47 ? -11.002 -3.572  14.218  1.00 21.79 ? 330 SER A N     1 
ATOM   479 C  CA    . SER B 2 47 ? -10.622 -4.277  12.989  1.00 21.88 ? 330 SER A CA    1 
ATOM   480 C  C     . SER B 2 47 ? -9.246  -4.915  13.112  1.00 21.26 ? 330 SER A C     1 
ATOM   481 O  O     . SER B 2 47 ? -8.373  -4.374  13.781  1.00 21.35 ? 330 SER A O     1 
ATOM   482 C  CB    . SER B 2 47 ? -10.636 -3.349  11.773  1.00 23.08 ? 330 SER A CB    1 
ATOM   483 O  OG    . SER B 2 47 ? -10.290 -4.090  10.594  1.00 26.20 ? 330 SER A OG    1 
ATOM   484 N  N     . THR B 2 48 ? -9.073  -6.064  12.463  1.00 20.53 ? 331 THR A N     1 
ATOM   485 C  CA    . THR B 2 48 ? -7.773  -6.734  12.405  1.00 20.66 ? 331 THR A CA    1 
ATOM   486 C  C     . THR B 2 48 ? -6.899  -6.243  11.268  1.00 21.37 ? 331 THR A C     1 
ATOM   487 O  O     . THR B 2 48 ? -5.734  -6.642  11.169  1.00 21.92 ? 331 THR A O     1 
ATOM   488 C  CB    . THR B 2 48 ? -7.929  -8.267  12.231  1.00 21.13 ? 331 THR A CB    1 
ATOM   489 O  OG1   . THR B 2 48 ? -8.601  -8.547  10.986  1.00 22.97 ? 331 THR A OG1   1 
ATOM   490 C  CG2   . THR B 2 48 ? -8.697  -8.870  13.402  1.00 20.42 ? 331 THR A CG2   1 
ATOM   491 N  N     A ASP B 2 49 ? -7.454  -5.409  10.398  0.50 20.21 ? 332 ASP A N     1 
ATOM   492 N  N     B ASP B 2 49 ? -7.480  -5.398  10.414  0.50 20.66 ? 332 ASP A N     1 
ATOM   493 C  CA    A ASP B 2 49 ? -6.737  -4.999  9.187   0.50 20.60 ? 332 ASP A CA    1 
ATOM   494 C  CA    B ASP B 2 49 ? -6.879  -4.988  9.136   0.50 21.41 ? 332 ASP A CA    1 
ATOM   495 C  C     A ASP B 2 49 ? -6.920  -3.528  8.851   0.50 20.70 ? 332 ASP A C     1 
ATOM   496 C  C     B ASP B 2 49 ? -6.825  -3.480  8.951   0.50 21.08 ? 332 ASP A C     1 
ATOM   497 O  O     A ASP B 2 49 ? -7.780  -2.834  9.428   0.50 21.01 ? 332 ASP A O     1 
ATOM   498 O  O     B ASP B 2 49 ? -7.432  -2.708  9.730   0.50 21.15 ? 332 ASP A O     1 
ATOM   499 C  CB    A ASP B 2 49 ? -7.154  -5.882  8.005   0.50 20.92 ? 332 ASP A CB    1 
ATOM   500 C  CB    B ASP B 2 49 ? -7.690  -5.576  7.972   0.50 22.43 ? 332 ASP A CB    1 
ATOM   501 C  CG    A ASP B 2 49 ? -8.666  -5.988  7.855   0.50 23.01 ? 332 ASP A CG    1 
ATOM   502 C  CG    B ASP B 2 49 ? -7.745  -7.088  7.998   0.50 25.66 ? 332 ASP A CG    1 
ATOM   503 O  OD1   A ASP B 2 49 ? -9.372  -4.993  8.122   0.50 25.79 ? 332 ASP A OD1   1 
ATOM   504 O  OD1   B ASP B 2 49 ? -6.674  -7.711  7.880   0.50 31.12 ? 332 ASP A OD1   1 
ATOM   505 O  OD2   A ASP B 2 49 ? -9.150  -7.067  7.443   0.50 26.36 ? 332 ASP A OD2   1 
ATOM   506 O  OD2   B ASP B 2 49 ? -8.857  -7.659  8.124   0.50 29.86 ? 332 ASP A OD2   1 
ATOM   507 N  N     . ARG B 2 50 ? -6.103  -3.076  7.903   1.00 20.63 ? 333 ARG A N     1 
ATOM   508 C  CA    . ARG B 2 50 ? -6.091  -1.688  7.421   1.00 21.85 ? 333 ARG A CA    1 
ATOM   509 C  C     . ARG B 2 50 ? -6.525  -1.663  5.953   1.00 22.13 ? 333 ARG A C     1 
ATOM   510 O  O     . ARG B 2 50 ? -6.033  -2.450  5.134   1.00 22.61 ? 333 ARG A O     1 
ATOM   511 C  CB    . ARG B 2 50 ? -4.683  -1.080  7.524   1.00 22.61 ? 333 ARG A CB    1 
ATOM   512 C  CG    . ARG B 2 50 ? -3.999  -1.258  8.889   1.00 24.82 ? 333 ARG A CG    1 
ATOM   513 C  CD    . ARG B 2 50 ? -4.489  -0.293  9.987   1.00 22.99 ? 333 ARG A CD    1 
ATOM   514 N  NE    . ARG B 2 50 ? -3.985  1.057   9.710   1.00 26.29 ? 333 ARG A NE    1 
ATOM   515 C  CZ    . ARG B 2 50 ? -2.806  1.532   10.122  1.00 23.58 ? 333 ARG A CZ    1 
ATOM   516 N  NH1   . ARG B 2 50 ? -2.001  0.764   10.848  1.00 27.40 ? 333 ARG A NH1   1 
ATOM   517 N  NH2   . ARG B 2 50 ? -2.438  2.779   9.800   1.00 27.43 ? 333 ARG A NH2   1 
ATOM   518 N  N     . GLN B 2 51 ? -7.425  -0.744  5.620   1.00 23.16 ? 334 GLN A N     1 
ATOM   519 C  CA    . GLN B 2 51 ? -7.798  -0.501  4.231   1.00 24.60 ? 334 GLN A CA    1 
ATOM   520 C  C     . GLN B 2 51 ? -6.684  0.265   3.510   1.00 23.84 ? 334 GLN A C     1 
ATOM   521 O  O     . GLN B 2 51 ? -6.149  1.235   4.038   1.00 24.28 ? 334 GLN A O     1 
ATOM   522 C  CB    . GLN B 2 51 ? -9.099  0.308   4.199   1.00 25.78 ? 334 GLN A CB    1 
ATOM   523 C  CG    . GLN B 2 51 ? -9.906  0.086   2.945   1.00 32.61 ? 334 GLN A CG    1 
ATOM   524 C  CD    . GLN B 2 51 ? -10.345 -1.366  2.814   1.00 37.81 ? 334 GLN A CD    1 
ATOM   525 O  OE1   . GLN B 2 51 ? -10.902 -1.953  3.751   1.00 41.39 ? 334 GLN A OE1   1 
ATOM   526 N  NE2   . GLN B 2 51 ? -10.073 -1.960  1.659   1.00 40.10 ? 334 GLN A NE2   1 
ATOM   527 N  N     . VAL B 2 52 ? -6.341  -0.182  2.304   1.00 23.01 ? 335 VAL A N     1 
ATOM   528 C  CA    . VAL B 2 52 ? -5.324  0.466   1.480   1.00 22.98 ? 335 VAL A CA    1 
ATOM   529 C  C     . VAL B 2 52 ? -5.984  0.738   0.140   1.00 23.51 ? 335 VAL A C     1 
ATOM   530 O  O     . VAL B 2 52 ? -6.590  -0.153  -0.455  1.00 25.19 ? 335 VAL A O     1 
ATOM   531 C  CB    . VAL B 2 52 ? -4.048  -0.434  1.325   1.00 23.14 ? 335 VAL A CB    1 
ATOM   532 C  CG1   . VAL B 2 52 ? -2.999  0.263   0.456   1.00 24.87 ? 335 VAL A CG1   1 
ATOM   533 C  CG2   . VAL B 2 52 ? -3.463  -0.772  2.715   1.00 23.35 ? 335 VAL A CG2   1 
ATOM   534 N  N     . THR B 2 53 ? -5.867  1.972   -0.329  1.00 22.94 ? 336 THR A N     1 
ATOM   535 C  CA    . THR B 2 53 ? -6.427  2.377   -1.618  1.00 23.44 ? 336 THR A CA    1 
ATOM   536 C  C     . THR B 2 53 ? -5.287  2.878   -2.488  1.00 23.25 ? 336 THR A C     1 
ATOM   537 O  O     . THR B 2 53 ? -4.492  3.725   -2.063  1.00 24.14 ? 336 THR A O     1 
ATOM   538 C  CB    . THR B 2 53 ? -7.512  3.484   -1.451  1.00 24.07 ? 336 THR A CB    1 
ATOM   539 O  OG1   . THR B 2 53 ? -8.523  3.025   -0.536  1.00 27.86 ? 336 THR A OG1   1 
ATOM   540 C  CG2   . THR B 2 53 ? -8.139  3.871   -2.800  1.00 25.11 ? 336 THR A CG2   1 
ATOM   541 N  N     . ILE B 2 54 ? -5.230  2.369   -3.714  1.00 22.49 ? 337 ILE A N     1 
ATOM   542 C  CA    . ILE B 2 54 ? -4.197  2.759   -4.681  1.00 22.59 ? 337 ILE A CA    1 
ATOM   543 C  C     . ILE B 2 54 ? -4.908  3.390   -5.860  1.00 22.77 ? 337 ILE A C     1 
ATOM   544 O  O     . ILE B 2 54 ? -5.766  2.759   -6.459  1.00 22.99 ? 337 ILE A O     1 
ATOM   545 C  CB    . ILE B 2 54 ? -3.362  1.557   -5.178  1.00 22.72 ? 337 ILE A CB    1 
ATOM   546 C  CG1   . ILE B 2 54 ? -2.835  0.744   -3.981  1.00 23.93 ? 337 ILE A CG1   1 
ATOM   547 C  CG2   . ILE B 2 54 ? -2.197  2.043   -6.082  1.00 22.36 ? 337 ILE A CG2   1 
ATOM   548 C  CD1   . ILE B 2 54 ? -2.153  -0.546  -4.401  1.00 24.22 ? 337 ILE A CD1   1 
ATOM   549 N  N     . THR B 2 55 ? -4.553  4.633   -6.172  1.00 22.32 ? 338 THR A N     1 
ATOM   550 C  CA    . THR B 2 55 ? -5.231  5.417   -7.204  1.00 23.67 ? 338 THR A CA    1 
ATOM   551 C  C     . THR B 2 55 ? -4.219  5.963   -8.201  1.00 23.44 ? 338 THR A C     1 
ATOM   552 O  O     . THR B 2 55 ? -3.120  6.362   -7.826  1.00 24.68 ? 338 THR A O     1 
ATOM   553 C  CB    . THR B 2 55 ? -6.043  6.590   -6.581  1.00 23.60 ? 338 THR A CB    1 
ATOM   554 O  OG1   . THR B 2 55 ? -6.902  6.074   -5.555  1.00 27.22 ? 338 THR A OG1   1 
ATOM   555 C  CG2   . THR B 2 55 ? -6.890  7.289   -7.643  1.00 26.79 ? 338 THR A CG2   1 
ATOM   556 N  N     . GLY B 2 56 ? -4.589  5.984   -9.474  1.00 22.16 ? 339 GLY A N     1 
ATOM   557 C  CA    . GLY B 2 56 ? -3.706  6.559   -10.479 1.00 22.51 ? 339 GLY A CA    1 
ATOM   558 C  C     . GLY B 2 56 ? -3.902  5.897   -11.815 1.00 22.72 ? 339 GLY A C     1 
ATOM   559 O  O     . GLY B 2 56 ? -4.921  5.249   -12.058 1.00 23.40 ? 339 GLY A O     1 
ATOM   560 N  N     . SER B 2 57 ? -2.905  6.061   -12.670 1.00 22.12 ? 340 SER A N     1 
ATOM   561 C  CA    . SER B 2 57 ? -2.888  5.441   -13.990 1.00 22.12 ? 340 SER A CA    1 
ATOM   562 C  C     . SER B 2 57 ? -2.751  3.917   -13.890 1.00 21.75 ? 340 SER A C     1 
ATOM   563 O  O     . SER B 2 57 ? -2.341  3.392   -12.866 1.00 22.38 ? 340 SER A O     1 
ATOM   564 C  CB    . SER B 2 57 ? -1.725  6.010   -14.800 1.00 22.73 ? 340 SER A CB    1 
ATOM   565 O  OG    . SER B 2 57 ? -0.492  5.477   -14.340 1.00 23.82 ? 340 SER A OG    1 
ATOM   566 N  N     . ALA B 2 58 ? -3.094  3.221   -14.968 1.00 22.07 ? 341 ALA A N     1 
ATOM   567 C  CA    . ALA B 2 58 ? -2.979  1.761   -15.002 1.00 22.04 ? 341 ALA A CA    1 
ATOM   568 C  C     . ALA B 2 58 ? -1.546  1.320   -14.668 1.00 21.17 ? 341 ALA A C     1 
ATOM   569 O  O     . ALA B 2 58 ? -1.332  0.433   -13.828 1.00 21.14 ? 341 ALA A O     1 
ATOM   570 C  CB    . ALA B 2 58 ? -3.407  1.245   -16.367 1.00 22.20 ? 341 ALA A CB    1 
ATOM   571 N  N     . ALA B 2 59 ? -0.561  1.995   -15.259 1.00 21.49 ? 342 ALA A N     1 
ATOM   572 C  CA    . ALA B 2 59 ? 0.838   1.654   -14.992 1.00 21.43 ? 342 ALA A CA    1 
ATOM   573 C  C     . ALA B 2 59 ? 1.233   1.944   -13.543 1.00 20.73 ? 342 ALA A C     1 
ATOM   574 O  O     . ALA B 2 59 ? 1.926   1.139   -12.923 1.00 21.09 ? 342 ALA A O     1 
ATOM   575 C  CB    . ALA B 2 59 ? 1.773   2.377   -15.958 1.00 22.00 ? 342 ALA A CB    1 
ATOM   576 N  N     . SER B 2 60 ? 0.778   3.072   -12.995 1.00 20.42 ? 343 SER A N     1 
ATOM   577 C  CA    A SER B 2 60 ? 1.104   3.440   -11.614 0.50 20.23 ? 343 SER A CA    1 
ATOM   578 C  CA    B SER B 2 60 ? 1.145   3.417   -11.628 0.50 21.45 ? 343 SER A CA    1 
ATOM   579 C  C     . SER B 2 60 ? 0.491   2.470   -10.610 1.00 20.75 ? 343 SER A C     1 
ATOM   580 O  O     . SER B 2 60 ? 1.138   2.043   -9.652  1.00 21.54 ? 343 SER A O     1 
ATOM   581 C  CB    A SER B 2 60 ? 0.599   4.846   -11.292 0.50 20.53 ? 343 SER A CB    1 
ATOM   582 C  CB    B SER B 2 60 ? 0.828   4.888   -11.321 0.50 21.90 ? 343 SER A CB    1 
ATOM   583 O  OG    A SER B 2 60 ? 1.355   5.835   -11.954 0.50 17.19 ? 343 SER A OG    1 
ATOM   584 O  OG    B SER B 2 60 ? -0.561  5.143   -11.348 0.50 26.50 ? 343 SER A OG    1 
ATOM   585 N  N     . ILE B 2 61 ? -0.776  2.114   -10.821 1.00 20.53 ? 344 ILE A N     1 
ATOM   586 C  CA    . ILE B 2 61 ? -1.446  1.186   -9.885  1.00 20.58 ? 344 ILE A CA    1 
ATOM   587 C  C     . ILE B 2 61 ? -0.772  -0.184  -9.939  1.00 20.13 ? 344 ILE A C     1 
ATOM   588 O  O     . ILE B 2 61 ? -0.519  -0.788  -8.896  1.00 20.60 ? 344 ILE A O     1 
ATOM   589 C  CB    . ILE B 2 61 ? -2.947  1.029   -10.202 1.00 20.95 ? 344 ILE A CB    1 
ATOM   590 C  CG1   . ILE B 2 61 ? -3.669  2.351   -9.981  1.00 21.68 ? 344 ILE A CG1   1 
ATOM   591 C  CG2   . ILE B 2 61 ? -3.575  -0.104  -9.385  1.00 22.17 ? 344 ILE A CG2   1 
ATOM   592 C  CD1   . ILE B 2 61 ? -5.082  2.344   -10.533 1.00 25.92 ? 344 ILE A CD1   1 
ATOM   593 N  N     . SER B 2 62 ? -0.458  -0.652  -11.150 1.00 20.08 ? 345 SER A N     1 
ATOM   594 C  CA    . SER B 2 62 ? 0.190   -1.936  -11.290 1.00 20.42 ? 345 SER A CA    1 
ATOM   595 C  C     . SER B 2 62 ? 1.555   -1.963  -10.605 1.00 20.65 ? 345 SER A C     1 
ATOM   596 O  O     . SER B 2 62 ? 1.870   -2.920  -9.876  1.00 21.14 ? 345 SER A O     1 
ATOM   597 C  CB    . SER B 2 62 ? 0.314   -2.309  -12.759 1.00 19.91 ? 345 SER A CB    1 
ATOM   598 O  OG    . SER B 2 62 ? 0.853   -3.610  -12.863 1.00 19.82 ? 345 SER A OG    1 
ATOM   599 N  N     . LEU B 2 63 ? 2.354   -0.924  -10.826 1.00 20.27 ? 346 LEU A N     1 
ATOM   600 C  CA    . LEU B 2 63 ? 3.674   -0.864  -10.188 1.00 20.32 ? 346 LEU A CA    1 
ATOM   601 C  C     . LEU B 2 63 ? 3.585   -0.767  -8.659  1.00 20.16 ? 346 LEU A C     1 
ATOM   602 O  O     . LEU B 2 63 ? 4.336   -1.440  -7.947  1.00 20.13 ? 346 LEU A O     1 
ATOM   603 C  CB    . LEU B 2 63 ? 4.536   0.255   -10.770 1.00 20.12 ? 346 LEU A CB    1 
ATOM   604 C  CG    . LEU B 2 63 ? 5.986   0.373   -10.287 1.00 20.08 ? 346 LEU A CG    1 
ATOM   605 C  CD1   . LEU B 2 63 ? 6.744   -0.952  -10.417 1.00 21.48 ? 346 LEU A CD1   1 
ATOM   606 C  CD2   . LEU B 2 63 ? 6.694   1.511   -11.039 1.00 20.81 ? 346 LEU A CD2   1 
ATOM   607 N  N     . ALA B 2 64 ? 2.676   0.065   -8.155  1.00 20.14 ? 347 ALA A N     1 
ATOM   608 C  CA    . ALA B 2 64 ? 2.475   0.155   -6.706  1.00 19.91 ? 347 ALA A CA    1 
ATOM   609 C  C     . ALA B 2 64 ? 2.114   -1.220  -6.125  1.00 19.76 ? 347 ALA A C     1 
ATOM   610 O  O     . ALA B 2 64 ? 2.660   -1.643  -5.084  1.00 20.45 ? 347 ALA A O     1 
ATOM   611 C  CB    . ALA B 2 64 ? 1.382   1.135   -6.385  1.00 20.93 ? 347 ALA A CB    1 
ATOM   612 N  N     . GLN B 2 65 ? 1.213   -1.930  -6.800  1.00 19.73 ? 348 GLN A N     1 
ATOM   613 C  CA    . GLN B 2 65 ? 0.784   -3.233  -6.303  1.00 20.04 ? 348 GLN A CA    1 
ATOM   614 C  C     . GLN B 2 65 ? 1.953   -4.232  -6.306  1.00 19.19 ? 348 GLN A C     1 
ATOM   615 O  O     . GLN B 2 65 ? 2.117   -5.026  -5.373  1.00 19.75 ? 348 GLN A O     1 
ATOM   616 C  CB    . GLN B 2 65 ? -0.391  -3.762  -7.119  1.00 21.35 ? 348 GLN A CB    1 
ATOM   617 C  CG    . GLN B 2 65 ? -0.761  -5.194  -6.751  1.00 23.51 ? 348 GLN A CG    1 
ATOM   618 C  CD    . GLN B 2 65 ? -1.496  -5.304  -5.423  1.00 27.79 ? 348 GLN A CD    1 
ATOM   619 O  OE1   . GLN B 2 65 ? -0.911  -5.674  -4.374  1.00 28.82 ? 348 GLN A OE1   1 
ATOM   620 N  NE2   . GLN B 2 65 ? -2.797  -5.020  -5.461  1.00 27.88 ? 348 GLN A NE2   1 
ATOM   621 N  N     . TYR B 2 66 ? 2.757   -4.176  -7.359  1.00 18.34 ? 349 TYR A N     1 
ATOM   622 C  CA    . TYR B 2 66 ? 3.945   -5.019  -7.479  1.00 17.48 ? 349 TYR A CA    1 
ATOM   623 C  C     . TYR B 2 66 ? 4.887   -4.745  -6.278  1.00 18.01 ? 349 TYR A C     1 
ATOM   624 O  O     . TYR B 2 66 ? 5.324   -5.680  -5.586  1.00 17.61 ? 349 TYR A O     1 
ATOM   625 C  CB    . TYR B 2 66 ? 4.641   -4.748  -8.834  1.00 18.51 ? 349 TYR A CB    1 
ATOM   626 C  CG    . TYR B 2 66 ? 6.024   -5.365  -8.902  1.00 17.22 ? 349 TYR A CG    1 
ATOM   627 C  CD1   . TYR B 2 66 ? 7.150   -4.636  -8.504  1.00 18.41 ? 349 TYR A CD1   1 
ATOM   628 C  CD2   . TYR B 2 66 ? 6.208   -6.687  -9.322  1.00 19.34 ? 349 TYR A CD2   1 
ATOM   629 C  CE1   . TYR B 2 66 ? 8.418   -5.202  -8.519  1.00 17.60 ? 349 TYR A CE1   1 
ATOM   630 C  CE2   . TYR B 2 66 ? 7.486   -7.265  -9.359  1.00 18.43 ? 349 TYR A CE2   1 
ATOM   631 C  CZ    . TYR B 2 66 ? 8.584   -6.511  -8.938  1.00 17.70 ? 349 TYR A CZ    1 
ATOM   632 O  OH    . TYR B 2 66 ? 9.844   -7.056  -8.918  1.00 19.77 ? 349 TYR A OH    1 
ATOM   633 N  N     . LEU B 2 67 ? 5.185   -3.475  -6.040  1.00 18.17 ? 350 LEU A N     1 
ATOM   634 C  CA    . LEU B 2 67 ? 6.091   -3.095  -4.945  1.00 19.35 ? 350 LEU A CA    1 
ATOM   635 C  C     . LEU B 2 67 ? 5.564   -3.523  -3.568  1.00 19.96 ? 350 LEU A C     1 
ATOM   636 O  O     . LEU B 2 67 ? 6.333   -3.953  -2.710  1.00 20.91 ? 350 LEU A O     1 
ATOM   637 C  CB    . LEU B 2 67 ? 6.408   -1.582  -4.995  1.00 19.43 ? 350 LEU A CB    1 
ATOM   638 C  CG    . LEU B 2 67 ? 7.128   -1.133  -6.271  1.00 20.38 ? 350 LEU A CG    1 
ATOM   639 C  CD1   . LEU B 2 67 ? 7.148   0.397   -6.298  1.00 20.21 ? 350 LEU A CD1   1 
ATOM   640 C  CD2   . LEU B 2 67 ? 8.542   -1.710  -6.329  1.00 21.87 ? 350 LEU A CD2   1 
ATOM   641 N  N     . ILE B 2 68 ? 4.251   -3.406  -3.369  1.00 19.42 ? 351 ILE A N     1 
ATOM   642 C  CA    . ILE B 2 68 ? 3.614   -3.876  -2.136  1.00 20.31 ? 351 ILE A CA    1 
ATOM   643 C  C     . ILE B 2 68 ? 3.784   -5.390  -2.006  1.00 19.44 ? 351 ILE A C     1 
ATOM   644 O  O     . ILE B 2 68 ? 4.136   -5.896  -0.919  1.00 19.64 ? 351 ILE A O     1 
ATOM   645 C  CB    . ILE B 2 68 ? 2.139   -3.427  -2.084  1.00 21.15 ? 351 ILE A CB    1 
ATOM   646 C  CG1   . ILE B 2 68 ? 2.084   -1.916  -1.796  1.00 21.72 ? 351 ILE A CG1   1 
ATOM   647 C  CG2   . ILE B 2 68 ? 1.327   -4.216  -1.021  1.00 21.73 ? 351 ILE A CG2   1 
ATOM   648 C  CD1   . ILE B 2 68 ? 0.748   -1.328  -2.051  1.00 24.63 ? 351 ILE A CD1   1 
ATOM   649 N  N     . ASN B 2 69 ? 3.558   -6.126  -3.105  1.00 18.40 ? 352 ASN A N     1 
ATOM   650 C  CA    . ASN B 2 69 ? 3.748   -7.578  -3.080  1.00 18.54 ? 352 ASN A CA    1 
ATOM   651 C  C     . ASN B 2 69 ? 5.189   -7.987  -2.799  1.00 18.41 ? 352 ASN A C     1 
ATOM   652 O  O     . ASN B 2 69 ? 5.427   -8.976  -2.087  1.00 19.04 ? 352 ASN A O     1 
ATOM   653 C  CB    . ASN B 2 69 ? 3.231   -8.219  -4.358  1.00 19.55 ? 352 ASN A CB    1 
ATOM   654 C  CG    . ASN B 2 69 ? 1.711   -8.247  -4.426  1.00 18.00 ? 352 ASN A CG    1 
ATOM   655 O  OD1   . ASN B 2 69 ? 1.099   -8.155  -5.522  1.00 21.53 ? 352 ASN A OD1   1 
ATOM   656 N  ND2   . ASN B 2 69 ? 1.097   -8.399  -3.292  1.00 17.87 ? 352 ASN A ND2   1 
ATOM   657 N  N     . VAL B 2 70 ? 6.152   -7.233  -3.341  1.00 18.38 ? 353 VAL A N     1 
ATOM   658 C  CA    . VAL B 2 70 ? 7.547   -7.516  -3.030  1.00 19.31 ? 353 VAL A CA    1 
ATOM   659 C  C     . VAL B 2 70 ? 7.766   -7.466  -1.512  1.00 19.35 ? 353 VAL A C     1 
ATOM   660 O  O     . VAL B 2 70 ? 8.370   -8.382  -0.917  1.00 19.58 ? 353 VAL A O     1 
ATOM   661 C  CB    . VAL B 2 70 ? 8.519   -6.560  -3.761  1.00 19.48 ? 353 VAL A CB    1 
ATOM   662 C  CG1   . VAL B 2 70 ? 9.939   -6.787  -3.254  1.00 22.06 ? 353 VAL A CG1   1 
ATOM   663 C  CG2   . VAL B 2 70 ? 8.434   -6.782  -5.253  1.00 18.13 ? 353 VAL A CG2   1 
ATOM   664 N  N     . ARG B 2 71 ? 7.247   -6.413  -0.885  1.00 20.27 ? 354 ARG A N     1 
ATOM   665 C  CA    . ARG B 2 71 ? 7.385   -6.258  0.564   1.00 21.46 ? 354 ARG A CA    1 
ATOM   666 C  C     . ARG B 2 71 ? 6.661   -7.362  1.321   1.00 21.34 ? 354 ARG A C     1 
ATOM   667 O  O     . ARG B 2 71 ? 7.203   -7.945  2.268   1.00 22.04 ? 354 ARG A O     1 
ATOM   668 C  CB    . ARG B 2 71 ? 6.849   -4.889  0.984   1.00 22.65 ? 354 ARG A CB    1 
ATOM   669 C  CG    . ARG B 2 71 ? 7.665   -3.716  0.489   1.00 26.42 ? 354 ARG A CG    1 
ATOM   670 C  CD    . ARG B 2 71 ? 9.128   -3.816  0.906   1.00 32.82 ? 354 ARG A CD    1 
ATOM   671 N  NE    . ARG B 2 71 ? 9.319   -3.726  2.352   1.00 38.74 ? 354 ARG A NE    1 
ATOM   672 C  CZ    . ARG B 2 71 ? 9.963   -4.630  3.090   1.00 42.08 ? 354 ARG A CZ    1 
ATOM   673 N  NH1   . ARG B 2 71 ? 10.500  -5.715  2.529   1.00 43.86 ? 354 ARG A NH1   1 
ATOM   674 N  NH2   . ARG B 2 71 ? 10.083  -4.448  4.397   1.00 42.29 ? 354 ARG A NH2   1 
ATOM   675 N  N     . LEU B 2 72 ? 5.429   -7.654  0.927   1.00 20.13 ? 355 LEU A N     1 
ATOM   676 C  CA    . LEU B 2 72 ? 4.656   -8.710  1.620   1.00 20.97 ? 355 LEU A CA    1 
ATOM   677 C  C     . LEU B 2 72 ? 5.343   -10.067 1.503   1.00 22.06 ? 355 LEU A C     1 
ATOM   678 O  O     . LEU B 2 72 ? 5.292   -10.869 2.424   1.00 21.90 ? 355 LEU A O     1 
ATOM   679 C  CB    . LEU B 2 72 ? 3.232   -8.792  1.043   1.00 20.90 ? 355 LEU A CB    1 
ATOM   680 C  CG    . LEU B 2 72 ? 2.283   -7.621  1.380   1.00 21.20 ? 355 LEU A CG    1 
ATOM   681 C  CD1   . LEU B 2 72 ? 0.998   -7.724  0.545   1.00 23.99 ? 355 LEU A CD1   1 
ATOM   682 C  CD2   . LEU B 2 72 ? 1.952   -7.613  2.879   1.00 23.23 ? 355 LEU A CD2   1 
ATOM   683 N  N     . SER B 2 73 ? 6.004   -10.326 0.370   1.00 21.49 ? 356 SER A N     1 
ATOM   684 C  CA    A SER B 2 73 ? 6.643   -11.625 0.142   0.50 23.99 ? 356 SER A CA    1 
ATOM   685 C  CA    B SER B 2 73 ? 6.634   -11.631 0.141   0.50 23.51 ? 356 SER A CA    1 
ATOM   686 C  C     . SER B 2 73 ? 7.856   -11.873 1.035   1.00 25.51 ? 356 SER A C     1 
ATOM   687 O  O     . SER B 2 73 ? 8.341   -13.005 1.136   1.00 27.09 ? 356 SER A O     1 
ATOM   688 C  CB    A SER B 2 73 ? 7.005   -11.784 -1.333  0.50 23.82 ? 356 SER A CB    1 
ATOM   689 C  CB    B SER B 2 73 ? 7.007   -11.790 -1.332  0.50 23.28 ? 356 SER A CB    1 
ATOM   690 O  OG    A SER B 2 73 ? 5.827   -11.835 -2.105  0.50 25.91 ? 356 SER A OG    1 
ATOM   691 O  OG    B SER B 2 73 ? 8.146   -11.012 -1.627  0.50 22.67 ? 356 SER A OG    1 
ATOM   692 N  N     . SER B 2 74 ? 8.346   -10.814 1.690   1.00 27.90 ? 357 SER A N     1 
ATOM   693 C  CA    . SER B 2 74 ? 9.446   -10.937 2.665   1.00 31.85 ? 357 SER A CA    1 
ATOM   694 C  C     . SER B 2 74 ? 8.976   -11.343 4.066   1.00 33.20 ? 357 SER A C     1 
ATOM   695 O  O     . SER B 2 74 ? 9.747   -11.910 4.858   1.00 33.25 ? 357 SER A O     1 
ATOM   696 C  CB    . SER B 2 74 ? 10.204  -9.606  2.791   1.00 31.94 ? 357 SER A CB    1 
ATOM   697 O  OG    . SER B 2 74 ? 10.651  -9.144  1.535   1.00 35.93 ? 357 SER A OG    1 
ATOM   698 N  N     . GLU B 2 75 ? 7.717   -11.023 4.376   1.00 35.29 ? 358 GLU A N     1 
ATOM   699 C  CA    . GLU B 2 75 ? 7.193   -11.139 5.745   1.00 36.55 ? 358 GLU A CA    1 
ATOM   700 C  C     . GLU B 2 75 ? 6.126   -12.231 5.920   1.00 37.55 ? 358 GLU A C     1 
ATOM   701 O  O     . GLU B 2 75 ? 5.709   -12.891 4.962   1.00 37.89 ? 358 GLU A O     1 
ATOM   702 C  CB    . GLU B 2 75 ? 6.674   -9.778  6.246   1.00 37.00 ? 358 GLU A CB    1 
ATOM   703 C  CG    . GLU B 2 75 ? 5.604   -9.130  5.362   1.00 35.93 ? 358 GLU A CG    1 
ATOM   704 C  CD    . GLU B 2 75 ? 4.976   -7.885  5.969   1.00 35.91 ? 358 GLU A CD    1 
ATOM   705 O  OE1   . GLU B 2 75 ? 4.233   -7.178  5.245   1.00 34.25 ? 358 GLU A OE1   1 
ATOM   706 O  OE2   . GLU B 2 75 ? 5.231   -7.585  7.154   1.00 35.31 ? 358 GLU A OE2   1 
HETATM 707 N  N3    . CYT C 3 .  ? -3.322  -12.045 3.515   1.00 42.07 ? 501 CYT A N3    1 
HETATM 708 C  C4    . CYT C 3 .  ? -2.203  -12.634 3.945   1.00 42.42 ? 501 CYT A C4    1 
HETATM 709 N  N1    . CYT C 3 .  ? -1.975  -10.339 2.504   1.00 42.45 ? 501 CYT A N1    1 
HETATM 710 C  C2    . CYT C 3 .  ? -3.237  -10.891 2.793   1.00 42.58 ? 501 CYT A C2    1 
HETATM 711 O  O2    . CYT C 3 .  ? -4.245  -10.315 2.380   1.00 44.90 ? 501 CYT A O2    1 
HETATM 712 N  N4    . CYT C 3 .  ? -2.326  -13.759 4.659   1.00 44.38 ? 501 CYT A N4    1 
HETATM 713 C  C5    . CYT C 3 .  ? -0.907  -12.088 3.672   1.00 42.69 ? 501 CYT A C5    1 
HETATM 714 C  C6    . CYT C 3 .  ? -0.841  -10.959 2.950   1.00 41.90 ? 501 CYT A C6    1 
HETATM 715 O  O     . HOH D 4 .  ? 2.664   -4.043  11.285  1.00 20.34 ? 12  HOH B O     1 
HETATM 716 O  O     . HOH D 4 .  ? -1.663  6.655   3.848   1.00 22.12 ? 13  HOH B O     1 
HETATM 717 O  O     . HOH D 4 .  ? -0.828  5.822   12.135  1.00 31.90 ? 15  HOH B O     1 
HETATM 718 O  O     . HOH D 4 .  ? 0.024   8.975   -1.963  1.00 23.68 ? 22  HOH B O     1 
HETATM 719 O  O     . HOH D 4 .  ? 1.912   -7.843  15.934  1.00 31.45 ? 25  HOH B O     1 
HETATM 720 O  O     . HOH D 4 .  ? -0.021  8.487   11.591  1.00 44.60 ? 31  HOH B O     1 
HETATM 721 O  O     . HOH D 4 .  ? 3.462   1.387   15.824  1.00 37.47 ? 33  HOH B O     1 
HETATM 722 O  O     . HOH D 4 .  ? 3.427   11.689  -1.953  1.00 54.23 ? 35  HOH B O     1 
HETATM 723 O  O     . HOH D 4 .  ? -2.856  9.497   0.304   1.00 36.68 ? 40  HOH B O     1 
HETATM 724 O  O     . HOH D 4 .  ? 2.253   -11.300 14.060  1.00 49.63 ? 47  HOH B O     1 
HETATM 725 O  O     . HOH D 4 .  ? 5.960   -1.692  17.514  1.00 34.20 ? 59  HOH B O     1 
HETATM 726 O  O     . HOH D 4 .  ? 2.876   -4.670  18.024  1.00 39.68 ? 60  HOH B O     1 
HETATM 727 O  O     . HOH D 4 .  ? 7.633   8.696   11.611  1.00 44.27 ? 67  HOH B O     1 
HETATM 728 O  O     . HOH D 4 .  ? 8.430   2.487   16.229  0.50 36.72 ? 68  HOH B O     1 
HETATM 729 O  O     . HOH D 4 .  ? 0.398   15.204  4.559   1.00 54.43 ? 70  HOH B O     1 
HETATM 730 O  O     . HOH D 4 .  ? -1.502  13.244  10.114  1.00 59.81 ? 72  HOH B O     1 
HETATM 731 O  O     . HOH D 4 .  ? 9.304   -10.801 8.545   1.00 53.30 ? 73  HOH B O     1 
HETATM 732 O  O     . HOH D 4 .  ? 3.781   -13.082 8.669   1.00 52.09 ? 78  HOH B O     1 
HETATM 733 O  O     . HOH D 4 .  ? -4.718  10.914  1.508   1.00 75.03 ? 82  HOH B O     1 
HETATM 734 O  O     . HOH E 4 .  ? -7.102  -1.630  12.228  1.00 22.44 ? 1   HOH A O     1 
HETATM 735 O  O     . HOH E 4 .  ? -6.572  -9.566  9.308   1.00 36.39 ? 2   HOH A O     1 
HETATM 736 O  O     . HOH E 4 .  ? -11.487 -7.109  11.139  1.00 31.34 ? 3   HOH A O     1 
HETATM 737 O  O     . HOH E 4 .  ? 0.957   -5.588  -9.999  1.00 20.17 ? 4   HOH A O     1 
HETATM 738 O  O     . HOH E 4 .  ? -0.798  7.842   -11.695 1.00 30.70 ? 5   HOH A O     1 
HETATM 739 O  O     . HOH E 4 .  ? -8.165  7.157   7.900   1.00 35.84 ? 6   HOH A O     1 
HETATM 740 O  O     . HOH E 4 .  ? -5.667  6.317   -3.062  1.00 27.54 ? 7   HOH A O     1 
HETATM 741 O  O     . HOH E 4 .  ? 3.242   -0.908  -14.559 1.00 20.39 ? 8   HOH A O     1 
HETATM 742 O  O     . HOH E 4 .  ? 9.862   -9.683  -7.983  0.33 19.85 ? 9   HOH A O     1 
HETATM 743 O  O     . HOH E 4 .  ? 11.850  -5.653  -7.740  1.00 32.91 ? 10  HOH A O     1 
HETATM 744 O  O     . HOH E 4 .  ? 2.889   -7.076  -11.651 1.00 20.32 ? 11  HOH A O     1 
HETATM 745 O  O     . HOH E 4 .  ? -4.500  7.614   7.031   1.00 27.36 ? 14  HOH A O     1 
HETATM 746 O  O     . HOH E 4 .  ? -2.807  6.208   10.267  1.00 25.27 ? 16  HOH A O     1 
HETATM 747 O  O     . HOH E 4 .  ? -7.633  3.470   2.209   1.00 30.73 ? 17  HOH A O     1 
HETATM 748 O  O     . HOH E 4 .  ? -1.940  -11.511 9.894   1.00 37.08 ? 18  HOH A O     1 
HETATM 749 O  O     . HOH E 4 .  ? 4.676   -5.359  9.597   1.00 24.70 ? 19  HOH A O     1 
HETATM 750 O  O     . HOH E 4 .  ? -9.268  0.212   7.650   1.00 30.44 ? 20  HOH A O     1 
HETATM 751 O  O     . HOH E 4 .  ? -7.903  -7.361  0.218   1.00 23.48 ? 21  HOH A O     1 
HETATM 752 O  O     . HOH E 4 .  ? -10.657 3.007   16.329  1.00 38.54 ? 23  HOH A O     1 
HETATM 753 O  O     . HOH E 4 .  ? 3.984   -13.582 2.584   1.00 34.82 ? 24  HOH A O     1 
HETATM 754 O  O     . HOH E 4 .  ? -1.109  -5.415  -12.472 1.00 35.04 ? 26  HOH A O     1 
HETATM 755 O  O     . HOH E 4 .  ? -9.587  4.384   9.634   1.00 32.31 ? 27  HOH A O     1 
HETATM 756 O  O     . HOH E 4 .  ? -3.357  -1.459  -13.393 1.00 31.48 ? 28  HOH A O     1 
HETATM 757 O  O     . HOH E 4 .  ? -6.837  1.819   17.301  1.00 51.84 ? 29  HOH A O     1 
HETATM 758 O  O     . HOH E 4 .  ? -13.620 -0.291  15.451  1.00 27.61 ? 30  HOH A O     1 
HETATM 759 O  O     . HOH E 4 .  ? -1.691  9.128   -9.500  1.00 49.50 ? 32  HOH A O     1 
HETATM 760 O  O     . HOH E 4 .  ? -12.951 4.734   -9.774  1.00 54.44 ? 34  HOH A O     1 
HETATM 761 O  O     . HOH E 4 .  ? -9.730  0.142   -10.739 1.00 72.20 ? 36  HOH A O     1 
HETATM 762 O  O     . HOH E 4 .  ? 1.572   7.992   -13.453 1.00 58.65 ? 37  HOH A O     1 
HETATM 763 O  O     . HOH E 4 .  ? 2.819   9.363   -5.830  1.00 39.20 ? 38  HOH A O     1 
HETATM 764 O  O     . HOH E 4 .  ? -10.269 -1.716  8.842   1.00 40.38 ? 39  HOH A O     1 
HETATM 765 O  O     . HOH E 4 .  ? 11.255  -3.663  -5.490  1.00 49.05 ? 42  HOH A O     1 
HETATM 766 O  O     . HOH E 4 .  ? -0.695  -1.479  -16.035 1.00 37.40 ? 43  HOH A O     1 
HETATM 767 O  O     . HOH E 4 .  ? -7.149  -9.202  2.488   1.00 34.59 ? 44  HOH A O     1 
HETATM 768 O  O     . HOH E 4 .  ? 10.338  9.387   3.473   1.00 36.59 ? 45  HOH A O     1 
HETATM 769 O  O     . HOH E 4 .  ? 11.459  7.426   1.468   1.00 35.75 ? 46  HOH A O     1 
HETATM 770 O  O     . HOH E 4 .  ? 9.930   -0.118  -3.028  1.00 44.68 ? 48  HOH A O     1 
HETATM 771 O  O     . HOH E 4 .  ? 3.192   -11.485 4.076   1.00 43.98 ? 49  HOH A O     1 
HETATM 772 O  O     . HOH E 4 .  ? 12.256  0.541   7.893   1.00 61.95 ? 50  HOH A O     1 
HETATM 773 O  O     . HOH E 4 .  ? -1.915  -11.984 13.479  1.00 43.38 ? 51  HOH A O     1 
HETATM 774 O  O     . HOH E 4 .  ? 10.529  -10.025 -1.800  1.00 38.26 ? 52  HOH A O     1 
HETATM 775 O  O     . HOH E 4 .  ? 1.777   9.947   -3.707  1.00 42.63 ? 53  HOH A O     1 
HETATM 776 O  O     . HOH E 4 .  ? 4.722   11.209  0.384   1.00 50.71 ? 54  HOH A O     1 
HETATM 777 O  O     . HOH E 4 .  ? -6.829  12.899  -4.578  1.00 57.28 ? 55  HOH A O     1 
HETATM 778 O  O     . HOH E 4 .  ? -10.148 6.880   -8.708  1.00 49.51 ? 56  HOH A O     1 
HETATM 779 O  O     . HOH E 4 .  ? -6.169  3.295   -13.707 1.00 37.63 ? 57  HOH A O     1 
HETATM 780 O  O     . HOH E 4 .  ? -10.974 4.057   5.381   1.00 45.83 ? 58  HOH A O     1 
HETATM 781 O  O     . HOH E 4 .  ? 6.280   9.824   -8.408  1.00 46.80 ? 61  HOH A O     1 
HETATM 782 O  O     . HOH E 4 .  ? -7.992  0.385   10.187  1.00 40.34 ? 62  HOH A O     1 
HETATM 783 O  O     . HOH E 4 .  ? -4.804  -1.023  13.875  1.00 31.04 ? 63  HOH A O     1 
HETATM 784 O  O     . HOH E 4 .  ? -6.034  -0.545  16.403  0.50 27.79 ? 64  HOH A O     1 
HETATM 785 O  O     . HOH E 4 .  ? -10.854 2.403   7.545   1.00 39.65 ? 65  HOH A O     1 
HETATM 786 O  O     . HOH E 4 .  ? 11.962  -5.814  0.222   1.00 50.51 ? 66  HOH A O     1 
HETATM 787 O  O     . HOH E 4 .  ? -1.191  -1.832  11.704  1.00 29.31 ? 69  HOH A O     1 
HETATM 788 O  O     . HOH E 4 .  ? -4.996  -11.481 10.172  1.00 45.32 ? 71  HOH A O     1 
HETATM 789 O  O     . HOH E 4 .  ? -2.902  -3.650  -11.364 1.00 49.29 ? 74  HOH A O     1 
HETATM 790 O  O     . HOH E 4 .  ? 7.088   11.887  -9.980  1.00 54.59 ? 75  HOH A O     1 
HETATM 791 O  O     . HOH E 4 .  ? -3.562  -15.961 5.595   1.00 53.06 ? 76  HOH A O     1 
HETATM 792 O  O     . HOH E 4 .  ? -9.117  6.510   5.246   1.00 51.86 ? 77  HOH A O     1 
HETATM 793 O  O     . HOH E 4 .  ? -11.083 -2.088  -5.832  1.00 45.80 ? 79  HOH A O     1 
HETATM 794 O  O     . HOH E 4 .  ? 9.055   -2.949  -2.705  1.00 33.77 ? 80  HOH A O     1 
HETATM 795 O  O     . HOH E 4 .  ? 7.960   -14.711 4.767   1.00 54.05 ? 81  HOH A O     1 
# 
loop_
_atom_site_anisotrop.id 
_atom_site_anisotrop.type_symbol 
_atom_site_anisotrop.pdbx_label_atom_id 
_atom_site_anisotrop.pdbx_label_alt_id 
_atom_site_anisotrop.pdbx_label_comp_id 
_atom_site_anisotrop.pdbx_label_asym_id 
_atom_site_anisotrop.pdbx_label_seq_id 
_atom_site_anisotrop.pdbx_PDB_ins_code 
_atom_site_anisotrop.U[1][1] 
_atom_site_anisotrop.U[2][2] 
_atom_site_anisotrop.U[3][3] 
_atom_site_anisotrop.U[1][2] 
_atom_site_anisotrop.U[1][3] 
_atom_site_anisotrop.U[2][3] 
_atom_site_anisotrop.pdbx_auth_seq_id 
_atom_site_anisotrop.pdbx_auth_comp_id 
_atom_site_anisotrop.pdbx_auth_asym_id 
_atom_site_anisotrop.pdbx_auth_atom_id 
161 N N   . SER B 6  ? 0.4589 0.4424 0.4212 0.0023  -0.0007 0.0092  289 SER A N   
162 C CA  . SER B 6  ? 0.4687 0.4401 0.3988 0.0014  0.0011  0.0135  289 SER A CA  
163 C C   . SER B 6  ? 0.4647 0.4329 0.3761 0.0008  0.0017  0.0135  289 SER A C   
164 O O   . SER B 6  ? 0.4728 0.4416 0.3897 0.0005  -0.0023 0.0218  289 SER A O   
165 C CB  . SER B 6  ? 0.4759 0.4403 0.4139 -0.0004 0.0028  0.0128  289 SER A CB  
166 O OG  . SER B 6  ? 0.4975 0.4638 0.4434 0.0009  0.0078  0.0221  289 SER A OG  
167 N N   . HIS B 7  ? 0.4538 0.4160 0.3259 0.0042  0.0091  0.0143  290 HIS A N   
168 C CA  A HIS B 7  ? 0.4294 0.4811 0.3230 0.0402  -0.0337 0.0231  290 HIS A CA  
169 C CA  B HIS B 7  ? 0.4513 0.4108 0.3003 0.0097  0.0126  0.0076  290 HIS A CA  
170 C C   . HIS B 7  ? 0.4302 0.3881 0.2732 0.0122  0.0248  0.0109  290 HIS A C   
171 O O   . HIS B 7  ? 0.4075 0.3527 0.2399 0.0117  0.0369  0.0179  290 HIS A O   
172 C CB  A HIS B 7  ? 0.4309 0.4843 0.3200 0.0400  -0.0347 0.0210  290 HIS A CB  
173 C CB  B HIS B 7  ? 0.4547 0.4193 0.2956 0.0098  0.0179  -0.0009 290 HIS A CB  
174 C CG  A HIS B 7  ? 0.4572 0.5031 0.3477 0.0339  -0.0324 0.0182  290 HIS A CG  
175 C CG  B HIS B 7  ? 0.5095 0.4551 0.3450 0.0094  0.0301  0.0107  290 HIS A CG  
176 N ND1 A HIS B 7  ? 0.4792 0.5208 0.3682 0.0357  -0.0379 0.0116  290 HIS A ND1 
177 N ND1 B HIS B 7  ? 0.5523 0.5023 0.4053 0.0218  0.0242  0.0013  290 HIS A ND1 
178 C CD2 A HIS B 7  ? 0.4688 0.5088 0.3633 0.0348  -0.0306 0.0159  290 HIS A CD2 
179 C CD2 B HIS B 7  ? 0.5324 0.4699 0.4077 0.0217  0.0363  0.0078  290 HIS A CD2 
180 C CE1 A HIS B 7  ? 0.4725 0.5152 0.3545 0.0371  -0.0344 0.0142  290 HIS A CE1 
181 C CE1 B HIS B 7  ? 0.5476 0.4890 0.4031 0.0244  0.0417  0.0067  290 HIS A CE1 
182 N NE2 A HIS B 7  ? 0.4801 0.5218 0.3648 0.0355  -0.0305 0.0045  290 HIS A NE2 
183 N NE2 B HIS B 7  ? 0.5604 0.4926 0.4135 0.0237  0.0486  -0.0029 290 HIS A NE2 
184 N N   . GLU B 8  ? 0.4265 0.3854 0.2794 0.0148  0.0157  0.0035  291 GLU A N   
185 C CA  . GLU B 8  ? 0.4368 0.3831 0.3032 0.0175  0.0211  -0.0001 291 GLU A CA  
186 C C   . GLU B 8  ? 0.4176 0.3621 0.2758 0.0236  0.0204  0.0026  291 GLU A C   
187 O O   . GLU B 8  ? 0.4179 0.3494 0.2743 0.0175  0.0078  -0.0029 291 GLU A O   
188 C CB  . GLU B 8  ? 0.4309 0.3889 0.2948 0.0152  0.0306  -0.0035 291 GLU A CB  
189 C CG  . GLU B 8  ? 0.4785 0.4358 0.3678 0.0172  0.0254  -0.0063 291 GLU A CG  
190 C CD  . GLU B 8  ? 0.4915 0.4404 0.3787 0.0158  0.0158  -0.0179 291 GLU A CD  
191 O OE1 . GLU B 8  ? 0.5756 0.4940 0.4515 0.0274  0.0159  -0.0375 291 GLU A OE1 
192 O OE2 . GLU B 8  ? 0.5541 0.5335 0.4784 0.0119  -0.0045 -0.0273 291 GLU A OE2 
193 N N   . LEU B 9  ? 0.4092 0.3377 0.2421 0.0296  0.0229  0.0060  292 LEU A N   
194 C CA  . LEU B 9  ? 0.4069 0.3478 0.2495 0.0422  0.0192  -0.0004 292 LEU A CA  
195 C C   . LEU B 9  ? 0.3942 0.3376 0.2322 0.0435  0.0249  -0.0016 292 LEU A C   
196 O O   . LEU B 9  ? 0.4154 0.3237 0.2409 0.0364  0.0245  -0.0008 292 LEU A O   
197 C CB  . LEU B 9  ? 0.4203 0.3740 0.2736 0.0423  0.0229  0.0131  292 LEU A CB  
198 C CG  . LEU B 9  ? 0.3980 0.3833 0.3363 0.0328  -0.0018 -0.0118 292 LEU A CG  
199 C CD1 . LEU B 9  ? 0.4411 0.4463 0.4045 0.0447  -0.0055 -0.0270 292 LEU A CD1 
200 C CD2 . LEU B 9  ? 0.4313 0.4677 0.3385 0.0226  0.0276  0.0065  292 LEU A CD2 
201 N N   . THR B 10 ? 0.3658 0.3282 0.2176 0.0627  0.0198  -0.0114 293 THR A N   
202 C CA  . THR B 10 ? 0.3694 0.3424 0.2576 0.0651  0.0233  0.0014  293 THR A CA  
203 C C   . THR B 10 ? 0.3598 0.3358 0.2441 0.0670  0.0204  -0.0111 293 THR A C   
204 O O   . THR B 10 ? 0.3781 0.3261 0.2634 0.0898  0.0106  -0.0267 293 THR A O   
205 C CB  . THR B 10 ? 0.3659 0.3753 0.2541 0.0756  0.0343  0.0063  293 THR A CB  
206 O OG1 . THR B 10 ? 0.3998 0.4187 0.3603 0.0732  0.0360  0.0215  293 THR A OG1 
207 C CG2 . THR B 10 ? 0.3994 0.4174 0.3023 0.0650  0.0293  0.0095  293 THR A CG2 
208 N N   . ILE B 11 ? 0.3473 0.3092 0.2202 0.0632  0.0257  -0.0034 294 ILE A N   
209 C CA  . ILE B 11 ? 0.3401 0.3049 0.2116 0.0586  0.0312  -0.0031 294 ILE A CA  
210 C C   . ILE B 11 ? 0.3334 0.3017 0.2192 0.0619  0.0214  -0.0054 294 ILE A C   
211 O O   . ILE B 11 ? 0.3434 0.3236 0.2092 0.0710  0.0246  -0.0179 294 ILE A O   
212 C CB  . ILE B 11 ? 0.3547 0.3187 0.2243 0.0585  0.0261  0.0029  294 ILE A CB  
213 C CG1 . ILE B 11 ? 0.3795 0.3362 0.2223 0.0725  0.0229  -0.0078 294 ILE A CG1 
214 C CG2 . ILE B 11 ? 0.3511 0.3187 0.2365 0.0534  0.0403  -0.0135 294 ILE A CG2 
215 C CD1 . ILE B 11 ? 0.4404 0.3964 0.2492 0.0670  0.0255  -0.0246 294 ILE A CD1 
216 N N   . PRO B 12 ? 0.3175 0.2897 0.2199 0.0618  0.0276  -0.0070 295 PRO A N   
217 C CA  . PRO B 12 ? 0.3137 0.2853 0.2291 0.0573  0.0222  -0.0066 295 PRO A CA  
218 C C   . PRO B 12 ? 0.2992 0.2820 0.2278 0.0472  0.0322  -0.0033 295 PRO A C   
219 O O   . PRO B 12 ? 0.2907 0.3037 0.2289 0.0480  0.0344  -0.0063 295 PRO A O   
220 C CB  . PRO B 12 ? 0.3174 0.2913 0.2515 0.0539  0.0171  -0.0108 295 PRO A CB  
221 C CG  . PRO B 12 ? 0.3311 0.2935 0.2163 0.0580  0.0225  -0.0104 295 PRO A CG  
222 C CD  . PRO B 12 ? 0.3332 0.2943 0.2293 0.0598  0.0259  -0.0010 295 PRO A CD  
223 N N   . ASN B 13 ? 0.2838 0.2807 0.2351 0.0491  0.0375  -0.0095 296 ASN A N   
224 C CA  . ASN B 13 ? 0.2649 0.2680 0.2268 0.0358  0.0455  -0.0102 296 ASN A CA  
225 C C   . ASN B 13 ? 0.2714 0.2699 0.2385 0.0237  0.0472  -0.0089 296 ASN A C   
226 O O   . ASN B 13 ? 0.2773 0.2612 0.2528 0.0099  0.0514  0.0039  296 ASN A O   
227 C CB  . ASN B 13 ? 0.2661 0.2904 0.2221 0.0397  0.0621  -0.0088 296 ASN A CB  
228 C CG  . ASN B 13 ? 0.2698 0.2955 0.2438 0.0498  0.0545  0.0209  296 ASN A CG  
229 O OD1 . ASN B 13 ? 0.2832 0.4146 0.2659 0.0569  0.0795  0.0135  296 ASN A OD1 
230 N ND2 . ASN B 13 ? 0.2694 0.3453 0.2262 0.0699  0.0613  0.0128  296 ASN A ND2 
231 N N   . ASP B 14 ? 0.2623 0.2577 0.2309 0.0124  0.0416  -0.0096 297 ASP A N   
232 C CA  . ASP B 14 ? 0.2813 0.2641 0.2476 0.0083  0.0489  -0.0089 297 ASP A CA  
233 C C   . ASP B 14 ? 0.2799 0.2747 0.2523 0.0007  0.0521  -0.0126 297 ASP A C   
234 O O   . ASP B 14 ? 0.2899 0.3088 0.2644 0.0066  0.0457  -0.0074 297 ASP A O   
235 C CB  . ASP B 14 ? 0.2890 0.2557 0.2697 0.0009  0.0465  -0.0044 297 ASP A CB  
236 C CG  . ASP B 14 ? 0.3275 0.2606 0.3237 0.0104  0.0290  0.0028  297 ASP A CG  
237 O OD1 . ASP B 14 ? 0.3499 0.2478 0.3331 0.0329  0.0212  -0.0116 297 ASP A OD1 
238 O OD2 . ASP B 14 ? 0.3755 0.2797 0.4291 -0.0180 0.0073  0.0069  297 ASP A OD2 
239 N N   . LEU B 15 ? 0.2725 0.2622 0.2370 -0.0061 0.0567  -0.0176 298 LEU A N   
240 C CA  . LEU B 15 ? 0.2931 0.2635 0.2501 -0.0061 0.0516  -0.0130 298 LEU A CA  
241 C C   . LEU B 15 ? 0.2968 0.2754 0.2582 -0.0076 0.0502  0.0001  298 LEU A C   
242 O O   . LEU B 15 ? 0.3238 0.2866 0.2620 -0.0048 0.0585  0.0165  298 LEU A O   
243 C CB  . LEU B 15 ? 0.2898 0.2811 0.2553 -0.0139 0.0462  -0.0210 298 LEU A CB  
244 C CG  . LEU B 15 ? 0.2920 0.2727 0.2899 -0.0046 0.0331  -0.0322 298 LEU A CG  
245 C CD1 . LEU B 15 ? 0.3157 0.3539 0.2801 -0.0036 0.0380  -0.0790 298 LEU A CD1 
246 C CD2 . LEU B 15 ? 0.3073 0.3080 0.3579 0.0091  0.0205  -0.0451 298 LEU A CD2 
247 N N   . ILE B 16 ? 0.3126 0.2453 0.2694 -0.0063 0.0390  0.0096  299 ILE A N   
248 C CA  . ILE B 16 ? 0.3209 0.2764 0.2912 -0.0027 0.0178  0.0161  299 ILE A CA  
249 C C   . ILE B 16 ? 0.3177 0.2691 0.2951 -0.0070 0.0129  0.0208  299 ILE A C   
250 O O   . ILE B 16 ? 0.3121 0.2867 0.3045 -0.0232 0.0075  0.0367  299 ILE A O   
251 C CB  . ILE B 16 ? 0.3414 0.2781 0.2920 0.0054  0.0164  0.0177  299 ILE A CB  
252 C CG1 . ILE B 16 ? 0.3723 0.3239 0.3109 0.0009  0.0036  0.0354  299 ILE A CG1 
253 C CG2 . ILE B 16 ? 0.3667 0.3310 0.3251 0.0054  0.0075  0.0024  299 ILE A CG2 
254 C CD1 . ILE B 16 ? 0.4398 0.3375 0.3362 0.0254  -0.0111 0.0217  299 ILE A CD1 
255 N N   . GLY B 17 ? 0.3214 0.2828 0.3161 -0.0144 0.0050  0.0203  300 GLY A N   
256 C CA  . GLY B 17 ? 0.3378 0.3238 0.3400 -0.0070 0.0012  0.0161  300 GLY A CA  
257 C C   . GLY B 17 ? 0.3551 0.3520 0.3543 -0.0015 -0.0031 0.0081  300 GLY A C   
278 N N   . ILE B 20 ? 0.3286 0.3200 0.3010 -0.0220 0.0127  0.0086  303 ILE A N   
279 C CA  . ILE B 20 ? 0.3439 0.3360 0.2880 -0.0342 0.0136  0.0043  303 ILE A CA  
280 C C   . ILE B 20 ? 0.3504 0.3390 0.2875 -0.0496 0.0105  0.0195  303 ILE A C   
281 O O   . ILE B 20 ? 0.3545 0.3452 0.2821 -0.0543 0.0062  0.0231  303 ILE A O   
282 C CB  . ILE B 20 ? 0.3409 0.3283 0.2919 -0.0321 0.0181  0.0050  303 ILE A CB  
283 C CG1 . ILE B 20 ? 0.3419 0.3433 0.2754 -0.0361 0.0144  -0.0156 303 ILE A CG1 
284 C CG2 . ILE B 20 ? 0.3387 0.3236 0.3001 -0.0384 0.0069  -0.0085 303 ILE A CG2 
285 C CD1 . ILE B 20 ? 0.3468 0.3584 0.2896 -0.0216 0.0197  -0.0025 303 ILE A CD1 
286 N N   . GLY B 21 ? 0.3665 0.3537 0.2874 -0.0596 0.0070  0.0252  304 GLY A N   
287 C CA  . GLY B 21 ? 0.3778 0.3668 0.2952 -0.0804 -0.0002 0.0435  304 GLY A CA  
288 C C   . GLY B 21 ? 0.3892 0.3848 0.2864 -0.0895 -0.0009 0.0506  304 GLY A C   
289 O O   . GLY B 21 ? 0.3942 0.3808 0.2856 -0.0869 -0.0048 0.0632  304 GLY A O   
290 N N   . ARG B 22 ? 0.4033 0.3982 0.3077 -0.1030 -0.0065 0.0459  305 ARG A N   
291 C CA  . ARG B 22 ? 0.4224 0.4253 0.3178 -0.1080 -0.0145 0.0396  305 ARG A CA  
292 C C   . ARG B 22 ? 0.4236 0.4214 0.3118 -0.1156 -0.0175 0.0314  305 ARG A C   
293 O O   . ARG B 22 ? 0.4209 0.4278 0.2967 -0.1122 -0.0088 0.0387  305 ARG A O   
294 C CB  . ARG B 22 ? 0.4214 0.4300 0.3314 -0.1108 -0.0172 0.0367  305 ARG A CB  
295 C CG  . ARG B 22 ? 0.4651 0.4795 0.3829 -0.0972 -0.0179 0.0358  305 ARG A CG  
296 C CD  . ARG B 22 ? 0.5050 0.5380 0.4356 -0.0825 -0.0257 0.0270  305 ARG A CD  
297 N NE  . ARG B 22 ? 0.5504 0.5770 0.4802 -0.0744 -0.0153 0.0296  305 ARG A NE  
298 C CZ  . ARG B 22 ? 0.5581 0.5887 0.4959 -0.0714 -0.0061 0.0305  305 ARG A CZ  
299 N NH1 . ARG B 22 ? 0.5849 0.6044 0.5365 -0.0577 -0.0020 0.0298  305 ARG A NH1 
300 N NH2 . ARG B 22 ? 0.5778 0.6050 0.5136 -0.0566 -0.0008 0.0335  305 ARG A NH2 
301 N N   . GLN B 23 ? 0.4313 0.4172 0.3072 -0.1232 -0.0223 0.0196  306 GLN A N   
302 C CA  . GLN B 23 ? 0.4406 0.4124 0.3136 -0.1295 -0.0227 0.0094  306 GLN A CA  
303 C C   . GLN B 23 ? 0.4370 0.3951 0.3033 -0.1308 -0.0181 0.0013  306 GLN A C   
304 O O   . GLN B 23 ? 0.4404 0.3853 0.3022 -0.1366 -0.0231 0.0007  306 GLN A O   
305 C CB  . GLN B 23 ? 0.4429 0.4116 0.3127 -0.1299 -0.0271 0.0036  306 GLN A CB  
306 C CG  . GLN B 23 ? 0.4437 0.4234 0.3287 -0.1341 -0.0307 0.0136  306 GLN A CG  
307 C CD  . GLN B 23 ? 0.4592 0.4445 0.3382 -0.1219 -0.0276 0.0081  306 GLN A CD  
308 O OE1 . GLN B 23 ? 0.4881 0.5130 0.4123 -0.0995 -0.0326 0.0157  306 GLN A OE1 
309 N NE2 . GLN B 23 ? 0.4641 0.4818 0.4022 -0.1194 -0.0352 0.0189  306 GLN A NE2 
310 N N   . GLY B 24 ? 0.4331 0.3790 0.2978 -0.1276 -0.0137 -0.0071 307 GLY A N   
311 C CA  . GLY B 24 ? 0.4336 0.3665 0.2903 -0.1171 0.0009  -0.0091 307 GLY A CA  
312 C C   . GLY B 24 ? 0.4312 0.3495 0.2842 -0.1140 0.0053  -0.0112 307 GLY A C   
313 O O   . GLY B 24 ? 0.4385 0.3567 0.2728 -0.1032 0.0184  -0.0048 307 GLY A O   
314 N N   . ALA B 25 ? 0.4342 0.3338 0.2871 -0.1101 0.0083  -0.0111 308 ALA A N   
315 C CA  . ALA B 25 ? 0.4356 0.3410 0.3043 -0.0956 0.0016  -0.0142 308 ALA A CA  
316 C C   . ALA B 25 ? 0.4317 0.3361 0.3041 -0.0919 0.0048  -0.0097 308 ALA A C   
317 O O   . ALA B 25 ? 0.4440 0.3409 0.3082 -0.0812 0.0025  -0.0126 308 ALA A O   
318 C CB  . ALA B 25 ? 0.4355 0.3489 0.3248 -0.0943 -0.0046 -0.0161 308 ALA A CB  
319 N N   . LYS B 26 ? 0.4257 0.3221 0.2991 -0.0834 0.0062  -0.0047 309 LYS A N   
320 C CA  . LYS B 26 ? 0.4145 0.3323 0.3063 -0.0768 0.0153  -0.0021 309 LYS A CA  
321 C C   . LYS B 26 ? 0.4000 0.3185 0.2951 -0.0715 0.0206  -0.0032 309 LYS A C   
322 O O   . LYS B 26 ? 0.3891 0.3320 0.2953 -0.0597 0.0197  -0.0112 309 LYS A O   
323 C CB  . LYS B 26 ? 0.4260 0.3372 0.3160 -0.0697 0.0103  0.0005  309 LYS A CB  
324 C CG  . LYS B 26 ? 0.4624 0.3900 0.3563 -0.0595 0.0187  0.0024  309 LYS A CG  
325 C CD  . LYS B 26 ? 0.5206 0.4348 0.4395 -0.0497 0.0227  0.0040  309 LYS A CD  
326 C CE  . LYS B 26 ? 0.5608 0.4512 0.4274 -0.0451 0.0393  -0.0019 309 LYS A CE  
327 N NZ  . LYS B 26 ? 0.5446 0.4655 0.4406 -0.0462 0.0689  -0.0002 309 LYS A NZ  
328 N N   . ILE B 27 ? 0.3854 0.3095 0.2881 -0.0690 0.0260  -0.0046 310 ILE A N   
329 C CA  . ILE B 27 ? 0.3719 0.3129 0.2683 -0.0631 0.0345  -0.0087 310 ILE A CA  
330 C C   . ILE B 27 ? 0.3784 0.2997 0.2653 -0.0574 0.0349  -0.0202 310 ILE A C   
331 O O   . ILE B 27 ? 0.3773 0.3064 0.2605 -0.0494 0.0383  -0.0224 310 ILE A O   
332 C CB  . ILE B 27 ? 0.3739 0.3225 0.2733 -0.0533 0.0379  -0.0078 310 ILE A CB  
333 C CG1 . ILE B 27 ? 0.3730 0.3398 0.2605 -0.0466 0.0237  -0.0102 310 ILE A CG1 
334 C CG2 . ILE B 27 ? 0.3702 0.3168 0.2555 -0.0538 0.0311  -0.0120 310 ILE A CG2 
335 C CD1 . ILE B 27 ? 0.3647 0.3627 0.2793 -0.0407 0.0438  0.0104  310 ILE A CD1 
336 N N   . ASN B 28 ? 0.3792 0.2965 0.2646 -0.0635 0.0352  -0.0170 311 ASN A N   
337 C CA  . ASN B 28 ? 0.3803 0.2959 0.2654 -0.0598 0.0397  -0.0238 311 ASN A CA  
338 C C   . ASN B 28 ? 0.3787 0.3046 0.2742 -0.0553 0.0480  -0.0191 311 ASN A C   
339 O O   . ASN B 28 ? 0.3866 0.2982 0.2824 -0.0495 0.0417  -0.0211 311 ASN A O   
340 C CB  . ASN B 28 ? 0.3798 0.2986 0.2672 -0.0589 0.0363  -0.0298 311 ASN A CB  
341 C CG  . ASN B 28 ? 0.3915 0.3303 0.2832 -0.0439 0.0341  -0.0306 311 ASN A CG  
342 O OD1 . ASN B 28 ? 0.4104 0.3578 0.3446 -0.0230 0.0240  -0.0382 311 ASN A OD1 
343 N ND2 . ASN B 28 ? 0.3625 0.3345 0.2714 -0.0556 0.0172  -0.0870 311 ASN A ND2 
344 N N   . GLU B 29 ? 0.3749 0.3100 0.2785 -0.0514 0.0538  -0.0188 312 GLU A N   
345 C CA  . GLU B 29 ? 0.3929 0.3384 0.3006 -0.0331 0.0499  -0.0182 312 GLU A CA  
346 C C   . GLU B 29 ? 0.3746 0.3178 0.2834 -0.0371 0.0491  -0.0199 312 GLU A C   
347 O O   . GLU B 29 ? 0.3703 0.3416 0.2871 -0.0325 0.0456  -0.0164 312 GLU A O   
348 C CB  . GLU B 29 ? 0.3954 0.3488 0.3018 -0.0250 0.0536  -0.0209 312 GLU A CB  
349 C CG  . GLU B 29 ? 0.4278 0.3914 0.3387 -0.0105 0.0448  -0.0164 312 GLU A CG  
350 C CD  . GLU B 29 ? 0.4441 0.4004 0.3555 -0.0114 0.0569  -0.0002 312 GLU A CD  
351 O OE1 . GLU B 29 ? 0.5390 0.4396 0.4549 0.0207  0.0426  0.0228  312 GLU A OE1 
352 O OE2 . GLU B 29 ? 0.5081 0.5019 0.4562 0.0270  0.0426  0.0026  312 GLU A OE2 
353 N N   . ILE B 30 ? 0.3679 0.2981 0.2777 -0.0332 0.0454  -0.0235 313 ILE A N   
354 C CA  . ILE B 30 ? 0.3693 0.2777 0.2836 -0.0327 0.0366  -0.0195 313 ILE A CA  
355 C C   . ILE B 30 ? 0.3680 0.2697 0.2693 -0.0280 0.0470  -0.0208 313 ILE A C   
356 O O   . ILE B 30 ? 0.3690 0.2691 0.2456 -0.0146 0.0478  -0.0213 313 ILE A O   
357 C CB  . ILE B 30 ? 0.3624 0.2718 0.2900 -0.0396 0.0353  -0.0201 313 ILE A CB  
358 C CG1 . ILE B 30 ? 0.3738 0.2725 0.2887 -0.0293 0.0217  -0.0071 313 ILE A CG1 
359 C CG2 . ILE B 30 ? 0.3658 0.3124 0.2680 -0.0312 0.0212  -0.0352 313 ILE A CG2 
360 C CD1 . ILE B 30 ? 0.3925 0.2742 0.3220 -0.0348 0.0173  -0.0177 313 ILE A CD1 
361 N N   . ARG B 31 ? 0.3683 0.2539 0.2535 -0.0232 0.0520  -0.0219 314 ARG A N   
362 C CA  . ARG B 31 ? 0.3707 0.2596 0.2542 -0.0184 0.0556  -0.0154 314 ARG A CA  
363 C C   . ARG B 31 ? 0.3718 0.2733 0.2668 -0.0247 0.0499  -0.0115 314 ARG A C   
364 O O   . ARG B 31 ? 0.3765 0.2879 0.2646 -0.0308 0.0523  -0.0104 314 ARG A O   
365 C CB  . ARG B 31 ? 0.3681 0.2404 0.2446 -0.0167 0.0594  -0.0272 314 ARG A CB  
366 C CG  . ARG B 31 ? 0.3875 0.2701 0.2416 -0.0093 0.0486  -0.0030 314 ARG A CG  
367 C CD  . ARG B 31 ? 0.3800 0.2592 0.2480 -0.0076 0.0406  -0.0121 314 ARG A CD  
368 N NE  . ARG B 31 ? 0.3688 0.2601 0.2376 -0.0346 0.0381  -0.0219 314 ARG A NE  
369 C CZ  . ARG B 31 ? 0.3818 0.2894 0.2957 -0.0046 0.0345  0.0000  314 ARG A CZ  
370 N NH1 . ARG B 31 ? 0.3586 0.3238 0.2604 -0.0143 0.0492  -0.0201 314 ARG A NH1 
371 N NH2 . ARG B 31 ? 0.3729 0.3078 0.2893 -0.0110 0.0222  -0.0184 314 ARG A NH2 
372 N N   . GLN B 32 ? 0.3556 0.2873 0.2734 -0.0320 0.0512  -0.0011 315 GLN A N   
373 C CA  . GLN B 32 ? 0.3550 0.3127 0.2847 -0.0267 0.0429  -0.0005 315 GLN A CA  
374 C C   . GLN B 32 ? 0.3485 0.3233 0.3005 -0.0180 0.0287  0.0019  315 GLN A C   
375 O O   . GLN B 32 ? 0.3639 0.3192 0.2972 -0.0125 0.0176  0.0168  315 GLN A O   
376 C CB  . GLN B 32 ? 0.3597 0.3317 0.2962 -0.0289 0.0508  0.0016  315 GLN A CB  
377 C CG  . GLN B 32 ? 0.4036 0.3952 0.3754 -0.0349 0.0399  0.0138  315 GLN A CG  
378 C CD  . GLN B 32 ? 0.4641 0.4855 0.4311 -0.0134 0.0458  -0.0111 315 GLN A CD  
379 O OE1 . GLN B 32 ? 0.5228 0.5597 0.5226 0.0019  0.0169  -0.0014 315 GLN A OE1 
380 N NE2 . GLN B 32 ? 0.4863 0.5258 0.4958 -0.0135 0.0337  0.0063  315 GLN A NE2 
384 O O   . MSE B 33 ? 0.3176 0.3509 0.3178 -0.0077 0.0110  -0.0031 316 MSE A O   
389 N N   . SER B 34 ? 0.3168 0.3139 0.2978 -0.0054 0.0168  -0.0043 317 SER A N   
390 C CA  . SER B 34 ? 0.3268 0.3035 0.2830 -0.0038 0.0278  0.0069  317 SER A CA  
391 C C   . SER B 34 ? 0.3373 0.3034 0.2772 -0.0115 0.0339  0.0100  317 SER A C   
392 O O   . SER B 34 ? 0.3443 0.3169 0.2669 -0.0152 0.0354  0.0166  317 SER A O   
393 C CB  . SER B 34 ? 0.3188 0.2911 0.2833 0.0003  0.0301  0.0112  317 SER A CB  
394 O OG  . SER B 34 ? 0.3248 0.2674 0.2480 0.0086  0.0180  0.0224  317 SER A OG  
395 N N   . GLY B 35 ? 0.3429 0.2805 0.2796 -0.0144 0.0394  0.0184  318 GLY A N   
396 C CA  . GLY B 35 ? 0.3698 0.2916 0.3075 -0.0142 0.0398  0.0129  318 GLY A CA  
397 C C   . GLY B 35 ? 0.3798 0.2771 0.3128 -0.0070 0.0480  0.0255  318 GLY A C   
398 O O   . GLY B 35 ? 0.3964 0.3182 0.3464 -0.0090 0.0320  0.0263  318 GLY A O   
399 N N   . ALA B 36 ? 0.3919 0.2814 0.3003 -0.0081 0.0460  0.0185  319 ALA A N   
400 C CA  . ALA B 36 ? 0.3897 0.2610 0.2742 -0.0086 0.0618  0.0273  319 ALA A CA  
401 C C   . ALA B 36 ? 0.4080 0.2771 0.2832 0.0001  0.0609  0.0216  319 ALA A C   
402 O O   . ALA B 36 ? 0.3976 0.2840 0.2828 -0.0028 0.0612  0.0117  319 ALA A O   
403 C CB  . ALA B 36 ? 0.3959 0.2390 0.2796 -0.0117 0.0517  0.0243  319 ALA A CB  
404 N N   . GLN B 37 ? 0.4184 0.2873 0.2727 0.0081  0.0632  0.0245  320 GLN A N   
405 C CA  . GLN B 37 ? 0.4412 0.2952 0.2839 0.0114  0.0634  0.0226  320 GLN A CA  
406 C C   . GLN B 37 ? 0.4329 0.2810 0.2687 0.0046  0.0640  0.0258  320 GLN A C   
407 O O   . GLN B 37 ? 0.4390 0.2767 0.2683 -0.0012 0.0551  0.0356  320 GLN A O   
408 C CB  . GLN B 37 ? 0.4408 0.3021 0.2848 0.0137  0.0674  0.0178  320 GLN A CB  
409 C CG  . GLN B 37 ? 0.4803 0.3494 0.3477 0.0216  0.0524  0.0022  320 GLN A CG  
410 C CD  . GLN B 37 ? 0.4824 0.3682 0.3307 0.0271  0.0536  -0.0094 320 GLN A CD  
411 O OE1 . GLN B 37 ? 0.5440 0.4816 0.4855 0.0317  0.0388  -0.0356 320 GLN A OE1 
412 N NE2 . GLN B 37 ? 0.5342 0.4632 0.4515 0.0226  0.0346  0.0107  320 GLN A NE2 
413 N N   . ILE B 38 ? 0.4256 0.2522 0.2396 0.0019  0.0630  0.0350  321 ILE A N   
414 C CA  . ILE B 38 ? 0.4239 0.2643 0.2432 -0.0072 0.0553  0.0225  321 ILE A CA  
415 C C   . ILE B 38 ? 0.4214 0.2554 0.2432 -0.0066 0.0588  0.0110  321 ILE A C   
416 O O   . ILE B 38 ? 0.4238 0.2973 0.2239 -0.0244 0.0598  -0.0076 321 ILE A O   
417 C CB  . ILE B 38 ? 0.4154 0.2488 0.2363 -0.0013 0.0536  0.0191  321 ILE A CB  
418 C CG1 . ILE B 38 ? 0.4215 0.2715 0.2292 0.0022  0.0444  0.0159  321 ILE A CG1 
419 C CG2 . ILE B 38 ? 0.4317 0.2733 0.2506 -0.0011 0.0490  0.0398  321 ILE A CG2 
420 C CD1 . ILE B 38 ? 0.4044 0.2803 0.2740 -0.0083 0.0429  -0.0157 321 ILE A CD1 
421 N N   . LYS B 39 ? 0.4079 0.2493 0.2255 -0.0070 0.0600  0.0107  322 LYS A N   
422 C CA  . LYS B 39 ? 0.4110 0.2504 0.2466 0.0035  0.0496  0.0044  322 LYS A CA  
423 C C   . LYS B 39 ? 0.4007 0.2449 0.2442 0.0018  0.0507  0.0050  322 LYS A C   
424 O O   . LYS B 39 ? 0.4095 0.2457 0.2524 -0.0002 0.0268  0.0107  322 LYS A O   
425 C CB  . LYS B 39 ? 0.4127 0.2577 0.2648 0.0060  0.0507  0.0019  322 LYS A CB  
426 C CG  . LYS B 39 ? 0.4521 0.3034 0.3037 0.0013  0.0296  -0.0107 322 LYS A CG  
427 C CD  . LYS B 39 ? 0.4854 0.3348 0.3338 0.0048  0.0281  -0.0347 322 LYS A CD  
428 C CE  . LYS B 39 ? 0.5141 0.3296 0.3845 0.0300  -0.0032 -0.0463 322 LYS A CE  
429 N NZ  . LYS B 39 ? 0.5225 0.3219 0.4229 0.0272  -0.0246 -0.0246 322 LYS A NZ  
430 N N   . ILE B 40 ? 0.3860 0.2428 0.2328 0.0011  0.0578  -0.0037 323 ILE A N   
431 C CA  . ILE B 40 ? 0.3730 0.2617 0.2440 0.0064  0.0630  -0.0065 323 ILE A CA  
432 C C   . ILE B 40 ? 0.3661 0.2651 0.2341 -0.0007 0.0665  -0.0072 323 ILE A C   
433 O O   . ILE B 40 ? 0.3541 0.2892 0.2544 -0.0005 0.0660  -0.0083 323 ILE A O   
434 C CB  . ILE B 40 ? 0.3667 0.2597 0.2371 0.0047  0.0623  -0.0002 323 ILE A CB  
435 C CG1 . ILE B 40 ? 0.3659 0.2786 0.2479 0.0168  0.0526  -0.0162 323 ILE A CG1 
436 C CG2 . ILE B 40 ? 0.3859 0.2595 0.2268 -0.0062 0.0511  0.0267  323 ILE A CG2 
437 C CD1 . ILE B 40 ? 0.3541 0.2885 0.3110 0.0360  0.0542  0.0009  323 ILE A CD1 
438 N N   . ALA B 41 ? 0.3700 0.2757 0.2481 -0.0057 0.0691  -0.0151 324 ALA A N   
439 C CA  . ALA B 41 ? 0.3827 0.2704 0.2581 -0.0212 0.0779  -0.0242 324 ALA A CA  
440 C C   . ALA B 41 ? 0.3851 0.2687 0.2578 -0.0267 0.0783  -0.0250 324 ALA A C   
441 O O   . ALA B 41 ? 0.3853 0.2781 0.2336 -0.0442 0.0785  -0.0221 324 ALA A O   
442 C CB  . ALA B 41 ? 0.3793 0.2960 0.2965 -0.0198 0.0703  -0.0397 324 ALA A CB  
443 N N   . ASN B 42 ? 0.3956 0.2585 0.2592 -0.0355 0.0829  -0.0264 325 ASN A N   
444 C CA  . ASN B 42 ? 0.4016 0.2702 0.2856 -0.0288 0.0822  -0.0214 325 ASN A CA  
445 C C   . ASN B 42 ? 0.3990 0.2474 0.2939 -0.0200 0.0825  -0.0315 325 ASN A C   
446 O O   . ASN B 42 ? 0.3915 0.2618 0.3143 -0.0163 0.0825  -0.0148 325 ASN A O   
447 C CB  . ASN B 42 ? 0.4187 0.2579 0.3012 -0.0331 0.0741  -0.0176 325 ASN A CB  
448 C CG  . ASN B 42 ? 0.4260 0.2773 0.3341 -0.0166 0.0627  -0.0178 325 ASN A CG  
449 O OD1 . ASN B 42 ? 0.3974 0.2838 0.3351 -0.0275 0.0802  -0.0225 325 ASN A OD1 
450 N ND2 . ASN B 42 ? 0.4300 0.3421 0.4082 -0.0199 0.0482  -0.0267 325 ASN A ND2 
451 N N   . PRO B 43 ? 0.3955 0.2494 0.3122 -0.0211 0.0831  -0.0276 326 PRO A N   
452 C CA  . PRO B 43 ? 0.4073 0.2626 0.3308 -0.0200 0.0726  -0.0184 326 PRO A CA  
453 C C   . PRO B 43 ? 0.4039 0.2489 0.3435 -0.0281 0.0698  -0.0041 326 PRO A C   
454 O O   . PRO B 43 ? 0.4090 0.2297 0.3559 -0.0318 0.0720  0.0005  326 PRO A O   
455 C CB  . PRO B 43 ? 0.4076 0.2890 0.3252 -0.0083 0.0791  -0.0177 326 PRO A CB  
456 C CG  . PRO B 43 ? 0.4060 0.2354 0.3399 -0.0130 0.0727  -0.0257 326 PRO A CG  
457 C CD  . PRO B 43 ? 0.4072 0.2817 0.3236 -0.0187 0.0798  -0.0191 326 PRO A CD  
458 N N   . VAL B 44 ? 0.4061 0.2630 0.3678 -0.0366 0.0590  0.0199  327 VAL A N   
459 C CA  . VAL B 44 ? 0.4133 0.2707 0.3802 -0.0397 0.0451  0.0299  327 VAL A CA  
460 C C   . VAL B 44 ? 0.4066 0.2610 0.3821 -0.0449 0.0412  0.0269  327 VAL A C   
461 O O   . VAL B 44 ? 0.4006 0.2977 0.3936 -0.0397 0.0349  0.0316  327 VAL A O   
462 C CB  . VAL B 44 ? 0.4198 0.2626 0.3731 -0.0416 0.0429  0.0329  327 VAL A CB  
463 C CG1 . VAL B 44 ? 0.4130 0.2948 0.3901 -0.0299 0.0424  0.0171  327 VAL A CG1 
464 C CG2 . VAL B 44 ? 0.4124 0.2919 0.3853 -0.0407 0.0468  0.0393  327 VAL A CG2 
465 N N   . GLU B 45 ? 0.4169 0.2584 0.3802 -0.0472 0.0290  0.0270  328 GLU A N   
466 C CA  . GLU B 45 ? 0.4192 0.2597 0.3929 -0.0417 0.0256  0.0134  328 GLU A CA  
467 C C   . GLU B 45 ? 0.4004 0.2319 0.3556 -0.0329 0.0225  0.0051  328 GLU A C   
468 O O   . GLU B 45 ? 0.4112 0.2467 0.3861 -0.0337 -0.0007 0.0099  328 GLU A O   
469 C CB  . GLU B 45 ? 0.4274 0.2667 0.4036 -0.0450 0.0195  0.0052  328 GLU A CB  
470 C CG  . GLU B 45 ? 0.4314 0.2556 0.4240 -0.0600 0.0354  0.0018  328 GLU A CG  
471 C CD  . GLU B 45 ? 0.4478 0.2796 0.4484 -0.0509 0.0228  0.0070  328 GLU A CD  
472 O OE1 . GLU B 45 ? 0.4999 0.3085 0.5228 -0.0600 -0.0128 -0.0390 328 GLU A OE1 
473 O OE2 . GLU B 45 ? 0.4391 0.2542 0.5088 -0.0632 0.0738  0.0111  328 GLU A OE2 
474 N N   . GLY B 46 ? 0.3685 0.2201 0.3200 -0.0144 0.0325  0.0004  329 GLY A N   
475 C CA  . GLY B 46 ? 0.3386 0.2363 0.2788 -0.0061 0.0419  -0.0056 329 GLY A CA  
476 C C   . GLY B 46 ? 0.3309 0.2483 0.2670 0.0025  0.0365  -0.0048 329 GLY A C   
477 O O   . GLY B 46 ? 0.3202 0.2469 0.2506 0.0001  0.0470  -0.0280 329 GLY A O   
478 N N   . SER B 47 ? 0.3187 0.2639 0.2452 0.0117  0.0306  0.0011  330 SER A N   
479 C CA  . SER B 47 ? 0.3134 0.2831 0.2345 0.0195  0.0266  0.0055  330 SER A CA  
480 C C   . SER B 47 ? 0.3000 0.2838 0.2239 0.0156  0.0236  0.0104  330 SER A C   
481 O O   . SER B 47 ? 0.2897 0.3029 0.2185 0.0145  0.0248  0.0147  330 SER A O   
482 C CB  . SER B 47 ? 0.3263 0.3145 0.2360 0.0271  0.0147  0.0017  330 SER A CB  
483 O OG  . SER B 47 ? 0.3597 0.3615 0.2743 0.0337  0.0127  -0.0006 330 SER A OG  
484 N N   . THR B 48 ? 0.2933 0.2816 0.2049 0.0267  0.0172  0.0096  331 THR A N   
485 C CA  . THR B 48 ? 0.3009 0.2705 0.2133 0.0259  0.0217  0.0098  331 THR A CA  
486 C C   . THR B 48 ? 0.3119 0.2696 0.2302 0.0227  0.0251  0.0168  331 THR A C   
487 O O   . THR B 48 ? 0.3019 0.2881 0.2429 0.0359  0.0411  0.0333  331 THR A O   
488 C CB  . THR B 48 ? 0.3076 0.2848 0.2102 0.0294  0.0150  -0.0015 331 THR A CB  
489 O OG1 . THR B 48 ? 0.3363 0.3221 0.2144 0.0345  -0.0111 -0.0018 331 THR A OG1 
490 C CG2 . THR B 48 ? 0.3007 0.2796 0.1953 0.0276  0.0030  0.0125  331 THR A CG2 
491 N N   A ASP B 49 ? 0.3129 0.2446 0.2102 0.0203  0.0322  0.0263  332 ASP A N   
492 N N   B ASP B 49 ? 0.3166 0.2510 0.2171 0.0220  0.0345  0.0235  332 ASP A N   
493 C CA  A ASP B 49 ? 0.3261 0.2403 0.2165 0.0153  0.0242  0.0143  332 ASP A CA  
494 C CA  B ASP B 49 ? 0.3328 0.2522 0.2283 0.0190  0.0291  0.0106  332 ASP A CA  
495 C C   A ASP B 49 ? 0.3331 0.2387 0.2144 0.0193  0.0287  0.0076  332 ASP A C   
496 C C   B ASP B 49 ? 0.3382 0.2438 0.2190 0.0212  0.0311  0.0063  332 ASP A C   
497 O O   A ASP B 49 ? 0.3269 0.2417 0.2295 0.0251  0.0302  0.0096  332 ASP A O   
498 O O   B ASP B 49 ? 0.3373 0.2394 0.2267 0.0265  0.0314  0.0059  332 ASP A O   
499 C CB  A ASP B 49 ? 0.3301 0.2421 0.2227 0.0150  0.0234  0.0160  332 ASP A CB  
500 C CB  B ASP B 49 ? 0.3426 0.2630 0.2463 0.0190  0.0274  0.0068  332 ASP A CB  
501 C CG  A ASP B 49 ? 0.3505 0.2537 0.2700 0.0167  -0.0117 0.0046  332 ASP A CG  
502 C CG  B ASP B 49 ? 0.3529 0.3001 0.3218 0.0299  0.0188  -0.0035 332 ASP A CG  
503 O OD1 A ASP B 49 ? 0.3906 0.2852 0.3042 0.0164  -0.0325 -0.0278 332 ASP A OD1 
504 O OD1 B ASP B 49 ? 0.4045 0.3681 0.4097 0.0482  -0.0037 -0.0377 332 ASP A OD1 
505 O OD2 A ASP B 49 ? 0.3858 0.2811 0.3343 0.0161  -0.0456 0.0261  332 ASP A OD2 
506 O OD2 B ASP B 49 ? 0.3960 0.3569 0.3814 0.0387  -0.0009 0.0057  332 ASP A OD2 
507 N N   . ARG B 50 ? 0.3398 0.2308 0.2132 0.0186  0.0296  0.0078  333 ARG A N   
508 C CA  . ARG B 50 ? 0.3576 0.2495 0.2229 0.0083  0.0290  0.0091  333 ARG A CA  
509 C C   . ARG B 50 ? 0.3667 0.2528 0.2210 0.0163  0.0289  -0.0038 333 ARG A C   
510 O O   . ARG B 50 ? 0.3767 0.2598 0.2225 0.0224  0.0317  -0.0160 333 ARG A O   
511 C CB  . ARG B 50 ? 0.3589 0.2692 0.2310 0.0092  0.0379  0.0066  333 ARG A CB  
512 C CG  . ARG B 50 ? 0.3933 0.2865 0.2632 0.0110  0.0405  -0.0206 333 ARG A CG  
513 C CD  . ARG B 50 ? 0.3769 0.2018 0.2948 0.0209  0.1072  -0.0327 333 ARG A CD  
514 N NE  . ARG B 50 ? 0.4320 0.2291 0.3377 0.0261  0.0510  -0.0379 333 ARG A NE  
515 C CZ  . ARG B 50 ? 0.3749 0.2220 0.2989 0.0187  0.0528  -0.0182 333 ARG A CZ  
516 N NH1 . ARG B 50 ? 0.3976 0.3086 0.3349 0.0370  0.0415  -0.1147 333 ARG A NH1 
517 N NH2 . ARG B 50 ? 0.4144 0.3081 0.3195 0.0312  0.0233  -0.0287 333 ARG A NH2 
518 N N   . GLN B 51 ? 0.3887 0.2642 0.2267 0.0038  0.0252  0.0144  334 GLN A N   
519 C CA  . GLN B 51 ? 0.4041 0.2776 0.2528 0.0052  0.0246  0.0088  334 GLN A CA  
520 C C   . GLN B 51 ? 0.3966 0.2661 0.2429 0.0002  0.0261  0.0087  334 GLN A C   
521 O O   . GLN B 51 ? 0.3956 0.2746 0.2520 -0.0082 0.0311  -0.0042 334 GLN A O   
522 C CB  . GLN B 51 ? 0.4162 0.2948 0.2683 0.0074  0.0117  0.0149  334 GLN A CB  
523 C CG  . GLN B 51 ? 0.4967 0.3775 0.3649 0.0010  0.0108  -0.0068 334 GLN A CG  
524 C CD  . GLN B 51 ? 0.5633 0.4445 0.4287 -0.0014 0.0104  -0.0056 334 GLN A CD  
525 O OE1 . GLN B 51 ? 0.5929 0.5113 0.4684 0.0009  0.0021  0.0007  334 GLN A OE1 
526 N NE2 . GLN B 51 ? 0.5857 0.4990 0.4388 0.0132  -0.0043 -0.0081 334 GLN A NE2 
527 N N   . VAL B 52 ? 0.3908 0.2566 0.2267 -0.0080 0.0375  0.0192  335 VAL A N   
528 C CA  . VAL B 52 ? 0.3904 0.2577 0.2250 -0.0041 0.0325  0.0212  335 VAL A CA  
529 C C   . VAL B 52 ? 0.3986 0.2605 0.2340 -0.0027 0.0288  0.0191  335 VAL A C   
530 O O   . VAL B 52 ? 0.4415 0.2605 0.2551 -0.0195 0.0101  0.0305  335 VAL A O   
531 C CB  . VAL B 52 ? 0.3887 0.2641 0.2266 -0.0105 0.0371  0.0217  335 VAL A CB  
532 C CG1 . VAL B 52 ? 0.3840 0.3009 0.2600 -0.0023 0.0403  0.0249  335 VAL A CG1 
533 C CG2 . VAL B 52 ? 0.3805 0.2715 0.2350 -0.0032 0.0442  0.0254  335 VAL A CG2 
534 N N   . THR B 53 ? 0.3933 0.2589 0.2191 0.0013  0.0364  0.0292  336 THR A N   
535 C CA  . THR B 53 ? 0.3842 0.2790 0.2274 0.0176  0.0417  0.0174  336 THR A CA  
536 C C   . THR B 53 ? 0.3798 0.2695 0.2339 0.0129  0.0384  0.0236  336 THR A C   
537 O O   . THR B 53 ? 0.3833 0.3055 0.2283 0.0081  0.0332  0.0106  336 THR A O   
538 C CB  . THR B 53 ? 0.3907 0.2937 0.2302 0.0128  0.0444  0.0212  336 THR A CB  
539 O OG1 . THR B 53 ? 0.4195 0.3597 0.2790 0.0138  0.0425  -0.0054 336 THR A OG1 
540 C CG2 . THR B 53 ? 0.3889 0.3013 0.2638 0.0306  0.0566  0.0001  336 THR A CG2 
541 N N   . ILE B 54 ? 0.3723 0.2612 0.2207 0.0127  0.0416  0.0264  337 ILE A N   
542 C CA  . ILE B 54 ? 0.3675 0.2642 0.2266 0.0137  0.0444  0.0298  337 ILE A CA  
543 C C   . ILE B 54 ? 0.3668 0.2688 0.2295 0.0135  0.0425  0.0321  337 ILE A C   
544 O O   . ILE B 54 ? 0.3713 0.2725 0.2297 -0.0037 0.0368  0.0341  337 ILE A O   
545 C CB  . ILE B 54 ? 0.3558 0.2676 0.2399 0.0159  0.0450  0.0363  337 ILE A CB  
546 C CG1 . ILE B 54 ? 0.3775 0.2848 0.2469 0.0438  0.0474  0.0217  337 ILE A CG1 
547 C CG2 . ILE B 54 ? 0.3708 0.2595 0.2190 0.0016  0.0691  0.0372  337 ILE A CG2 
548 C CD1 . ILE B 54 ? 0.3608 0.2591 0.3001 0.0545  0.0533  0.0258  337 ILE A CD1 
549 N N   . THR B 55 ? 0.3629 0.2668 0.2181 0.0123  0.0530  0.0390  338 THR A N   
550 C CA  . THR B 55 ? 0.3740 0.2828 0.2423 0.0214  0.0514  0.0314  338 THR A CA  
551 C C   . THR B 55 ? 0.3762 0.2793 0.2348 0.0189  0.0492  0.0340  338 THR A C   
552 O O   . THR B 55 ? 0.3802 0.3063 0.2511 0.0133  0.0513  0.0319  338 THR A O   
553 C CB  . THR B 55 ? 0.3750 0.2787 0.2428 0.0244  0.0556  0.0440  338 THR A CB  
554 O OG1 . THR B 55 ? 0.4065 0.3461 0.2814 0.0301  0.0442  0.0210  338 THR A OG1 
555 C CG2 . THR B 55 ? 0.3958 0.3115 0.3106 0.0259  0.0419  0.0217  338 THR A CG2 
556 N N   . GLY B 56 ? 0.3750 0.2528 0.2141 0.0194  0.0536  0.0275  339 GLY A N   
557 C CA  . GLY B 56 ? 0.3761 0.2584 0.2208 0.0246  0.0477  0.0195  339 GLY A CA  
558 C C   . GLY B 56 ? 0.3689 0.2563 0.2378 0.0271  0.0455  0.0174  339 GLY A C   
559 O O   . GLY B 56 ? 0.3732 0.2565 0.2593 0.0251  0.0420  0.0129  339 GLY A O   
560 N N   . SER B 57 ? 0.3598 0.2509 0.2298 0.0307  0.0474  0.0271  340 SER A N   
561 C CA  . SER B 57 ? 0.3478 0.2470 0.2455 0.0289  0.0416  0.0242  340 SER A CA  
562 C C   . SER B 57 ? 0.3366 0.2486 0.2409 0.0235  0.0426  0.0166  340 SER A C   
563 O O   . SER B 57 ? 0.3390 0.2529 0.2580 0.0261  0.0386  0.0068  340 SER A O   
564 C CB  . SER B 57 ? 0.3505 0.2599 0.2529 0.0288  0.0441  0.0309  340 SER A CB  
565 O OG  . SER B 57 ? 0.3741 0.2644 0.2664 0.0141  0.0290  0.0688  340 SER A OG  
566 N N   . ALA B 58 ? 0.3227 0.2527 0.2631 0.0173  0.0315  0.0070  341 ALA A N   
567 C CA  . ALA B 58 ? 0.3227 0.2581 0.2567 0.0152  0.0247  0.0077  341 ALA A CA  
568 C C   . ALA B 58 ? 0.3117 0.2489 0.2436 0.0159  0.0261  0.0132  341 ALA A C   
569 O O   . ALA B 58 ? 0.2997 0.2532 0.2502 0.0060  0.0266  0.0223  341 ALA A O   
570 C CB  . ALA B 58 ? 0.3266 0.2605 0.2563 0.0209  0.0181  -0.0025 341 ALA A CB  
571 N N   . ALA B 59 ? 0.3116 0.2597 0.2450 0.0159  0.0267  0.0129  342 ALA A N   
572 C CA  . ALA B 59 ? 0.3166 0.2568 0.2407 0.0124  0.0310  0.0152  342 ALA A CA  
573 C C   . ALA B 59 ? 0.3164 0.2372 0.2338 0.0160  0.0338  0.0160  342 ALA A C   
574 O O   . ALA B 59 ? 0.3162 0.2411 0.2439 0.0245  0.0271  0.0133  342 ALA A O   
575 C CB  . ALA B 59 ? 0.3253 0.2674 0.2428 0.0027  0.0324  0.0224  342 ALA A CB  
576 N N   . SER B 60 ? 0.3079 0.2262 0.2416 0.0196  0.0405  0.0164  343 SER A N   
577 C CA  A SER B 60 ? 0.3124 0.2135 0.2426 0.0192  0.0359  0.0197  343 SER A CA  
578 C CA  B SER B 60 ? 0.3200 0.2332 0.2615 0.0206  0.0349  0.0175  343 SER A CA  
579 C C   . SER B 60 ? 0.3164 0.2217 0.2502 0.0245  0.0385  0.0205  343 SER A C   
580 O O   . SER B 60 ? 0.3284 0.2352 0.2545 0.0188  0.0307  0.0188  343 SER A O   
581 C CB  A SER B 60 ? 0.3066 0.2174 0.2558 0.0262  0.0363  0.0180  343 SER A CB  
582 C CB  B SER B 60 ? 0.3174 0.2403 0.2743 0.0258  0.0344  0.0155  343 SER A CB  
583 O OG  A SER B 60 ? 0.2990 0.1582 0.1959 0.0085  0.0384  0.0343  343 SER A OG  
584 O OG  B SER B 60 ? 0.3533 0.3044 0.3490 0.0192  0.0283  0.0177  343 SER A OG  
585 N N   . ILE B 61 ? 0.3165 0.2146 0.2486 0.0215  0.0384  0.0286  344 ILE A N   
586 C CA  . ILE B 61 ? 0.3124 0.2084 0.2609 0.0242  0.0366  0.0284  344 ILE A CA  
587 C C   . ILE B 61 ? 0.3148 0.2100 0.2400 0.0188  0.0388  0.0179  344 ILE A C   
588 O O   . ILE B 61 ? 0.3294 0.2203 0.2330 0.0164  0.0350  0.0225  344 ILE A O   
589 C CB  . ILE B 61 ? 0.3046 0.2168 0.2744 0.0243  0.0442  0.0335  344 ILE A CB  
590 C CG1 . ILE B 61 ? 0.2894 0.2359 0.2981 0.0406  0.0373  0.0176  344 ILE A CG1 
591 C CG2 . ILE B 61 ? 0.3319 0.2353 0.2747 0.0326  0.0357  0.0158  344 ILE A CG2 
592 C CD1 . ILE B 61 ? 0.2925 0.2953 0.3969 0.0376  0.0196  -0.0072 344 ILE A CD1 
593 N N   . SER B 62 ? 0.3162 0.2099 0.2369 0.0247  0.0410  0.0149  345 SER A N   
594 C CA  . SER B 62 ? 0.3176 0.2235 0.2347 0.0153  0.0293  0.0024  345 SER A CA  
595 C C   . SER B 62 ? 0.3278 0.2263 0.2304 0.0149  0.0288  0.0051  345 SER A C   
596 O O   . SER B 62 ? 0.3417 0.2379 0.2233 0.0038  0.0214  0.0136  345 SER A O   
597 C CB  . SER B 62 ? 0.3117 0.2208 0.2239 0.0184  0.0328  0.0067  345 SER A CB  
598 O OG  . SER B 62 ? 0.2845 0.2273 0.2411 0.0171  0.0119  0.0001  345 SER A OG  
599 N N   . LEU B 63 ? 0.3281 0.2236 0.2182 0.0092  0.0247  0.0096  346 LEU A N   
600 C CA  . LEU B 63 ? 0.3240 0.2212 0.2268 0.0031  0.0293  0.0152  346 LEU A CA  
601 C C   . LEU B 63 ? 0.3198 0.2205 0.2257 0.0035  0.0286  0.0072  346 LEU A C   
602 O O   . LEU B 63 ? 0.3248 0.2237 0.2163 0.0018  0.0362  0.0156  346 LEU A O   
603 C CB  . LEU B 63 ? 0.3322 0.2058 0.2261 0.0015  0.0208  0.0181  346 LEU A CB  
604 C CG  . LEU B 63 ? 0.3270 0.1960 0.2397 0.0061  0.0234  0.0376  346 LEU A CG  
605 C CD1 . LEU B 63 ? 0.3393 0.2020 0.2746 -0.0001 0.0184  0.0372  346 LEU A CD1 
606 C CD2 . LEU B 63 ? 0.3285 0.2321 0.2300 0.0022  0.0462  0.0328  346 LEU A CD2 
607 N N   . ALA B 64 ? 0.3175 0.2260 0.2213 0.0026  0.0247  -0.0043 347 ALA A N   
608 C CA  . ALA B 64 ? 0.3146 0.2222 0.2194 0.0082  0.0326  -0.0039 347 ALA A CA  
609 C C   . ALA B 64 ? 0.3089 0.2241 0.2175 0.0014  0.0300  -0.0017 347 ALA A C   
610 O O   . ALA B 64 ? 0.3114 0.2238 0.2416 0.0014  0.0150  0.0018  347 ALA A O   
611 C CB  . ALA B 64 ? 0.3246 0.2318 0.2386 0.0208  0.0264  -0.0046 347 ALA A CB  
612 N N   . GLN B 65 ? 0.3017 0.2189 0.2290 0.0039  0.0315  -0.0049 348 GLN A N   
613 C CA  . GLN B 65 ? 0.2963 0.2255 0.2394 0.0043  0.0208  0.0001  348 GLN A CA  
614 C C   . GLN B 65 ? 0.2876 0.2153 0.2262 0.0008  0.0254  0.0084  348 GLN A C   
615 O O   . GLN B 65 ? 0.2821 0.2557 0.2123 0.0052  0.0223  0.0282  348 GLN A O   
616 C CB  . GLN B 65 ? 0.3142 0.2332 0.2638 -0.0033 0.0151  0.0073  348 GLN A CB  
617 C CG  . GLN B 65 ? 0.3482 0.2527 0.2923 0.0138  0.0167  0.0110  348 GLN A CG  
618 C CD  . GLN B 65 ? 0.4118 0.3220 0.3220 0.0549  0.0116  0.0343  348 GLN A CD  
619 O OE1 . GLN B 65 ? 0.4607 0.3217 0.3122 0.0493  0.0024  0.0452  348 GLN A OE1 
620 N NE2 . GLN B 65 ? 0.4152 0.3183 0.3258 0.0726  0.0273  0.0290  348 GLN A NE2 
621 N N   . TYR B 66 ? 0.2719 0.2122 0.2125 -0.0057 0.0290  0.0076  349 TYR A N   
622 C CA  . TYR B 66 ? 0.2644 0.2153 0.1844 -0.0118 0.0254  0.0079  349 TYR A CA  
623 C C   . TYR B 66 ? 0.2778 0.2149 0.1917 -0.0229 0.0277  0.0057  349 TYR A C   
624 O O   . TYR B 66 ? 0.2583 0.2247 0.1861 -0.0164 0.0154  -0.0017 349 TYR A O   
625 C CB  . TYR B 66 ? 0.2705 0.2300 0.2025 -0.0117 0.0365  0.0090  349 TYR A CB  
626 C CG  . TYR B 66 ? 0.2393 0.2146 0.2001 -0.0167 0.0277  0.0044  349 TYR A CG  
627 C CD1 . TYR B 66 ? 0.2498 0.2195 0.2299 -0.0469 0.0282  -0.0056 349 TYR A CD1 
628 C CD2 . TYR B 66 ? 0.2751 0.2398 0.2198 -0.0137 0.0371  -0.0180 349 TYR A CD2 
629 C CE1 . TYR B 66 ? 0.2548 0.2230 0.1908 -0.0319 0.0292  -0.0151 349 TYR A CE1 
630 C CE2 . TYR B 66 ? 0.2359 0.2590 0.2050 -0.0456 0.0278  0.0146  349 TYR A CE2 
631 C CZ  . TYR B 66 ? 0.2521 0.2112 0.2089 -0.0352 0.0415  0.0028  349 TYR A CZ  
632 O OH  . TYR B 66 ? 0.2583 0.2486 0.2441 -0.0428 0.0419  0.0025  349 TYR A OH  
633 N N   . LEU B 67 ? 0.2856 0.2110 0.1937 -0.0140 0.0248  -0.0049 350 LEU A N   
634 C CA  . LEU B 67 ? 0.3013 0.2213 0.2127 -0.0228 0.0232  -0.0021 350 LEU A CA  
635 C C   . LEU B 67 ? 0.3051 0.2372 0.2161 -0.0162 0.0249  0.0022  350 LEU A C   
636 O O   . LEU B 67 ? 0.3190 0.2546 0.2209 -0.0100 0.0194  -0.0020 350 LEU A O   
637 C CB  . LEU B 67 ? 0.3036 0.2168 0.2179 -0.0312 0.0305  0.0015  350 LEU A CB  
638 C CG  . LEU B 67 ? 0.2991 0.2340 0.2413 -0.0159 0.0201  0.0045  350 LEU A CG  
639 C CD1 . LEU B 67 ? 0.3070 0.1964 0.2645 -0.0205 -0.0010 0.0028  350 LEU A CD1 
640 C CD2 . LEU B 67 ? 0.3046 0.2834 0.2426 -0.0094 0.0021  -0.0080 350 LEU A CD2 
641 N N   . ILE B 68 ? 0.2974 0.2361 0.2039 -0.0203 0.0367  0.0083  351 ILE A N   
642 C CA  . ILE B 68 ? 0.2990 0.2617 0.2110 -0.0120 0.0338  0.0020  351 ILE A CA  
643 C C   . ILE B 68 ? 0.3022 0.2498 0.1866 -0.0193 0.0285  -0.0069 351 ILE A C   
644 O O   . ILE B 68 ? 0.3107 0.2527 0.1825 -0.0169 0.0158  -0.0018 351 ILE A O   
645 C CB  . ILE B 68 ? 0.3077 0.2604 0.2351 -0.0025 0.0422  0.0093  351 ILE A CB  
646 C CG1 . ILE B 68 ? 0.3020 0.2629 0.2604 0.0042  0.0391  -0.0137 351 ILE A CG1 
647 C CG2 . ILE B 68 ? 0.3102 0.2806 0.2347 0.0020  0.0495  0.0121  351 ILE A CG2 
648 C CD1 . ILE B 68 ? 0.3171 0.3255 0.2929 0.0631  0.0345  0.0090  351 ILE A CD1 
649 N N   . ASN B 69 ? 0.3000 0.2196 0.1796 -0.0248 0.0146  -0.0183 352 ASN A N   
650 C CA  . ASN B 69 ? 0.2950 0.2291 0.1801 -0.0244 0.0149  -0.0191 352 ASN A CA  
651 C C   . ASN B 69 ? 0.2943 0.2208 0.1842 -0.0344 0.0032  -0.0119 352 ASN A C   
652 O O   . ASN B 69 ? 0.3050 0.2138 0.2044 -0.0258 -0.0060 -0.0138 352 ASN A O   
653 C CB  . ASN B 69 ? 0.3031 0.2521 0.1875 -0.0281 -0.0048 -0.0192 352 ASN A CB  
654 C CG  . ASN B 69 ? 0.2618 0.2475 0.1744 -0.0196 0.0331  -0.0114 352 ASN A CG  
655 O OD1 . ASN B 69 ? 0.2992 0.2840 0.2345 -0.0205 -0.0220 0.0245  352 ASN A OD1 
656 N ND2 . ASN B 69 ? 0.2180 0.2833 0.1775 -0.0162 0.0158  -0.0213 352 ASN A ND2 
657 N N   . VAL B 70 ? 0.2881 0.2272 0.1827 -0.0338 0.0053  -0.0064 353 VAL A N   
658 C CA  . VAL B 70 ? 0.2948 0.2396 0.1991 -0.0426 0.0059  -0.0042 353 VAL A CA  
659 C C   . VAL B 70 ? 0.3045 0.2311 0.1995 -0.0423 0.0063  -0.0096 353 VAL A C   
660 O O   . VAL B 70 ? 0.3030 0.2440 0.1969 -0.0380 -0.0126 -0.0146 353 VAL A O   
661 C CB  . VAL B 70 ? 0.2806 0.2610 0.1985 -0.0454 0.0066  0.0024  353 VAL A CB  
662 C CG1 . VAL B 70 ? 0.3096 0.2978 0.2304 -0.0347 -0.0207 0.0036  353 VAL A CG1 
663 C CG2 . VAL B 70 ? 0.2822 0.2253 0.1810 -0.0326 0.0282  -0.0107 353 VAL A CG2 
664 N N   . ARG B 71 ? 0.3298 0.2420 0.1983 -0.0421 0.0106  -0.0153 354 ARG A N   
665 C CA  . ARG B 71 ? 0.3541 0.2464 0.2148 -0.0334 0.0087  -0.0190 354 ARG A CA  
666 C C   . ARG B 71 ? 0.3539 0.2462 0.2104 -0.0242 0.0088  -0.0149 354 ARG A C   
667 O O   . ARG B 71 ? 0.3635 0.2590 0.2148 -0.0295 -0.0017 -0.0029 354 ARG A O   
668 C CB  . ARG B 71 ? 0.3710 0.2486 0.2410 -0.0288 0.0166  -0.0133 354 ARG A CB  
669 C CG  . ARG B 71 ? 0.4144 0.3072 0.2819 -0.0362 0.0093  0.0082  354 ARG A CG  
670 C CD  . ARG B 71 ? 0.5076 0.3937 0.3457 -0.0282 -0.0023 0.0018  354 ARG A CD  
671 N NE  . ARG B 71 ? 0.5880 0.4802 0.4035 -0.0158 -0.0102 -0.0120 354 ARG A NE  
672 C CZ  . ARG B 71 ? 0.6510 0.5041 0.4438 -0.0129 -0.0054 -0.0225 354 ARG A CZ  
673 N NH1 . ARG B 71 ? 0.6761 0.5277 0.4626 -0.0078 -0.0037 -0.0453 354 ARG A NH1 
674 N NH2 . ARG B 71 ? 0.6523 0.5244 0.4302 -0.0232 -0.0121 -0.0370 354 ARG A NH2 
675 N N   . LEU B 72 ? 0.3456 0.2189 0.2001 -0.0376 -0.0008 -0.0197 355 LEU A N   
676 C CA  . LEU B 72 ? 0.3494 0.2522 0.1950 -0.0218 0.0038  -0.0115 355 LEU A CA  
677 C C   . LEU B 72 ? 0.3521 0.2620 0.2237 -0.0213 -0.0038 -0.0027 355 LEU A C   
678 O O   . LEU B 72 ? 0.3579 0.2648 0.2093 -0.0163 -0.0054 0.0095  355 LEU A O   
679 C CB  . LEU B 72 ? 0.3426 0.2424 0.2090 -0.0227 0.0033  -0.0085 355 LEU A CB  
680 C CG  . LEU B 72 ? 0.3696 0.2556 0.1802 -0.0089 0.0061  -0.0271 355 LEU A CG  
681 C CD1 . LEU B 72 ? 0.3725 0.2813 0.2575 -0.0237 0.0270  0.0063  355 LEU A CD1 
682 C CD2 . LEU B 72 ? 0.3816 0.3220 0.1787 0.0093  0.0386  -0.0116 355 LEU A CD2 
683 N N   . SER B 73 ? 0.3493 0.2637 0.2032 -0.0130 -0.0083 -0.0104 356 SER A N   
684 C CA  A SER B 73 ? 0.3690 0.2862 0.2562 -0.0153 -0.0114 -0.0151 356 SER A CA  
685 C CA  B SER B 73 ? 0.3697 0.2763 0.2472 -0.0182 -0.0116 -0.0142 356 SER A CA  
686 C C   . SER B 73 ? 0.3822 0.3006 0.2861 -0.0128 -0.0156 -0.0191 356 SER A C   
687 O O   . SER B 73 ? 0.3857 0.3149 0.3286 -0.0141 -0.0304 -0.0219 356 SER A O   
688 C CB  A SER B 73 ? 0.3671 0.2904 0.2475 -0.0142 -0.0130 -0.0126 356 SER A CB  
689 C CB  B SER B 73 ? 0.3682 0.2793 0.2368 -0.0176 -0.0136 -0.0114 356 SER A CB  
690 O OG  A SER B 73 ? 0.3811 0.3208 0.2826 -0.0104 0.0069  -0.0037 356 SER A OG  
691 O OG  B SER B 73 ? 0.3882 0.2511 0.2218 -0.0298 0.0046  0.0027  356 SER A OG  
692 N N   . SER B 74 ? 0.4065 0.3355 0.3178 -0.0121 -0.0192 -0.0279 357 SER A N   
693 C CA  . SER B 74 ? 0.4432 0.4025 0.3643 -0.0154 -0.0161 -0.0319 357 SER A CA  
694 C C   . SER B 74 ? 0.4626 0.4241 0.3743 -0.0080 -0.0139 -0.0300 357 SER A C   
695 O O   . SER B 74 ? 0.4650 0.4312 0.3669 -0.0069 -0.0119 -0.0386 357 SER A O   
696 C CB  . SER B 74 ? 0.4416 0.4026 0.3692 -0.0225 -0.0222 -0.0255 357 SER A CB  
697 O OG  . SER B 74 ? 0.4675 0.4669 0.4304 -0.0287 -0.0281 -0.0324 357 SER A OG  
698 N N   . GLU B 75 ? 0.4878 0.4629 0.3902 -0.0053 -0.0040 -0.0276 358 GLU A N   
699 C CA  . GLU B 75 ? 0.5064 0.4773 0.4049 -0.0029 0.0014  -0.0317 358 GLU A CA  
700 C C   . GLU B 75 ? 0.5241 0.4848 0.4178 -0.0071 -0.0006 -0.0288 358 GLU A C   
701 O O   . GLU B 75 ? 0.5357 0.4871 0.4168 -0.0100 0.0022  -0.0255 358 GLU A O   
702 C CB  . GLU B 75 ? 0.5117 0.4832 0.4106 -0.0007 0.0025  -0.0311 358 GLU A CB  
703 C CG  . GLU B 75 ? 0.5002 0.4713 0.3935 0.0128  0.0004  -0.0354 358 GLU A CG  
704 C CD  . GLU B 75 ? 0.4901 0.4799 0.3944 0.0023  0.0083  -0.0348 358 GLU A CD  
705 O OE1 . GLU B 75 ? 0.4804 0.4726 0.3483 0.0176  0.0309  -0.0755 358 GLU A OE1 
706 O OE2 . GLU B 75 ? 0.4669 0.4718 0.4028 0.0396  0.0103  -0.0405 358 GLU A OE2 
# 
